data_5M8N
#
_entry.id   5M8N
#
_cell.length_a   89.786
_cell.length_b   141.077
_cell.length_c   192.262
_cell.angle_alpha   90.000
_cell.angle_beta   90.000
_cell.angle_gamma   90.000
#
_symmetry.space_group_name_H-M   'P 21 21 21'
#
loop_
_entity.id
_entity.type
_entity.pdbx_description
1 polymer '5,6-dihydroxyindole-2-carboxylic acid oxidase'
2 branched alpha-D-mannopyranose-(1-4)-2-acetamido-2-deoxy-beta-D-glucopyranose-(1-4)-[alpha-L-fucopyranose-(1-6)]2-acetamido-2-deoxy-beta-D-glucopyranose
3 branched 2-acetamido-2-deoxy-beta-D-glucopyranose-(1-4)-2-acetamido-2-deoxy-beta-D-glucopyranose
4 branched 2-acetamido-2-deoxy-beta-D-glucopyranose-(1-4)-[alpha-L-fucopyranose-(1-6)]2-acetamido-2-deoxy-beta-D-glucopyranose
5 branched alpha-D-mannopyranose-(1-3)-alpha-D-mannopyranose-(1-4)-2-acetamido-2-deoxy-beta-D-glucopyranose-(1-4)-2-acetamido-2-deoxy-beta-D-glucopyranose
6 branched alpha-L-fucopyranose-(1-6)-2-acetamido-2-deoxy-beta-D-glucopyranose
7 branched alpha-D-mannopyranose-(1-3)-[alpha-D-mannopyranose-(1-6)]alpha-D-mannopyranose-(1-4)-2-acetamido-2-deoxy-beta-D-glucopyranose-(1-4)-2-acetamido-2-deoxy-beta-D-glucopyranose
8 branched alpha-D-mannopyranose-(1-4)-2-acetamido-2-deoxy-beta-D-glucopyranose-(1-4)-2-acetamido-2-deoxy-beta-D-glucopyranose
9 non-polymer 2-acetamido-2-deoxy-beta-D-glucopyranose
10 non-polymer 'ZINC ION'
11 non-polymer MIMOSINE
12 water water
#
_entity_poly.entity_id   1
_entity_poly.type   'polypeptide(L)'
_entity_poly.pdbx_seq_one_letter_code
;QFPRQCATVEALRSGMCCPDLSPVSGPGTDRCGSSSGRGRCEAVTADSRPHSPQYPHDGRDDREVWPLRFFNRTCHCNGN
FSGHNCGTCRPGWRGAACDQRVLIVRRNLLDLSKEEKNHFVRALDMAKRTTHPLFVIATRRSEEILGPDGNTPQFENISI
YNYFVWTHYYSVKKTFLGVGQESFGEVDFSHEGPAFLTWHRYHLLRLEKDMQEMLQEPSFSLPYWNFATGKNVCDICTDD
LMGSRSNFDSTLISPNSVFSQWRVVCDSLEDYDTLGTLCNSTEDGPIRRNPAGNVARPMVQRLPEPQDVAQCLEVGLFDT
PPFYSNSTNSFRNTVEGYSDPTGKYDPAVRSLHNLAHLFLNGTGGQTHLSPNDPIFVLLHTFTDAVFDEWLRRYNADIST
FPLENAPIGHNRQYNMVPFWPPVTNTEMFVTAPDNLGYTYEIQWPS
;
_entity_poly.pdbx_strand_id   A,B,C,D
#
# COMPACT_ATOMS: atom_id res chain seq x y z
N GLN A 1 -20.05 15.65 -16.82
CA GLN A 1 -20.98 14.51 -16.65
C GLN A 1 -21.12 13.86 -18.05
N PHE A 2 -22.18 13.17 -18.39
CA PHE A 2 -21.76 12.17 -19.38
C PHE A 2 -22.29 12.43 -20.79
N PRO A 3 -21.52 12.00 -21.79
CA PRO A 3 -21.97 12.15 -23.17
C PRO A 3 -23.27 11.41 -23.37
N ARG A 4 -24.17 12.02 -24.15
CA ARG A 4 -25.47 11.43 -24.37
C ARG A 4 -25.39 10.04 -25.00
N GLN A 5 -24.29 9.74 -25.71
CA GLN A 5 -24.08 8.38 -26.22
C GLN A 5 -23.91 7.36 -25.09
N CYS A 6 -23.26 7.77 -24.00
CA CYS A 6 -23.03 6.88 -22.86
C CYS A 6 -24.16 6.87 -21.85
N ALA A 7 -25.11 7.83 -21.93
CA ALA A 7 -26.27 7.83 -21.06
C ALA A 7 -27.33 6.83 -21.48
N THR A 8 -26.91 5.60 -21.81
CA THR A 8 -27.79 4.55 -22.27
C THR A 8 -27.63 3.36 -21.33
N VAL A 9 -28.58 2.41 -21.42
CA VAL A 9 -28.48 1.19 -20.61
C VAL A 9 -27.26 0.40 -21.04
N GLU A 10 -27.04 0.26 -22.35
CA GLU A 10 -25.89 -0.51 -22.82
C GLU A 10 -24.59 0.04 -22.24
N ALA A 11 -24.37 1.35 -22.35
CA ALA A 11 -23.12 1.89 -21.83
C ALA A 11 -23.03 1.73 -20.31
N LEU A 12 -24.13 2.02 -19.62
CA LEU A 12 -24.10 1.95 -18.17
C LEU A 12 -24.02 0.52 -17.68
N ARG A 13 -24.75 -0.39 -18.33
CA ARG A 13 -24.72 -1.80 -17.95
C ARG A 13 -23.30 -2.37 -18.07
N SER A 14 -22.67 -2.16 -19.22
CA SER A 14 -21.30 -2.62 -19.45
C SER A 14 -20.25 -1.74 -18.79
N GLY A 15 -20.67 -0.64 -18.15
CA GLY A 15 -19.71 0.28 -17.59
C GLY A 15 -18.68 0.81 -18.58
N MET A 16 -19.00 0.81 -19.87
CA MET A 16 -18.08 1.25 -20.91
C MET A 16 -18.60 2.53 -21.57
N CYS A 17 -17.86 3.64 -21.39
CA CYS A 17 -18.16 4.90 -22.07
C CYS A 17 -17.08 5.13 -23.11
N CYS A 18 -17.33 4.65 -24.32
CA CYS A 18 -16.36 4.70 -25.41
C CYS A 18 -17.09 4.94 -26.73
N PRO A 19 -17.68 6.12 -26.91
CA PRO A 19 -18.52 6.35 -28.07
C PRO A 19 -17.72 6.34 -29.37
N ASP A 20 -18.40 5.96 -30.44
CA ASP A 20 -17.79 5.98 -31.75
C ASP A 20 -17.48 7.41 -32.17
N LEU A 21 -16.58 7.52 -33.15
CA LEU A 21 -16.33 8.81 -33.76
C LEU A 21 -16.98 8.78 -35.12
N SER A 22 -16.36 8.06 -36.05
CA SER A 22 -16.86 7.94 -37.43
C SER A 22 -17.04 6.45 -37.74
N PRO A 23 -18.17 5.88 -37.33
CA PRO A 23 -18.38 4.44 -37.54
C PRO A 23 -18.77 4.13 -38.99
N VAL A 24 -17.76 3.85 -39.79
CA VAL A 24 -18.00 3.63 -41.22
C VAL A 24 -18.42 2.19 -41.53
N SER A 25 -17.97 1.21 -40.73
CA SER A 25 -18.40 -0.17 -40.92
C SER A 25 -19.66 -0.52 -40.13
N GLY A 26 -20.20 0.42 -39.36
CA GLY A 26 -21.35 0.17 -38.52
C GLY A 26 -21.04 0.55 -37.09
N PRO A 27 -22.05 0.48 -36.21
CA PRO A 27 -21.85 0.90 -34.82
C PRO A 27 -20.84 0.01 -34.09
N GLY A 28 -20.03 0.64 -33.25
CA GLY A 28 -19.01 -0.03 -32.48
C GLY A 28 -17.67 -0.10 -33.14
N THR A 29 -17.57 0.26 -34.43
CA THR A 29 -16.36 0.06 -35.23
C THR A 29 -15.27 1.09 -34.98
N ASP A 30 -15.61 2.24 -34.41
CA ASP A 30 -14.66 3.34 -34.30
C ASP A 30 -14.73 3.94 -32.90
N ARG A 31 -14.71 3.08 -31.88
CA ARG A 31 -14.76 3.61 -30.51
C ARG A 31 -13.52 4.46 -30.27
N CYS A 32 -13.72 5.69 -29.83
CA CYS A 32 -12.60 6.55 -29.46
C CYS A 32 -11.80 6.86 -30.73
N GLY A 33 -12.41 6.70 -31.92
CA GLY A 33 -11.69 6.91 -33.19
C GLY A 33 -10.52 5.96 -33.42
N SER A 34 -10.63 4.72 -32.94
CA SER A 34 -9.54 3.75 -33.09
C SER A 34 -9.22 3.47 -34.55
N SER A 35 -10.22 3.59 -35.44
CA SER A 35 -9.99 3.40 -36.87
C SER A 35 -8.98 4.43 -37.39
N SER A 36 -9.24 5.70 -37.15
CA SER A 36 -8.21 6.72 -37.31
C SER A 36 -7.13 6.45 -36.25
N GLY A 37 -6.16 7.33 -36.11
CA GLY A 37 -5.18 6.98 -35.10
C GLY A 37 -5.44 7.64 -33.77
N ARG A 38 -6.71 8.00 -33.54
CA ARG A 38 -6.99 9.08 -32.60
C ARG A 38 -7.04 8.61 -31.15
N GLY A 39 -7.48 7.40 -30.89
CA GLY A 39 -7.33 6.85 -29.55
C GLY A 39 -7.88 5.45 -29.45
N ARG A 40 -8.05 4.99 -28.21
CA ARG A 40 -8.52 3.65 -27.93
C ARG A 40 -9.40 3.63 -26.70
N CYS A 41 -10.29 2.63 -26.62
CA CYS A 41 -11.02 2.36 -25.40
C CYS A 41 -10.15 1.57 -24.45
N GLU A 42 -10.27 1.83 -23.16
CA GLU A 42 -9.39 1.16 -22.22
C GLU A 42 -9.88 1.44 -20.80
N ALA A 43 -9.21 0.82 -19.84
CA ALA A 43 -9.56 0.98 -18.44
C ALA A 43 -9.47 2.43 -18.01
N VAL A 44 -10.33 2.79 -17.08
CA VAL A 44 -10.30 4.11 -16.45
C VAL A 44 -9.24 4.11 -15.35
N THR A 45 -8.40 5.14 -15.32
CA THR A 45 -7.40 5.29 -14.26
C THR A 45 -7.99 6.20 -13.18
N ALA A 46 -8.23 5.66 -11.98
CA ALA A 46 -8.79 6.46 -10.89
C ALA A 46 -7.79 6.50 -9.74
N ASP A 47 -7.90 7.53 -8.91
CA ASP A 47 -7.04 7.62 -7.74
C ASP A 47 -7.37 6.47 -6.78
N SER A 48 -6.33 5.82 -6.28
CA SER A 48 -6.49 4.73 -5.32
C SER A 48 -5.97 5.07 -3.94
N ARG A 49 -5.34 6.23 -3.77
CA ARG A 49 -4.68 6.59 -2.53
C ARG A 49 -5.69 7.01 -1.46
N PRO A 50 -5.28 7.01 -0.20
CA PRO A 50 -6.21 7.37 0.88
C PRO A 50 -6.48 8.86 0.96
N HIS A 51 -7.67 9.19 1.43
CA HIS A 51 -8.04 10.57 1.70
C HIS A 51 -8.11 10.76 3.20
N SER A 52 -8.29 12.02 3.60
CA SER A 52 -8.34 12.39 5.00
C SER A 52 -9.46 11.61 5.71
N PRO A 53 -9.44 11.56 7.06
CA PRO A 53 -10.54 10.89 7.77
C PRO A 53 -11.84 11.64 7.75
N GLN A 54 -11.86 12.89 7.26
CA GLN A 54 -13.03 13.72 7.45
C GLN A 54 -14.28 13.13 6.79
N TYR A 55 -14.09 12.29 5.79
CA TYR A 55 -15.21 11.64 5.13
C TYR A 55 -15.28 10.20 5.60
N PRO A 56 -16.30 9.79 6.35
CA PRO A 56 -16.35 8.43 6.89
C PRO A 56 -17.26 7.44 6.14
N HIS A 57 -17.72 7.77 4.94
CA HIS A 57 -18.82 7.03 4.35
C HIS A 57 -18.44 6.33 3.04
N ASP A 58 -17.16 5.96 2.91
CA ASP A 58 -16.72 5.24 1.73
C ASP A 58 -17.67 4.11 1.38
N GLY A 59 -17.98 4.01 0.09
CA GLY A 59 -18.92 3.05 -0.41
C GLY A 59 -20.31 3.60 -0.59
N ARG A 60 -20.58 4.83 -0.12
CA ARG A 60 -21.93 5.38 -0.11
C ARG A 60 -22.16 6.49 -1.11
N ASP A 61 -21.10 7.07 -1.69
CA ASP A 61 -21.19 8.24 -2.56
C ASP A 61 -20.58 7.92 -3.91
N ASP A 62 -21.34 8.16 -4.98
CA ASP A 62 -20.88 7.93 -6.35
C ASP A 62 -19.71 8.81 -6.76
N ARG A 63 -19.34 9.80 -5.98
CA ARG A 63 -18.19 10.60 -6.36
C ARG A 63 -16.88 10.03 -5.83
N GLU A 64 -16.94 9.00 -4.98
CA GLU A 64 -15.74 8.27 -4.63
C GLU A 64 -15.18 7.60 -5.88
N VAL A 65 -13.86 7.46 -5.91
CA VAL A 65 -13.20 6.70 -6.97
C VAL A 65 -13.72 7.13 -8.35
N TRP A 66 -14.04 8.42 -8.50
CA TRP A 66 -14.63 8.98 -9.74
C TRP A 66 -13.76 8.66 -10.93
N PRO A 67 -14.36 8.16 -12.01
CA PRO A 67 -15.77 7.88 -12.32
C PRO A 67 -16.22 6.40 -12.19
N LEU A 68 -15.59 5.64 -11.29
CA LEU A 68 -15.72 4.18 -11.35
C LEU A 68 -17.11 3.66 -10.99
N ARG A 69 -17.90 4.41 -10.22
CA ARG A 69 -19.27 3.96 -9.95
C ARG A 69 -20.16 3.94 -11.19
N PHE A 70 -19.76 4.58 -12.28
CA PHE A 70 -20.53 4.56 -13.51
C PHE A 70 -19.82 3.86 -14.65
N PHE A 71 -18.53 4.12 -14.84
CA PHE A 71 -17.81 3.60 -15.98
C PHE A 71 -16.41 3.20 -15.55
N ASN A 72 -15.89 2.11 -16.13
CA ASN A 72 -14.49 1.80 -15.96
C ASN A 72 -13.76 1.59 -17.28
N ARG A 73 -14.44 1.80 -18.40
CA ARG A 73 -13.77 1.87 -19.69
C ARG A 73 -14.10 3.21 -20.32
N THR A 74 -13.03 3.88 -20.75
CA THR A 74 -13.10 5.19 -21.34
C THR A 74 -12.12 5.27 -22.51
N CYS A 75 -12.26 6.39 -23.19
CA CYS A 75 -11.38 6.84 -24.26
C CYS A 75 -10.04 7.32 -23.75
N HIS A 76 -8.97 6.83 -24.35
CA HIS A 76 -7.68 7.50 -24.20
C HIS A 76 -7.20 7.86 -25.59
N CYS A 77 -6.93 9.12 -25.82
CA CYS A 77 -6.55 9.56 -27.15
C CYS A 77 -5.03 9.60 -27.28
N ASN A 78 -4.55 9.49 -28.51
CA ASN A 78 -3.12 9.53 -28.75
C ASN A 78 -2.63 10.96 -28.93
N GLY A 79 -1.41 11.21 -28.46
CA GLY A 79 -0.71 12.46 -28.74
C GLY A 79 -1.48 13.66 -28.24
N ASN A 80 -1.83 14.56 -29.14
CA ASN A 80 -2.58 15.75 -28.78
C ASN A 80 -4.04 15.68 -29.25
N PHE A 81 -4.52 14.48 -29.59
CA PHE A 81 -5.94 14.32 -29.81
C PHE A 81 -6.67 14.30 -28.47
N SER A 82 -7.96 14.62 -28.50
CA SER A 82 -8.70 14.68 -27.25
C SER A 82 -10.18 14.49 -27.51
N GLY A 83 -10.93 14.38 -26.42
CA GLY A 83 -12.37 14.39 -26.49
C GLY A 83 -13.00 13.12 -25.96
N HIS A 84 -14.29 13.18 -25.67
CA HIS A 84 -14.93 11.97 -25.18
C HIS A 84 -14.84 10.83 -26.19
N ASN A 85 -14.61 11.14 -27.46
CA ASN A 85 -14.46 10.11 -28.49
C ASN A 85 -13.19 10.33 -29.31
N CYS A 86 -12.27 11.13 -28.78
CA CYS A 86 -11.01 11.45 -29.41
C CYS A 86 -11.18 12.27 -30.70
N GLY A 87 -12.31 12.98 -30.82
CA GLY A 87 -12.69 13.73 -31.99
C GLY A 87 -12.16 15.14 -32.05
N THR A 88 -11.51 15.60 -30.99
CA THR A 88 -11.09 16.99 -30.91
C THR A 88 -9.61 16.96 -30.52
N CYS A 89 -9.12 18.08 -30.04
CA CYS A 89 -7.70 18.26 -29.76
C CYS A 89 -7.54 18.72 -28.33
N ARG A 90 -6.36 18.48 -27.78
CA ARG A 90 -6.06 19.00 -26.46
C ARG A 90 -6.07 20.53 -26.48
N PRO A 91 -6.36 21.16 -25.34
CA PRO A 91 -6.23 22.62 -25.25
C PRO A 91 -4.92 23.15 -25.82
N GLY A 92 -5.02 24.08 -26.77
CA GLY A 92 -3.86 24.65 -27.42
C GLY A 92 -3.56 24.11 -28.80
N TRP A 93 -4.33 23.14 -29.29
CA TRP A 93 -4.08 22.54 -30.58
C TRP A 93 -5.36 22.55 -31.40
N ARG A 94 -5.22 22.66 -32.72
CA ARG A 94 -6.33 22.56 -33.65
C ARG A 94 -5.87 21.83 -34.90
N GLY A 95 -6.79 21.72 -35.85
CA GLY A 95 -6.54 20.99 -37.08
C GLY A 95 -6.92 19.53 -36.96
N ALA A 96 -7.45 18.95 -38.04
CA ALA A 96 -7.74 17.52 -38.10
C ALA A 96 -6.65 16.72 -37.43
N ALA A 97 -5.39 17.12 -37.60
CA ALA A 97 -4.29 16.40 -37.01
C ALA A 97 -3.84 16.96 -35.69
N CYS A 98 -4.52 17.98 -35.15
CA CYS A 98 -4.14 18.56 -33.85
C CYS A 98 -2.65 18.92 -33.81
N ASP A 99 -2.21 19.61 -34.87
CA ASP A 99 -0.82 19.99 -35.05
C ASP A 99 -0.67 21.48 -35.26
N GLN A 100 -1.76 22.22 -35.31
CA GLN A 100 -1.70 23.66 -35.48
C GLN A 100 -1.88 24.29 -34.09
N ARG A 101 -0.91 25.09 -33.67
CA ARG A 101 -0.94 25.64 -32.30
C ARG A 101 -1.92 26.80 -32.19
N VAL A 102 -2.59 26.85 -31.05
CA VAL A 102 -3.61 27.86 -30.81
C VAL A 102 -3.34 28.53 -29.48
N LEU A 103 -3.52 29.84 -29.45
CA LEU A 103 -3.35 30.61 -28.23
C LEU A 103 -4.37 31.72 -28.21
N ILE A 104 -5.23 31.73 -27.20
CA ILE A 104 -6.17 32.81 -27.04
C ILE A 104 -5.83 33.57 -25.76
N VAL A 105 -6.41 34.75 -25.62
CA VAL A 105 -6.02 35.73 -24.64
C VAL A 105 -7.26 36.13 -23.89
N ARG A 106 -7.22 36.02 -22.57
CA ARG A 106 -8.29 36.50 -21.72
C ARG A 106 -7.94 37.86 -21.18
N ARG A 107 -8.80 38.84 -21.46
CA ARG A 107 -8.54 40.22 -21.12
C ARG A 107 -9.48 40.62 -19.99
N ASN A 108 -9.20 41.78 -19.40
CA ASN A 108 -10.13 42.39 -18.46
C ASN A 108 -11.41 42.77 -19.19
N LEU A 109 -12.56 42.44 -18.61
CA LEU A 109 -13.84 42.77 -19.23
C LEU A 109 -13.95 44.27 -19.51
N LEU A 110 -13.44 45.10 -18.61
CA LEU A 110 -13.54 46.55 -18.71
C LEU A 110 -12.62 47.15 -19.77
N ASP A 111 -11.74 46.36 -20.38
CA ASP A 111 -10.91 46.82 -21.50
C ASP A 111 -11.46 46.39 -22.85
N LEU A 112 -12.53 45.62 -22.90
CA LEU A 112 -13.06 45.13 -24.16
C LEU A 112 -13.76 46.26 -24.91
N SER A 113 -13.82 46.11 -26.23
CA SER A 113 -14.56 47.09 -27.02
C SER A 113 -16.05 47.01 -26.70
N LYS A 114 -16.75 48.11 -26.91
CA LYS A 114 -18.18 48.09 -26.68
C LYS A 114 -18.86 47.00 -27.50
N GLU A 115 -18.31 46.67 -28.66
CA GLU A 115 -18.84 45.59 -29.47
C GLU A 115 -18.49 44.21 -28.92
N GLU A 116 -17.30 44.08 -28.31
CA GLU A 116 -16.91 42.81 -27.68
C GLU A 116 -17.67 42.59 -26.38
N LYS A 117 -17.87 43.66 -25.60
CA LYS A 117 -18.73 43.59 -24.41
C LYS A 117 -20.13 43.10 -24.79
N ASN A 118 -20.72 43.69 -25.82
CA ASN A 118 -22.03 43.22 -26.25
C ASN A 118 -21.98 41.76 -26.69
N HIS A 119 -20.89 41.39 -27.37
CA HIS A 119 -20.69 40.00 -27.81
C HIS A 119 -20.61 39.06 -26.63
N PHE A 120 -19.72 39.34 -25.68
CA PHE A 120 -19.59 38.45 -24.54
C PHE A 120 -20.94 38.21 -23.89
N VAL A 121 -21.73 39.26 -23.73
CA VAL A 121 -23.00 39.16 -23.00
C VAL A 121 -24.03 38.37 -23.80
N ARG A 122 -24.16 38.67 -25.09
CA ARG A 122 -25.02 37.86 -25.95
C ARG A 122 -24.53 36.42 -26.04
N ALA A 123 -23.21 36.18 -25.97
CA ALA A 123 -22.68 34.81 -25.97
C ALA A 123 -23.10 34.06 -24.71
N LEU A 124 -22.92 34.69 -23.55
CA LEU A 124 -23.36 34.10 -22.29
C LEU A 124 -24.84 33.73 -22.34
N ASP A 125 -25.69 34.70 -22.68
CA ASP A 125 -27.13 34.42 -22.70
C ASP A 125 -27.45 33.33 -23.70
N MET A 126 -26.76 33.31 -24.84
CA MET A 126 -27.00 32.20 -25.75
C MET A 126 -26.57 30.89 -25.11
N ALA A 127 -25.47 30.92 -24.32
CA ALA A 127 -25.05 29.73 -23.59
C ALA A 127 -26.15 29.25 -22.66
N LYS A 128 -26.80 30.18 -21.96
CA LYS A 128 -27.85 29.88 -20.99
C LYS A 128 -29.07 29.25 -21.65
N ARG A 129 -29.34 29.61 -22.89
CA ARG A 129 -30.53 29.14 -23.60
C ARG A 129 -30.27 27.94 -24.51
N THR A 130 -29.01 27.60 -24.81
CA THR A 130 -28.69 26.58 -25.83
C THR A 130 -28.49 25.20 -25.18
N THR A 131 -29.16 24.17 -25.72
CA THR A 131 -28.97 22.79 -25.25
C THR A 131 -27.52 22.35 -25.45
N HIS A 132 -26.88 21.81 -24.40
CA HIS A 132 -25.52 21.35 -24.53
C HIS A 132 -25.47 20.19 -25.51
N PRO A 133 -24.71 20.26 -26.59
CA PRO A 133 -24.82 19.21 -27.62
C PRO A 133 -24.34 17.85 -27.15
N LEU A 134 -23.43 17.77 -26.18
CA LEU A 134 -22.82 16.48 -25.84
C LEU A 134 -23.28 15.92 -24.51
N PHE A 135 -23.24 16.73 -23.45
CA PHE A 135 -23.41 16.27 -22.07
C PHE A 135 -24.88 16.28 -21.66
N VAL A 136 -25.33 15.17 -21.09
CA VAL A 136 -26.64 15.12 -20.45
C VAL A 136 -26.39 14.89 -18.98
N ILE A 137 -27.39 15.18 -18.18
CA ILE A 137 -27.20 15.37 -16.75
C ILE A 137 -28.11 14.44 -15.95
N ALA A 138 -27.56 13.87 -14.89
CA ALA A 138 -28.26 12.91 -14.05
C ALA A 138 -29.22 13.59 -13.09
N THR A 139 -30.40 13.00 -12.96
CA THR A 139 -31.35 13.44 -11.93
C THR A 139 -31.40 12.51 -10.74
N ARG A 140 -30.91 11.28 -10.88
CA ARG A 140 -30.87 10.28 -9.81
C ARG A 140 -29.45 9.78 -9.57
N ARG A 141 -29.23 9.24 -8.38
CA ARG A 141 -27.97 8.61 -8.02
C ARG A 141 -27.81 7.28 -8.74
N SER A 142 -26.61 6.74 -8.70
CA SER A 142 -26.32 5.57 -9.52
C SER A 142 -27.20 4.37 -9.14
N GLU A 143 -27.67 4.28 -7.90
CA GLU A 143 -28.63 3.22 -7.58
C GLU A 143 -29.84 3.27 -8.51
N GLU A 144 -30.34 4.47 -8.78
CA GLU A 144 -31.59 4.67 -9.50
C GLU A 144 -31.40 5.10 -10.93
N ILE A 145 -30.16 5.08 -11.44
CA ILE A 145 -29.83 5.81 -12.66
C ILE A 145 -30.45 5.20 -13.91
N LEU A 146 -30.93 3.95 -13.83
CA LEU A 146 -31.58 3.35 -14.99
C LEU A 146 -33.08 3.18 -14.80
N GLY A 147 -33.67 3.92 -13.87
CA GLY A 147 -35.11 3.92 -13.73
C GLY A 147 -35.67 2.68 -13.04
N PRO A 148 -36.96 2.70 -12.71
CA PRO A 148 -37.54 1.56 -11.98
C PRO A 148 -37.46 0.28 -12.78
N ASP A 149 -37.69 0.36 -14.10
CA ASP A 149 -37.62 -0.80 -14.98
C ASP A 149 -36.19 -1.24 -15.25
N GLY A 150 -35.19 -0.47 -14.81
CA GLY A 150 -33.81 -0.71 -15.24
C GLY A 150 -33.57 -0.49 -16.73
N ASN A 151 -34.46 0.22 -17.41
CA ASN A 151 -34.28 0.50 -18.82
C ASN A 151 -34.53 1.96 -19.17
N THR A 152 -34.75 2.83 -18.18
CA THR A 152 -34.95 4.25 -18.43
C THR A 152 -33.85 5.09 -17.78
N PRO A 153 -32.82 5.49 -18.51
CA PRO A 153 -31.78 6.35 -17.93
C PRO A 153 -32.36 7.65 -17.41
N GLN A 154 -31.88 8.07 -16.25
CA GLN A 154 -32.42 9.22 -15.52
C GLN A 154 -31.57 10.45 -15.81
N PHE A 155 -31.64 10.86 -17.08
CA PHE A 155 -30.88 11.98 -17.60
C PHE A 155 -31.79 12.98 -18.29
N GLU A 156 -31.37 14.23 -18.22
CA GLU A 156 -32.02 15.35 -18.90
C GLU A 156 -31.00 16.09 -19.74
N ASN A 157 -31.46 16.56 -20.89
CA ASN A 157 -30.74 17.58 -21.63
C ASN A 157 -30.62 18.82 -20.76
N ILE A 158 -29.55 19.58 -20.96
CA ILE A 158 -29.31 20.76 -20.14
C ILE A 158 -28.61 21.79 -21.00
N SER A 159 -28.71 23.06 -20.61
CA SER A 159 -28.10 24.07 -21.46
C SER A 159 -26.60 24.14 -21.20
N ILE A 160 -25.87 24.70 -22.17
CA ILE A 160 -24.42 24.89 -22.08
C ILE A 160 -24.04 25.57 -20.78
N TYR A 161 -24.82 26.57 -20.36
CA TYR A 161 -24.45 27.26 -19.14
C TYR A 161 -25.03 26.59 -17.89
N ASN A 162 -26.19 25.93 -18.01
CA ASN A 162 -26.73 25.25 -16.85
C ASN A 162 -25.89 24.02 -16.47
N TYR A 163 -25.21 23.42 -17.44
CA TYR A 163 -24.27 22.34 -17.14
C TYR A 163 -23.06 22.85 -16.35
N PHE A 164 -22.58 24.04 -16.69
CA PHE A 164 -21.55 24.72 -15.92
C PHE A 164 -21.99 24.91 -14.47
N VAL A 165 -23.26 25.25 -14.25
CA VAL A 165 -23.79 25.36 -12.89
C VAL A 165 -23.87 23.98 -12.25
N TRP A 166 -24.42 23.02 -12.99
CA TRP A 166 -24.74 21.72 -12.43
C TRP A 166 -23.49 20.99 -11.93
N THR A 167 -22.41 20.97 -12.73
CA THR A 167 -21.19 20.30 -12.33
C THR A 167 -20.66 20.87 -11.03
N HIS A 168 -20.73 22.19 -10.90
CA HIS A 168 -20.27 22.85 -9.68
C HIS A 168 -21.13 22.43 -8.49
N TYR A 169 -22.45 22.30 -8.71
CA TYR A 169 -23.35 21.82 -7.68
C TYR A 169 -23.03 20.37 -7.32
N TYR A 170 -22.83 19.54 -8.34
CA TYR A 170 -22.60 18.12 -8.12
C TYR A 170 -21.25 17.85 -7.47
N SER A 171 -20.26 18.71 -7.73
CA SER A 171 -19.03 18.63 -6.95
C SER A 171 -19.20 19.01 -5.49
N VAL A 172 -20.30 19.65 -5.07
CA VAL A 172 -20.39 20.23 -3.73
C VAL A 172 -21.52 19.65 -2.91
N LYS A 173 -22.46 18.92 -3.51
CA LYS A 173 -23.66 18.47 -2.82
C LYS A 173 -23.35 17.57 -1.63
N LYS A 174 -24.29 17.49 -0.69
CA LYS A 174 -24.16 16.61 0.46
C LYS A 174 -24.25 15.16 0.00
N THR A 175 -23.58 14.27 0.72
CA THR A 175 -23.67 12.85 0.44
C THR A 175 -24.97 12.32 1.01
N PHE A 176 -25.78 11.71 0.17
CA PHE A 176 -27.06 11.18 0.63
C PHE A 176 -26.83 9.88 1.37
N LEU A 177 -27.45 9.77 2.56
CA LEU A 177 -27.33 8.59 3.40
C LEU A 177 -28.63 7.79 3.55
N GLY A 178 -29.78 8.39 3.29
CA GLY A 178 -31.05 7.68 3.31
C GLY A 178 -32.18 8.55 3.81
N VAL A 179 -33.39 8.25 3.34
CA VAL A 179 -34.55 9.04 3.75
C VAL A 179 -34.69 8.94 5.25
N GLY A 180 -34.85 10.09 5.91
CA GLY A 180 -34.76 10.17 7.36
C GLY A 180 -33.35 10.21 7.92
N GLN A 181 -32.31 10.18 7.07
CA GLN A 181 -30.92 10.40 7.51
C GLN A 181 -30.49 11.83 7.23
N GLU A 182 -29.62 12.34 8.10
CA GLU A 182 -29.05 13.66 7.89
C GLU A 182 -27.95 13.55 6.85
N SER A 183 -28.16 14.15 5.69
CA SER A 183 -27.19 14.06 4.61
C SER A 183 -25.86 14.65 5.04
N PHE A 184 -24.77 14.05 4.55
CA PHE A 184 -23.45 14.35 5.09
C PHE A 184 -22.81 15.49 4.34
N GLY A 185 -22.39 16.50 5.08
CA GLY A 185 -21.97 17.74 4.45
C GLY A 185 -20.51 18.09 4.60
N GLU A 186 -19.72 17.22 5.22
CA GLU A 186 -18.33 17.56 5.44
C GLU A 186 -17.47 17.08 4.28
N VAL A 187 -17.95 17.32 3.07
CA VAL A 187 -17.22 16.94 1.88
C VAL A 187 -17.39 18.06 0.85
N ASP A 188 -16.33 18.32 0.09
CA ASP A 188 -16.36 19.37 -0.93
C ASP A 188 -15.32 18.98 -1.99
N PHE A 189 -15.80 18.50 -3.13
CA PHE A 189 -14.90 18.01 -4.16
C PHE A 189 -14.21 19.11 -4.96
N SER A 190 -14.59 20.38 -4.77
CA SER A 190 -14.05 21.50 -5.55
C SER A 190 -13.60 22.71 -4.71
N HIS A 191 -13.77 22.65 -3.39
CA HIS A 191 -13.35 23.73 -2.51
C HIS A 191 -12.69 23.14 -1.28
N GLU A 192 -12.12 24.03 -0.47
CA GLU A 192 -11.56 23.70 0.84
C GLU A 192 -10.54 22.57 0.74
N GLY A 193 -9.74 22.61 -0.33
CA GLY A 193 -8.73 21.61 -0.58
C GLY A 193 -7.93 21.97 -1.80
N PRO A 194 -6.78 21.32 -1.96
CA PRO A 194 -5.86 21.72 -3.04
C PRO A 194 -6.46 21.69 -4.44
N ALA A 195 -7.42 20.81 -4.71
CA ALA A 195 -8.02 20.72 -6.04
C ALA A 195 -8.83 21.96 -6.43
N PHE A 196 -9.16 22.85 -5.48
CA PHE A 196 -9.86 24.09 -5.80
C PHE A 196 -9.41 24.76 -7.10
N LEU A 197 -8.13 25.12 -7.19
CA LEU A 197 -7.65 25.92 -8.32
C LEU A 197 -7.66 25.11 -9.61
N THR A 198 -7.35 23.81 -9.54
CA THR A 198 -7.36 23.02 -10.76
C THR A 198 -8.79 22.70 -11.17
N TRP A 199 -9.66 22.50 -10.20
CA TRP A 199 -11.05 22.18 -10.51
C TRP A 199 -11.70 23.34 -11.24
N HIS A 200 -11.54 24.55 -10.70
CA HIS A 200 -12.17 25.69 -11.34
C HIS A 200 -11.50 26.04 -12.66
N ARG A 201 -10.19 25.76 -12.79
CA ARG A 201 -9.54 25.95 -14.08
C ARG A 201 -10.17 25.06 -15.15
N TYR A 202 -10.37 23.78 -14.85
CA TYR A 202 -10.97 22.92 -15.86
C TYR A 202 -12.42 23.31 -16.11
N HIS A 203 -13.14 23.70 -15.04
CA HIS A 203 -14.51 24.22 -15.13
C HIS A 203 -14.60 25.35 -16.17
N LEU A 204 -13.71 26.35 -16.05
CA LEU A 204 -13.70 27.48 -16.98
C LEU A 204 -13.24 27.04 -18.38
N LEU A 205 -12.25 26.15 -18.46
CA LEU A 205 -11.81 25.68 -19.78
C LEU A 205 -12.95 25.01 -20.53
N ARG A 206 -13.75 24.19 -19.84
CA ARG A 206 -14.86 23.49 -20.48
C ARG A 206 -15.94 24.46 -20.98
N LEU A 207 -16.27 25.49 -20.20
CA LEU A 207 -17.23 26.49 -20.68
C LEU A 207 -16.73 27.16 -21.95
N GLU A 208 -15.50 27.69 -21.90
CA GLU A 208 -14.85 28.36 -23.03
C GLU A 208 -14.90 27.49 -24.28
N LYS A 209 -14.47 26.23 -24.16
CA LYS A 209 -14.54 25.29 -25.28
C LYS A 209 -15.98 25.17 -25.78
N ASP A 210 -16.94 25.03 -24.86
CA ASP A 210 -18.34 24.88 -25.23
C ASP A 210 -18.84 26.12 -25.96
N MET A 211 -18.55 27.31 -25.40
CA MET A 211 -18.97 28.55 -26.05
C MET A 211 -18.24 28.78 -27.37
N GLN A 212 -17.04 28.24 -27.54
CA GLN A 212 -16.40 28.33 -28.85
C GLN A 212 -17.14 27.49 -29.87
N GLU A 213 -17.53 26.27 -29.51
CA GLU A 213 -18.30 25.46 -30.43
C GLU A 213 -19.66 26.08 -30.71
N MET A 214 -20.26 26.72 -29.70
CA MET A 214 -21.57 27.33 -29.85
C MET A 214 -21.52 28.51 -30.79
N LEU A 215 -20.55 29.40 -30.59
CA LEU A 215 -20.38 30.56 -31.47
C LEU A 215 -19.67 30.22 -32.77
N GLN A 216 -19.11 29.02 -32.89
CA GLN A 216 -18.23 28.68 -34.02
C GLN A 216 -17.11 29.70 -34.18
N GLU A 217 -16.57 30.14 -33.05
CA GLU A 217 -15.55 31.19 -33.01
C GLU A 217 -14.35 30.66 -32.23
N PRO A 218 -13.38 30.02 -32.91
CA PRO A 218 -12.25 29.40 -32.17
C PRO A 218 -11.49 30.35 -31.26
N SER A 219 -11.36 31.62 -31.62
CA SER A 219 -10.63 32.59 -30.82
C SER A 219 -11.45 33.18 -29.68
N PHE A 220 -12.72 32.81 -29.53
CA PHE A 220 -13.50 33.30 -28.38
C PHE A 220 -12.84 32.89 -27.07
N SER A 221 -12.79 33.84 -26.14
CA SER A 221 -12.12 33.63 -24.86
C SER A 221 -12.93 34.30 -23.74
N LEU A 222 -12.76 33.77 -22.52
CA LEU A 222 -13.50 34.33 -21.40
C LEU A 222 -12.76 35.54 -20.83
N PRO A 223 -13.42 36.68 -20.65
CA PRO A 223 -12.77 37.80 -19.96
C PRO A 223 -12.69 37.56 -18.46
N TYR A 224 -12.03 38.47 -17.76
CA TYR A 224 -11.99 38.37 -16.31
C TYR A 224 -12.47 39.67 -15.68
N TRP A 225 -12.95 39.54 -14.46
CA TRP A 225 -13.28 40.66 -13.60
C TRP A 225 -12.16 40.84 -12.61
N ASN A 226 -11.39 41.93 -12.74
CA ASN A 226 -10.43 42.27 -11.69
C ASN A 226 -11.19 42.80 -10.47
N PHE A 227 -11.39 41.94 -9.46
CA PHE A 227 -12.12 42.37 -8.27
C PHE A 227 -11.22 42.88 -7.15
N ALA A 228 -9.90 42.81 -7.31
CA ALA A 228 -8.97 43.28 -6.27
C ALA A 228 -8.76 44.80 -6.38
N THR A 229 -9.87 45.52 -6.34
CA THR A 229 -9.84 46.97 -6.43
C THR A 229 -10.20 47.66 -5.12
N GLY A 230 -10.49 46.91 -4.07
CA GLY A 230 -10.92 47.52 -2.83
C GLY A 230 -12.17 48.35 -2.99
N LYS A 231 -12.93 48.11 -4.04
CA LYS A 231 -14.08 48.94 -4.30
C LYS A 231 -15.23 48.60 -3.36
N ASN A 232 -16.01 49.64 -3.05
CA ASN A 232 -17.27 49.53 -2.33
C ASN A 232 -18.37 48.93 -3.19
N VAL A 233 -18.22 49.01 -4.51
CA VAL A 233 -19.25 48.66 -5.46
C VAL A 233 -18.68 47.65 -6.44
N CYS A 234 -19.54 47.13 -7.28
CA CYS A 234 -19.15 46.12 -8.25
C CYS A 234 -19.12 46.78 -9.63
N ASP A 235 -17.92 47.15 -10.09
CA ASP A 235 -17.73 47.96 -11.29
C ASP A 235 -18.05 47.22 -12.59
N ILE A 236 -18.35 45.93 -12.57
CA ILE A 236 -18.84 45.28 -13.77
C ILE A 236 -20.36 45.10 -13.72
N CYS A 237 -21.01 45.84 -12.82
CA CYS A 237 -22.43 45.65 -12.50
C CYS A 237 -23.26 46.76 -13.17
N THR A 238 -23.26 46.75 -14.49
CA THR A 238 -23.84 47.82 -15.30
C THR A 238 -24.61 47.19 -16.44
N ASP A 239 -25.57 47.92 -17.01
CA ASP A 239 -26.45 47.19 -17.93
C ASP A 239 -25.80 46.82 -19.27
N ASP A 240 -24.56 47.23 -19.52
CA ASP A 240 -23.80 46.71 -20.65
C ASP A 240 -22.85 45.59 -20.24
N LEU A 241 -22.80 45.27 -18.94
CA LEU A 241 -22.00 44.17 -18.41
C LEU A 241 -22.69 43.61 -17.17
N MET A 242 -23.26 42.40 -17.23
CA MET A 242 -23.62 41.69 -15.99
C MET A 242 -24.89 42.21 -15.33
N GLY A 243 -25.14 43.51 -15.42
CA GLY A 243 -26.38 44.15 -15.03
C GLY A 243 -26.19 44.93 -13.75
N SER A 244 -26.86 46.06 -13.65
CA SER A 244 -26.82 46.86 -12.44
C SER A 244 -28.03 46.52 -11.57
N ARG A 245 -28.15 47.24 -10.47
CA ARG A 245 -29.23 46.98 -9.55
C ARG A 245 -30.57 47.38 -10.15
N SER A 246 -31.57 46.52 -9.98
CA SER A 246 -32.93 46.80 -10.43
C SER A 246 -33.52 47.89 -9.56
N ASN A 247 -34.11 48.90 -10.21
CA ASN A 247 -34.65 50.07 -9.51
C ASN A 247 -35.95 49.75 -8.76
N PHE A 248 -36.56 48.60 -9.03
CA PHE A 248 -37.80 48.22 -8.37
C PHE A 248 -37.61 47.26 -7.21
N ASP A 249 -36.59 46.40 -7.26
CA ASP A 249 -36.24 45.47 -6.18
C ASP A 249 -34.73 45.49 -6.09
N SER A 250 -34.18 46.04 -5.01
CA SER A 250 -32.76 46.33 -5.06
C SER A 250 -31.90 45.08 -5.00
N THR A 251 -32.46 43.91 -4.73
CA THR A 251 -31.66 42.70 -4.77
C THR A 251 -31.75 41.97 -6.09
N LEU A 252 -32.53 42.49 -7.04
CA LEU A 252 -32.61 41.88 -8.35
C LEU A 252 -31.71 42.62 -9.34
N ILE A 253 -31.49 42.00 -10.50
CA ILE A 253 -30.73 42.60 -11.60
C ILE A 253 -31.64 43.50 -12.43
N SER A 254 -31.10 44.63 -12.88
CA SER A 254 -31.81 45.59 -13.70
C SER A 254 -32.58 44.89 -14.80
N PRO A 255 -33.88 45.16 -14.96
CA PRO A 255 -34.62 44.65 -16.14
C PRO A 255 -34.05 45.09 -17.49
N ASN A 256 -33.15 46.08 -17.52
CA ASN A 256 -32.46 46.45 -18.75
C ASN A 256 -31.16 45.64 -18.98
N SER A 257 -30.91 44.59 -18.19
CA SER A 257 -29.92 43.56 -18.52
C SER A 257 -30.65 42.25 -18.79
N VAL A 258 -30.21 41.51 -19.81
CA VAL A 258 -30.77 40.17 -20.03
C VAL A 258 -30.50 39.22 -18.87
N PHE A 259 -29.55 39.55 -18.01
CA PHE A 259 -29.35 38.70 -16.83
C PHE A 259 -30.49 38.82 -15.82
N SER A 260 -31.36 39.81 -15.94
CA SER A 260 -32.58 39.84 -15.13
C SER A 260 -33.57 38.79 -15.60
N GLN A 261 -33.38 38.25 -16.80
CA GLN A 261 -34.23 37.18 -17.31
C GLN A 261 -33.76 35.78 -16.97
N TRP A 262 -32.56 35.63 -16.40
CA TRP A 262 -32.05 34.29 -16.07
C TRP A 262 -32.84 33.68 -14.90
N ARG A 263 -33.09 32.38 -15.00
CA ARG A 263 -33.68 31.59 -13.91
C ARG A 263 -32.68 30.53 -13.43
N VAL A 264 -32.40 30.52 -12.14
CA VAL A 264 -31.36 29.66 -11.60
C VAL A 264 -31.76 28.18 -11.65
N VAL A 265 -30.76 27.30 -11.63
CA VAL A 265 -30.91 25.87 -11.41
C VAL A 265 -30.18 25.47 -10.12
N CYS A 266 -30.65 24.37 -9.50
CA CYS A 266 -30.03 23.71 -8.33
C CYS A 266 -30.25 24.36 -6.95
N ASP A 267 -31.35 25.10 -6.77
CA ASP A 267 -31.58 25.73 -5.47
C ASP A 267 -32.56 24.95 -4.60
N SER A 268 -33.03 23.78 -5.04
CA SER A 268 -33.96 22.97 -4.24
C SER A 268 -33.21 21.93 -3.41
N LEU A 269 -32.30 22.40 -2.57
CA LEU A 269 -31.42 21.47 -1.86
C LEU A 269 -32.21 20.48 -1.01
N GLU A 270 -33.27 20.95 -0.32
CA GLU A 270 -34.00 20.07 0.60
C GLU A 270 -34.73 18.96 -0.14
N ASP A 271 -35.16 19.20 -1.39
CA ASP A 271 -35.61 18.08 -2.21
C ASP A 271 -34.46 17.10 -2.44
N TYR A 272 -33.28 17.62 -2.83
CA TYR A 272 -32.18 16.75 -3.22
C TYR A 272 -31.73 15.92 -2.02
N ASP A 273 -31.62 16.54 -0.86
CA ASP A 273 -31.04 15.85 0.26
C ASP A 273 -32.02 15.01 1.09
N THR A 274 -33.33 15.18 0.93
CA THR A 274 -34.23 14.30 1.65
C THR A 274 -34.76 13.19 0.77
N LEU A 275 -34.82 13.40 -0.55
CA LEU A 275 -35.28 12.36 -1.46
C LEU A 275 -34.17 11.60 -2.15
N GLY A 276 -32.93 12.08 -2.12
CA GLY A 276 -31.87 11.34 -2.78
C GLY A 276 -31.87 11.48 -4.29
N THR A 277 -32.41 12.60 -4.78
CA THR A 277 -32.38 13.00 -6.17
C THR A 277 -31.31 14.08 -6.39
N LEU A 278 -31.06 14.38 -7.65
CA LEU A 278 -30.05 15.36 -8.03
C LEU A 278 -30.71 16.57 -8.68
N CYS A 279 -30.05 17.72 -8.55
CA CYS A 279 -30.42 18.91 -9.33
C CYS A 279 -30.64 18.56 -10.80
N ASN A 280 -31.78 18.99 -11.34
CA ASN A 280 -32.09 18.78 -12.76
C ASN A 280 -32.16 20.10 -13.49
N SER A 281 -32.65 20.07 -14.72
CA SER A 281 -32.53 21.23 -15.59
C SER A 281 -33.73 22.17 -15.50
N THR A 282 -34.67 21.89 -14.60
CA THR A 282 -35.79 22.80 -14.38
C THR A 282 -35.33 24.01 -13.60
N GLU A 283 -35.47 25.19 -14.18
CA GLU A 283 -35.00 26.38 -13.50
C GLU A 283 -36.09 26.90 -12.57
N ASP A 284 -35.73 27.82 -11.67
CA ASP A 284 -36.79 28.45 -10.89
C ASP A 284 -36.61 29.94 -10.64
N GLY A 285 -36.09 30.37 -9.48
CA GLY A 285 -36.10 31.77 -9.15
C GLY A 285 -35.18 32.61 -10.04
N PRO A 286 -35.20 33.92 -9.83
CA PRO A 286 -34.24 34.79 -10.52
C PRO A 286 -32.96 34.91 -9.71
N ILE A 287 -31.91 35.42 -10.36
CA ILE A 287 -30.66 35.69 -9.67
C ILE A 287 -30.89 36.73 -8.58
N ARG A 288 -30.32 36.51 -7.41
CA ARG A 288 -30.29 37.57 -6.41
C ARG A 288 -28.87 38.14 -6.32
N ARG A 289 -28.79 39.45 -6.24
CA ARG A 289 -27.49 40.11 -6.15
C ARG A 289 -27.67 41.38 -5.35
N ASN A 290 -26.71 41.71 -4.55
CA ASN A 290 -26.82 42.85 -3.67
C ASN A 290 -25.41 43.27 -3.25
N PRO A 291 -24.57 43.77 -4.17
CA PRO A 291 -23.17 44.04 -3.81
C PRO A 291 -23.04 45.01 -2.63
N ALA A 292 -21.99 44.77 -1.82
CA ALA A 292 -21.79 45.44 -0.53
C ALA A 292 -23.05 45.43 0.33
N GLY A 293 -23.94 44.45 0.08
CA GLY A 293 -25.27 44.41 0.63
C GLY A 293 -25.45 43.72 1.97
N ASN A 294 -24.48 42.93 2.44
CA ASN A 294 -24.71 42.24 3.72
C ASN A 294 -24.23 43.11 4.86
N VAL A 295 -25.18 43.91 5.39
CA VAL A 295 -24.95 44.78 6.54
C VAL A 295 -24.43 44.01 7.75
N ALA A 296 -24.85 42.75 7.90
CA ALA A 296 -24.48 41.99 9.10
C ALA A 296 -22.96 41.77 9.22
N ARG A 297 -22.29 41.42 8.11
CA ARG A 297 -20.84 41.24 8.18
C ARG A 297 -20.17 42.33 7.36
N PRO A 298 -19.70 43.41 7.99
CA PRO A 298 -19.04 44.48 7.21
C PRO A 298 -17.79 44.00 6.50
N MET A 299 -17.20 42.88 6.95
CA MET A 299 -15.94 42.39 6.37
C MET A 299 -16.10 42.04 4.90
N VAL A 300 -17.30 41.61 4.49
CA VAL A 300 -17.56 41.21 3.12
C VAL A 300 -18.27 42.32 2.34
N GLN A 301 -18.29 43.54 2.88
CA GLN A 301 -18.92 44.66 2.21
C GLN A 301 -17.94 45.49 1.38
N ARG A 302 -16.72 44.99 1.17
CA ARG A 302 -15.74 45.66 0.36
C ARG A 302 -14.89 44.57 -0.29
N LEU A 303 -14.55 44.79 -1.55
CA LEU A 303 -13.84 43.82 -2.34
C LEU A 303 -12.39 43.73 -1.88
N PRO A 304 -11.67 42.66 -2.27
CA PRO A 304 -10.25 42.55 -1.93
C PRO A 304 -9.46 43.75 -2.46
N GLU A 305 -8.44 44.11 -1.70
CA GLU A 305 -7.53 45.19 -2.06
C GLU A 305 -6.48 44.68 -3.06
N PRO A 306 -5.85 45.61 -3.82
CA PRO A 306 -4.79 45.18 -4.76
C PRO A 306 -3.63 44.45 -4.10
N GLN A 307 -3.25 44.87 -2.89
CA GLN A 307 -2.15 44.28 -2.14
C GLN A 307 -2.44 42.86 -1.72
N ASP A 308 -3.72 42.47 -1.64
CA ASP A 308 -4.08 41.08 -1.40
C ASP A 308 -3.54 40.17 -2.50
N VAL A 309 -3.83 40.52 -3.76
CA VAL A 309 -3.25 39.79 -4.88
C VAL A 309 -1.73 39.82 -4.82
N ALA A 310 -1.16 40.99 -4.52
CA ALA A 310 0.29 41.06 -4.39
C ALA A 310 0.78 40.06 -3.35
N GLN A 311 0.12 40.04 -2.19
CA GLN A 311 0.64 39.27 -1.07
C GLN A 311 0.45 37.78 -1.29
N CYS A 312 -0.73 37.38 -1.75
CA CYS A 312 -0.95 35.95 -1.93
C CYS A 312 0.00 35.39 -2.96
N LEU A 313 0.46 36.23 -3.89
CA LEU A 313 1.36 35.77 -4.92
C LEU A 313 2.81 35.66 -4.44
N GLU A 314 3.12 36.10 -3.22
CA GLU A 314 4.40 35.78 -2.62
C GLU A 314 4.35 34.58 -1.69
N VAL A 315 3.21 33.90 -1.58
CA VAL A 315 3.14 32.68 -0.78
C VAL A 315 3.70 31.54 -1.63
N GLY A 316 4.90 31.07 -1.27
CA GLY A 316 5.69 30.22 -2.15
C GLY A 316 5.38 28.74 -2.09
N LEU A 317 4.58 28.29 -1.14
CA LEU A 317 4.13 26.91 -1.11
C LEU A 317 2.73 26.82 -1.67
N PHE A 318 2.50 25.90 -2.61
CA PHE A 318 1.16 25.76 -3.16
C PHE A 318 0.14 25.40 -2.09
N ASP A 319 0.45 24.43 -1.25
CA ASP A 319 -0.48 24.05 -0.20
C ASP A 319 0.34 23.53 0.98
N THR A 320 -0.35 23.21 2.08
CA THR A 320 0.29 22.73 3.29
C THR A 320 -0.72 21.85 3.99
N PRO A 321 -0.27 20.86 4.78
CA PRO A 321 -1.23 20.08 5.55
C PRO A 321 -1.95 21.01 6.52
N PRO A 322 -3.22 20.71 6.84
CA PRO A 322 -3.97 19.52 6.45
C PRO A 322 -4.63 19.60 5.08
N PHE A 323 -4.18 20.52 4.24
CA PHE A 323 -4.71 20.64 2.88
C PHE A 323 -6.22 20.87 2.90
N TYR A 324 -6.64 21.87 3.70
CA TYR A 324 -8.03 22.13 4.01
C TYR A 324 -8.18 23.64 4.26
N SER A 325 -9.40 24.07 4.60
CA SER A 325 -9.66 25.50 4.73
C SER A 325 -8.91 26.13 5.90
N ASN A 326 -8.24 25.33 6.72
CA ASN A 326 -7.45 25.77 7.87
C ASN A 326 -5.96 25.71 7.59
N SER A 327 -5.56 25.44 6.34
CA SER A 327 -4.14 25.35 6.00
C SER A 327 -3.50 26.73 6.06
N THR A 328 -2.33 26.79 6.68
CA THR A 328 -1.59 28.03 6.82
C THR A 328 -0.40 28.02 5.85
N ASN A 329 0.02 29.22 5.43
CA ASN A 329 1.09 29.39 4.44
C ASN A 329 0.78 28.69 3.11
N SER A 330 -0.49 28.44 2.82
CA SER A 330 -0.91 27.81 1.58
C SER A 330 -1.38 28.90 0.62
N PHE A 331 -0.68 29.05 -0.51
CA PHE A 331 -1.19 29.91 -1.58
C PHE A 331 -2.61 29.52 -1.96
N ARG A 332 -2.85 28.22 -2.12
CA ARG A 332 -4.18 27.72 -2.49
C ARG A 332 -5.23 28.18 -1.49
N ASN A 333 -4.99 27.96 -0.20
CA ASN A 333 -5.94 28.39 0.83
C ASN A 333 -6.01 29.90 0.91
N THR A 334 -4.93 30.60 0.53
CA THR A 334 -4.92 32.05 0.59
C THR A 334 -5.75 32.65 -0.54
N VAL A 335 -5.47 32.25 -1.79
CA VAL A 335 -6.22 32.84 -2.88
C VAL A 335 -7.68 32.41 -2.83
N GLU A 336 -7.94 31.14 -2.44
CA GLU A 336 -9.32 30.72 -2.17
C GLU A 336 -9.99 31.62 -1.16
N GLY A 337 -9.29 31.97 -0.08
CA GLY A 337 -9.73 33.05 0.79
C GLY A 337 -10.22 32.65 2.17
N TYR A 338 -9.63 31.60 2.73
CA TYR A 338 -9.82 31.22 4.12
C TYR A 338 -8.64 31.64 4.97
N SER A 339 -7.53 31.93 4.29
CA SER A 339 -6.34 32.55 4.83
C SER A 339 -6.39 34.03 4.50
N ASP A 340 -5.72 34.86 5.30
CA ASP A 340 -5.52 36.24 4.90
C ASP A 340 -4.41 36.30 3.85
N PRO A 341 -4.27 37.42 3.13
CA PRO A 341 -3.39 37.41 1.94
C PRO A 341 -1.93 37.04 2.22
N THR A 342 -1.43 37.22 3.46
CA THR A 342 -0.06 36.82 3.72
C THR A 342 0.10 35.31 3.85
N GLY A 343 -1.00 34.57 4.01
CA GLY A 343 -0.93 33.14 4.23
C GLY A 343 -1.37 32.73 5.62
N LYS A 344 -1.61 33.71 6.49
CA LYS A 344 -1.97 33.45 7.88
C LYS A 344 -3.44 33.04 7.97
N TYR A 345 -3.69 31.85 8.51
CA TYR A 345 -5.05 31.34 8.63
C TYR A 345 -5.78 32.03 9.77
N ASP A 346 -7.08 32.20 9.58
CA ASP A 346 -7.96 32.76 10.60
C ASP A 346 -9.39 32.32 10.28
N PRO A 347 -10.05 31.61 11.19
CA PRO A 347 -11.41 31.14 10.90
C PRO A 347 -12.38 32.28 10.70
N ALA A 348 -12.02 33.48 11.15
CA ALA A 348 -12.83 34.69 11.03
C ALA A 348 -12.58 35.44 9.72
N VAL A 349 -11.53 35.12 8.99
CA VAL A 349 -11.13 35.90 7.82
C VAL A 349 -11.72 35.26 6.57
N ARG A 350 -12.18 36.12 5.68
CA ARG A 350 -12.49 35.76 4.33
C ARG A 350 -11.77 36.74 3.48
N SER A 351 -11.10 36.26 2.45
CA SER A 351 -10.32 37.12 1.59
C SER A 351 -10.44 36.68 0.14
N LEU A 352 -9.89 37.50 -0.74
CA LEU A 352 -9.74 37.24 -2.16
C LEU A 352 -10.90 36.49 -2.80
N HIS A 353 -10.72 35.23 -3.18
CA HIS A 353 -11.78 34.57 -3.95
C HIS A 353 -13.09 34.43 -3.17
N ASN A 354 -13.01 34.10 -1.87
CA ASN A 354 -14.23 33.90 -1.09
C ASN A 354 -14.89 35.23 -0.74
N LEU A 355 -14.07 36.25 -0.47
CA LEU A 355 -14.57 37.61 -0.23
C LEU A 355 -15.30 38.16 -1.45
N ALA A 356 -14.72 37.99 -2.63
CA ALA A 356 -15.44 38.39 -3.85
C ALA A 356 -16.81 37.73 -3.91
N HIS A 357 -16.91 36.45 -3.52
CA HIS A 357 -18.18 35.74 -3.62
C HIS A 357 -19.21 36.34 -2.68
N LEU A 358 -18.83 36.47 -1.43
CA LEU A 358 -19.73 36.94 -0.40
C LEU A 358 -20.05 38.42 -0.55
N PHE A 359 -19.22 39.17 -1.29
CA PHE A 359 -19.50 40.59 -1.53
C PHE A 359 -20.76 40.78 -2.35
N LEU A 360 -21.09 39.82 -3.19
CA LEU A 360 -22.32 39.93 -3.97
C LEU A 360 -23.59 39.68 -3.15
N ASN A 361 -23.48 39.11 -1.95
CA ASN A 361 -24.60 38.93 -1.00
C ASN A 361 -25.88 38.51 -1.73
N GLY A 362 -25.84 37.32 -2.32
CA GLY A 362 -26.93 36.80 -3.14
C GLY A 362 -26.59 35.43 -3.71
N THR A 363 -27.16 35.12 -4.89
CA THR A 363 -26.92 33.82 -5.53
C THR A 363 -25.44 33.51 -5.70
N GLY A 364 -24.63 34.53 -5.96
CA GLY A 364 -23.22 34.26 -6.18
C GLY A 364 -22.43 34.02 -4.94
N GLY A 365 -23.04 34.20 -3.77
CA GLY A 365 -22.38 33.97 -2.50
C GLY A 365 -22.70 32.67 -1.83
N GLN A 366 -23.45 31.79 -2.49
CA GLN A 366 -23.79 30.46 -1.98
C GLN A 366 -23.15 29.39 -2.85
N THR A 367 -22.44 28.46 -2.25
CA THR A 367 -21.61 27.56 -2.99
C THR A 367 -22.33 26.65 -3.93
N HIS A 368 -23.45 26.11 -3.54
CA HIS A 368 -24.20 25.27 -4.48
C HIS A 368 -24.86 26.07 -5.59
N LEU A 369 -25.07 27.39 -5.45
CA LEU A 369 -25.77 28.16 -6.47
C LEU A 369 -24.88 29.08 -7.29
N SER A 370 -23.67 29.41 -6.81
CA SER A 370 -23.03 30.63 -7.27
C SER A 370 -22.80 30.74 -8.77
N PRO A 371 -22.54 29.67 -9.55
CA PRO A 371 -22.37 29.88 -11.01
C PRO A 371 -23.63 30.36 -11.69
N ASN A 372 -24.77 30.32 -11.01
CA ASN A 372 -25.99 30.89 -11.58
C ASN A 372 -25.79 32.38 -11.86
N ASP A 373 -25.03 33.09 -11.01
CA ASP A 373 -24.71 34.47 -11.33
C ASP A 373 -23.53 34.48 -12.30
N PRO A 374 -23.66 35.06 -13.50
CA PRO A 374 -22.56 34.94 -14.49
C PRO A 374 -21.30 35.72 -14.11
N ILE A 375 -21.36 36.61 -13.11
CA ILE A 375 -20.13 37.15 -12.52
C ILE A 375 -19.16 36.03 -12.13
N PHE A 376 -19.69 34.86 -11.79
CA PHE A 376 -18.89 33.70 -11.41
C PHE A 376 -17.77 33.44 -12.40
N VAL A 377 -18.12 33.38 -13.69
CA VAL A 377 -17.11 33.23 -14.72
C VAL A 377 -16.00 34.23 -14.53
N LEU A 378 -16.35 35.50 -14.48
CA LEU A 378 -15.31 36.52 -14.42
C LEU A 378 -14.62 36.49 -13.08
N LEU A 379 -15.36 36.18 -12.01
CA LEU A 379 -14.72 36.02 -10.70
C LEU A 379 -13.70 34.90 -10.76
N HIS A 380 -14.00 33.85 -11.50
CA HIS A 380 -13.10 32.71 -11.52
C HIS A 380 -12.03 32.76 -12.59
N THR A 381 -12.24 33.46 -13.72
CA THR A 381 -11.13 33.63 -14.66
C THR A 381 -10.06 34.48 -14.03
N PHE A 382 -10.44 35.49 -13.27
CA PHE A 382 -9.44 36.25 -12.56
C PHE A 382 -8.69 35.37 -11.55
N THR A 383 -9.42 34.47 -10.88
CA THR A 383 -8.78 33.54 -9.94
C THR A 383 -7.80 32.63 -10.66
N ASP A 384 -8.22 32.09 -11.81
CA ASP A 384 -7.33 31.26 -12.62
C ASP A 384 -6.12 32.04 -13.12
N ALA A 385 -6.31 33.33 -13.42
CA ALA A 385 -5.19 34.19 -13.78
C ALA A 385 -4.17 34.25 -12.63
N VAL A 386 -4.67 34.48 -11.42
CA VAL A 386 -3.80 34.53 -10.24
C VAL A 386 -3.05 33.23 -10.09
N PHE A 387 -3.79 32.12 -10.00
CA PHE A 387 -3.23 30.78 -10.15
C PHE A 387 -2.18 30.70 -11.26
N ASP A 388 -2.53 31.14 -12.47
CA ASP A 388 -1.59 30.98 -13.57
C ASP A 388 -0.37 31.87 -13.40
N GLU A 389 -0.50 33.01 -12.70
CA GLU A 389 0.70 33.76 -12.38
C GLU A 389 1.55 33.02 -11.35
N TRP A 390 0.90 32.31 -10.42
CA TRP A 390 1.66 31.56 -9.44
C TRP A 390 2.43 30.44 -10.11
N LEU A 391 1.80 29.76 -11.08
CA LEU A 391 2.47 28.69 -11.79
C LEU A 391 3.70 29.21 -12.54
N ARG A 392 3.60 30.43 -13.07
CA ARG A 392 4.74 31.06 -13.76
C ARG A 392 5.86 31.33 -12.79
N ARG A 393 5.56 31.94 -11.64
CA ARG A 393 6.60 32.40 -10.75
C ARG A 393 7.29 31.29 -9.97
N TYR A 394 6.63 30.17 -9.75
CA TYR A 394 7.21 29.11 -8.92
C TYR A 394 7.42 27.85 -9.73
N ASN A 395 7.46 27.98 -11.05
CA ASN A 395 7.90 26.90 -11.92
C ASN A 395 6.99 25.69 -11.77
N ALA A 396 5.71 25.96 -11.54
CA ALA A 396 4.66 24.94 -11.48
C ALA A 396 5.02 23.84 -10.48
N ASP A 397 5.49 24.25 -9.31
CA ASP A 397 5.88 23.33 -8.26
C ASP A 397 4.68 22.51 -7.79
N ILE A 398 4.51 21.31 -8.35
CA ILE A 398 3.44 20.41 -7.96
C ILE A 398 3.81 19.57 -6.75
N SER A 399 5.04 19.68 -6.26
CA SER A 399 5.53 18.82 -5.18
C SER A 399 4.69 18.97 -3.91
N THR A 400 3.98 20.09 -3.77
CA THR A 400 3.14 20.37 -2.61
C THR A 400 1.69 19.93 -2.79
N PHE A 401 1.26 19.73 -4.02
CA PHE A 401 -0.04 19.16 -4.19
C PHE A 401 0.01 17.71 -3.70
N PRO A 402 -0.65 17.38 -2.58
CA PRO A 402 -0.44 16.07 -1.97
C PRO A 402 -1.06 14.94 -2.76
N LEU A 403 -0.27 13.87 -2.89
CA LEU A 403 -0.74 12.67 -3.58
C LEU A 403 -1.69 11.84 -2.73
N GLU A 404 -1.76 12.09 -1.43
CA GLU A 404 -2.67 11.31 -0.61
C GLU A 404 -2.99 12.06 0.67
N ASN A 405 -4.13 11.69 1.27
CA ASN A 405 -4.59 12.16 2.56
C ASN A 405 -5.09 13.61 2.55
N ALA A 406 -5.35 14.17 1.34
CA ALA A 406 -6.14 15.38 1.19
C ALA A 406 -7.62 15.04 1.35
N PRO A 407 -8.47 16.04 1.57
CA PRO A 407 -9.91 15.78 1.63
C PRO A 407 -10.32 14.98 0.42
N ILE A 408 -11.34 14.12 0.59
CA ILE A 408 -11.68 13.24 -0.52
C ILE A 408 -12.01 14.10 -1.73
N GLY A 409 -11.44 13.75 -2.89
CA GLY A 409 -11.60 14.50 -4.11
C GLY A 409 -10.44 15.43 -4.44
N HIS A 410 -9.50 15.63 -3.52
CA HIS A 410 -8.42 16.59 -3.70
C HIS A 410 -7.03 15.98 -3.74
N ASN A 411 -6.91 14.66 -3.83
CA ASN A 411 -5.58 14.12 -4.10
C ASN A 411 -5.23 14.34 -5.56
N ARG A 412 -3.92 14.54 -5.80
CA ARG A 412 -3.40 14.99 -7.09
C ARG A 412 -3.96 14.17 -8.25
N GLN A 413 -4.03 12.86 -8.09
CA GLN A 413 -4.43 11.98 -9.17
C GLN A 413 -5.92 11.69 -9.18
N TYR A 414 -6.68 12.38 -8.32
CA TYR A 414 -8.13 12.28 -8.37
C TYR A 414 -8.65 12.87 -9.68
N ASN A 415 -9.53 12.15 -10.34
CA ASN A 415 -10.24 12.72 -11.48
C ASN A 415 -11.24 13.73 -10.95
N MET A 416 -11.04 15.00 -11.32
CA MET A 416 -11.88 16.07 -10.78
C MET A 416 -13.34 15.79 -11.10
N VAL A 417 -14.19 15.98 -10.10
CA VAL A 417 -15.54 15.48 -10.15
C VAL A 417 -16.49 16.62 -10.49
N PRO A 418 -17.42 16.41 -11.45
CA PRO A 418 -17.68 15.22 -12.28
C PRO A 418 -17.27 15.39 -13.74
N PHE A 419 -16.10 15.96 -13.98
CA PHE A 419 -15.69 16.25 -15.34
C PHE A 419 -15.47 14.97 -16.12
N TRP A 420 -15.86 14.99 -17.40
CA TRP A 420 -15.68 13.85 -18.29
C TRP A 420 -15.08 14.33 -19.61
N PRO A 421 -14.16 13.54 -20.21
CA PRO A 421 -13.50 12.33 -19.72
C PRO A 421 -12.72 12.59 -18.45
N PRO A 422 -12.36 11.53 -17.74
CA PRO A 422 -11.52 11.70 -16.56
C PRO A 422 -10.35 12.63 -16.84
N VAL A 423 -10.14 13.56 -15.91
CA VAL A 423 -9.06 14.53 -15.98
C VAL A 423 -8.62 14.81 -14.55
N THR A 424 -7.32 14.66 -14.30
CA THR A 424 -6.82 14.78 -12.94
C THR A 424 -6.41 16.20 -12.65
N ASN A 425 -6.25 16.49 -11.37
CA ASN A 425 -5.67 17.77 -10.98
C ASN A 425 -4.30 18.00 -11.61
N THR A 426 -3.55 16.93 -11.91
CA THR A 426 -2.21 17.10 -12.46
C THR A 426 -2.27 17.74 -13.85
N GLU A 427 -3.22 17.29 -14.66
CA GLU A 427 -3.36 17.77 -16.03
C GLU A 427 -3.69 19.25 -16.09
N MET A 428 -4.13 19.86 -14.99
CA MET A 428 -4.37 21.29 -14.97
C MET A 428 -3.23 22.08 -14.34
N PHE A 429 -2.30 21.40 -13.67
CA PHE A 429 -1.28 22.06 -12.85
C PHE A 429 -0.04 22.38 -13.70
N VAL A 430 -0.30 23.22 -14.71
CA VAL A 430 0.65 23.55 -15.77
C VAL A 430 0.44 25.02 -16.10
N THR A 431 1.47 25.67 -16.65
CA THR A 431 1.27 27.05 -17.06
C THR A 431 0.40 27.09 -18.32
N ALA A 432 -0.59 27.97 -18.31
CA ALA A 432 -1.61 27.97 -19.35
C ALA A 432 -1.08 28.27 -20.76
N PRO A 433 -0.27 29.32 -20.98
CA PRO A 433 0.13 29.64 -22.37
C PRO A 433 0.76 28.48 -23.15
N ASP A 434 1.65 27.68 -22.56
CA ASP A 434 2.34 26.63 -23.32
C ASP A 434 1.67 25.26 -23.24
N ASN A 435 0.68 25.09 -22.35
CA ASN A 435 0.06 23.78 -22.13
C ASN A 435 -1.43 23.75 -22.37
N LEU A 436 -2.12 24.87 -22.20
CA LEU A 436 -3.58 24.89 -22.24
C LEU A 436 -4.14 25.75 -23.34
N GLY A 437 -3.30 26.52 -24.04
CA GLY A 437 -3.69 27.26 -25.23
C GLY A 437 -4.34 28.59 -24.97
N TYR A 438 -4.17 29.14 -23.78
CA TYR A 438 -4.75 30.43 -23.45
C TYR A 438 -3.78 31.16 -22.55
N THR A 439 -3.94 32.48 -22.49
CA THR A 439 -3.08 33.32 -21.68
C THR A 439 -3.90 34.50 -21.18
N TYR A 440 -3.36 35.20 -20.19
CA TYR A 440 -4.04 36.33 -19.58
C TYR A 440 -3.31 37.62 -19.92
N GLU A 441 -4.02 38.57 -20.50
CA GLU A 441 -3.46 39.91 -20.61
C GLU A 441 -3.68 40.58 -19.27
N ILE A 442 -2.62 40.74 -18.48
CA ILE A 442 -2.82 41.15 -17.08
C ILE A 442 -1.50 41.64 -16.49
N GLN A 443 -1.61 42.68 -15.65
CA GLN A 443 -0.48 43.29 -14.96
C GLN A 443 -0.65 43.20 -13.45
N TRP A 444 0.43 42.77 -12.75
CA TRP A 444 0.35 42.58 -11.31
C TRP A 444 0.99 43.73 -10.55
N PRO A 445 0.59 43.93 -9.29
CA PRO A 445 1.36 44.75 -8.35
C PRO A 445 2.88 44.53 -8.33
N SER A 446 3.56 45.15 -7.36
CA SER A 446 4.99 44.88 -7.14
C SER A 446 5.34 44.88 -5.64
N GLN B 1 -11.85 -13.06 18.94
CA GLN B 1 -11.72 -11.62 18.62
C GLN B 1 -11.89 -11.26 17.20
N PHE B 2 -11.45 -10.06 16.89
CA PHE B 2 -12.01 -9.37 15.74
C PHE B 2 -11.04 -9.31 14.59
N PRO B 3 -11.54 -9.16 13.38
CA PRO B 3 -10.65 -8.86 12.24
C PRO B 3 -9.85 -7.59 12.49
N ARG B 4 -8.64 -7.53 11.92
CA ARG B 4 -7.89 -6.29 12.04
C ARG B 4 -8.61 -5.14 11.33
N GLN B 5 -9.36 -5.42 10.27
CA GLN B 5 -10.13 -4.35 9.61
C GLN B 5 -11.07 -3.67 10.59
N CYS B 6 -11.74 -4.45 11.44
CA CYS B 6 -12.70 -3.95 12.40
C CYS B 6 -12.06 -3.42 13.67
N ALA B 7 -10.75 -3.58 13.83
CA ALA B 7 -10.12 -3.17 15.08
C ALA B 7 -9.67 -1.73 15.03
N THR B 8 -10.46 -0.88 14.38
CA THR B 8 -10.12 0.52 14.20
C THR B 8 -11.14 1.40 14.90
N VAL B 9 -10.79 2.67 15.00
CA VAL B 9 -11.69 3.67 15.57
C VAL B 9 -12.98 3.77 14.75
N GLU B 10 -12.87 3.82 13.43
CA GLU B 10 -14.09 3.96 12.65
C GLU B 10 -15.01 2.76 12.80
N ALA B 11 -14.43 1.56 12.98
CA ALA B 11 -15.25 0.35 13.06
C ALA B 11 -15.92 0.25 14.42
N LEU B 12 -15.15 0.48 15.49
CA LEU B 12 -15.69 0.45 16.84
C LEU B 12 -16.67 1.60 17.06
N ARG B 13 -16.37 2.78 16.54
CA ARG B 13 -17.24 3.93 16.76
C ARG B 13 -18.61 3.74 16.09
N SER B 14 -18.67 3.00 14.97
CA SER B 14 -19.95 2.73 14.32
C SER B 14 -20.60 1.42 14.75
N GLY B 15 -19.90 0.61 15.57
CA GLY B 15 -20.42 -0.70 15.93
C GLY B 15 -20.59 -1.66 14.77
N MET B 16 -19.87 -1.45 13.67
CA MET B 16 -20.01 -2.27 12.48
C MET B 16 -18.72 -2.98 12.18
N CYS B 17 -18.79 -4.30 11.93
CA CYS B 17 -17.67 -5.13 11.50
C CYS B 17 -18.11 -5.85 10.23
N CYS B 18 -18.00 -5.17 9.10
CA CYS B 18 -18.47 -5.71 7.83
C CYS B 18 -17.38 -5.53 6.79
N PRO B 19 -16.31 -6.33 6.87
CA PRO B 19 -15.16 -6.10 6.00
C PRO B 19 -15.45 -6.31 4.52
N ASP B 20 -14.75 -5.54 3.70
CA ASP B 20 -14.76 -5.79 2.27
C ASP B 20 -14.19 -7.18 1.97
N LEU B 21 -14.61 -7.74 0.85
CA LEU B 21 -14.04 -8.97 0.33
C LEU B 21 -13.08 -8.67 -0.84
N SER B 22 -13.61 -8.34 -2.03
CA SER B 22 -12.80 -7.84 -3.15
C SER B 22 -13.36 -6.52 -3.69
N PRO B 23 -13.00 -5.25 -2.94
CA PRO B 23 -13.58 -3.93 -3.29
C PRO B 23 -12.87 -3.28 -4.47
N VAL B 24 -13.26 -3.65 -5.69
CA VAL B 24 -12.64 -3.03 -6.86
C VAL B 24 -13.09 -1.59 -7.07
N SER B 25 -14.27 -1.21 -6.54
CA SER B 25 -14.81 0.13 -6.75
C SER B 25 -14.52 1.07 -5.56
N GLY B 26 -13.59 0.70 -4.67
CA GLY B 26 -13.22 1.52 -3.53
C GLY B 26 -13.57 0.88 -2.19
N PRO B 27 -12.91 1.32 -1.13
CA PRO B 27 -13.33 0.95 0.23
C PRO B 27 -14.84 1.10 0.41
N GLY B 28 -15.44 0.09 1.06
CA GLY B 28 -16.85 0.08 1.35
C GLY B 28 -17.73 -0.53 0.29
N THR B 29 -17.17 -0.89 -0.86
CA THR B 29 -18.02 -1.30 -1.98
C THR B 29 -18.34 -2.79 -1.98
N ASP B 30 -17.55 -3.61 -1.31
CA ASP B 30 -17.77 -5.04 -1.34
C ASP B 30 -17.79 -5.60 0.06
N ARG B 31 -18.54 -4.95 0.95
CA ARG B 31 -18.69 -5.49 2.29
C ARG B 31 -19.42 -6.84 2.26
N CYS B 32 -18.87 -7.81 2.99
CA CYS B 32 -19.40 -9.17 3.11
C CYS B 32 -19.43 -9.90 1.79
N GLY B 33 -18.60 -9.45 0.85
CA GLY B 33 -18.73 -9.93 -0.53
C GLY B 33 -20.13 -9.72 -1.06
N SER B 34 -20.78 -8.62 -0.66
CA SER B 34 -22.13 -8.32 -1.13
C SER B 34 -22.18 -8.08 -2.64
N SER B 35 -21.10 -7.56 -3.24
CA SER B 35 -21.10 -7.36 -4.68
C SER B 35 -21.33 -8.67 -5.41
N SER B 36 -20.57 -9.72 -5.06
CA SER B 36 -20.90 -11.09 -5.46
C SER B 36 -22.09 -11.59 -4.63
N GLY B 37 -22.45 -12.86 -4.76
CA GLY B 37 -23.60 -13.33 -4.00
C GLY B 37 -23.27 -13.83 -2.61
N ARG B 38 -22.09 -13.46 -2.08
CA ARG B 38 -21.50 -14.23 -1.00
C ARG B 38 -22.04 -13.87 0.38
N GLY B 39 -22.32 -12.59 0.64
CA GLY B 39 -22.88 -12.29 1.95
C GLY B 39 -23.48 -10.91 2.00
N ARG B 40 -23.99 -10.58 3.18
CA ARG B 40 -24.56 -9.26 3.45
C ARG B 40 -24.15 -8.79 4.83
N CYS B 41 -24.06 -7.49 4.98
CA CYS B 41 -23.96 -6.91 6.31
C CYS B 41 -25.35 -6.92 6.96
N GLU B 42 -25.41 -7.31 8.22
CA GLU B 42 -26.69 -7.45 8.92
C GLU B 42 -26.47 -7.15 10.40
N ALA B 43 -27.59 -7.14 11.14
CA ALA B 43 -27.55 -6.95 12.58
C ALA B 43 -27.18 -8.24 13.30
N VAL B 44 -26.41 -8.08 14.38
CA VAL B 44 -25.97 -9.20 15.19
C VAL B 44 -27.15 -9.78 15.96
N THR B 45 -27.32 -11.10 15.90
CA THR B 45 -28.26 -11.80 16.76
C THR B 45 -27.52 -12.34 17.98
N ALA B 46 -27.89 -11.89 19.17
CA ALA B 46 -27.31 -12.41 20.39
C ALA B 46 -28.39 -12.97 21.31
N ASP B 47 -27.97 -13.80 22.26
CA ASP B 47 -28.92 -14.44 23.16
C ASP B 47 -29.41 -13.43 24.18
N SER B 48 -30.73 -13.27 24.24
CA SER B 48 -31.38 -12.41 25.22
C SER B 48 -31.93 -13.17 26.43
N ARG B 49 -32.06 -14.51 26.33
CA ARG B 49 -32.64 -15.34 27.37
C ARG B 49 -31.90 -15.19 28.70
N PRO B 50 -32.55 -15.52 29.80
CA PRO B 50 -31.89 -15.41 31.11
C PRO B 50 -30.92 -16.56 31.37
N HIS B 51 -29.83 -16.24 32.04
CA HIS B 51 -28.84 -17.22 32.44
C HIS B 51 -29.08 -17.61 33.88
N SER B 52 -28.24 -18.51 34.41
CA SER B 52 -28.36 -18.94 35.79
C SER B 52 -28.22 -17.73 36.73
N PRO B 53 -28.71 -17.84 37.97
CA PRO B 53 -28.50 -16.75 38.95
C PRO B 53 -27.06 -16.59 39.39
N GLN B 54 -26.15 -17.44 38.94
CA GLN B 54 -24.79 -17.39 39.44
C GLN B 54 -24.05 -16.14 39.00
N TYR B 55 -24.30 -15.64 37.80
CA TYR B 55 -23.68 -14.40 37.38
C TYR B 55 -24.62 -13.27 37.76
N PRO B 56 -24.27 -12.42 38.73
CA PRO B 56 -25.17 -11.35 39.17
C PRO B 56 -24.90 -9.99 38.54
N HIS B 57 -23.80 -9.85 37.80
CA HIS B 57 -23.24 -8.55 37.43
C HIS B 57 -23.60 -8.12 36.01
N ASP B 58 -24.80 -8.40 35.52
CA ASP B 58 -25.19 -7.93 34.19
C ASP B 58 -24.90 -6.44 34.03
N GLY B 59 -24.34 -6.08 32.86
CA GLY B 59 -23.88 -4.73 32.58
C GLY B 59 -22.43 -4.40 32.97
N ARG B 60 -21.69 -5.31 33.62
CA ARG B 60 -20.29 -5.02 33.95
C ARG B 60 -19.28 -5.66 33.00
N ASP B 61 -19.63 -6.75 32.30
CA ASP B 61 -18.68 -7.60 31.59
C ASP B 61 -18.84 -7.49 30.07
N ASP B 62 -17.73 -7.35 29.35
CA ASP B 62 -17.82 -7.20 27.90
C ASP B 62 -18.27 -8.49 27.19
N ARG B 63 -18.31 -9.62 27.88
CA ARG B 63 -18.69 -10.88 27.26
C ARG B 63 -20.18 -11.13 27.31
N GLU B 64 -20.94 -10.29 28.03
CA GLU B 64 -22.39 -10.38 28.02
C GLU B 64 -22.93 -10.08 26.63
N VAL B 65 -24.01 -10.78 26.27
CA VAL B 65 -24.68 -10.68 24.95
C VAL B 65 -23.62 -10.49 23.87
N TRP B 66 -22.66 -11.41 23.82
CA TRP B 66 -21.53 -11.37 22.88
C TRP B 66 -22.06 -11.45 21.45
N PRO B 67 -21.59 -10.56 20.56
CA PRO B 67 -20.53 -9.55 20.71
C PRO B 67 -21.00 -8.08 20.79
N LEU B 68 -22.20 -7.84 21.35
CA LEU B 68 -22.87 -6.57 21.10
C LEU B 68 -22.30 -5.39 21.89
N ARG B 69 -21.34 -5.58 22.79
CA ARG B 69 -20.63 -4.41 23.33
C ARG B 69 -19.64 -3.82 22.36
N PHE B 70 -19.30 -4.57 21.32
CA PHE B 70 -18.30 -4.15 20.37
C PHE B 70 -18.90 -3.89 19.00
N PHE B 71 -19.74 -4.81 18.51
CA PHE B 71 -20.27 -4.72 17.16
C PHE B 71 -21.70 -5.22 17.10
N ASN B 72 -22.60 -4.37 16.59
CA ASN B 72 -23.97 -4.79 16.35
C ASN B 72 -24.24 -5.12 14.88
N ARG B 73 -23.26 -4.94 14.00
CA ARG B 73 -23.42 -5.32 12.60
C ARG B 73 -22.29 -6.26 12.21
N THR B 74 -22.64 -7.37 11.56
CA THR B 74 -21.65 -8.38 11.18
C THR B 74 -22.04 -8.92 9.81
N CYS B 75 -21.12 -9.64 9.18
CA CYS B 75 -21.43 -10.32 7.93
C CYS B 75 -22.22 -11.58 8.19
N HIS B 76 -23.32 -11.73 7.48
CA HIS B 76 -24.06 -12.97 7.47
C HIS B 76 -23.91 -13.52 6.06
N CYS B 77 -23.16 -14.59 5.94
CA CYS B 77 -22.89 -15.11 4.61
C CYS B 77 -24.05 -15.98 4.15
N ASN B 78 -24.13 -16.15 2.85
CA ASN B 78 -25.22 -16.89 2.25
C ASN B 78 -24.79 -18.33 1.99
N GLY B 79 -25.70 -19.26 2.23
CA GLY B 79 -25.46 -20.65 1.88
C GLY B 79 -24.29 -21.20 2.65
N ASN B 80 -23.37 -21.83 1.93
CA ASN B 80 -22.19 -22.40 2.55
C ASN B 80 -20.96 -21.51 2.40
N PHE B 81 -21.15 -20.22 2.13
CA PHE B 81 -20.11 -19.23 2.32
C PHE B 81 -19.96 -18.90 3.80
N SER B 82 -18.77 -18.47 4.18
CA SER B 82 -18.44 -18.27 5.59
C SER B 82 -17.25 -17.33 5.70
N GLY B 83 -16.96 -16.92 6.92
CA GLY B 83 -15.82 -16.08 7.20
C GLY B 83 -16.24 -14.68 7.59
N HIS B 84 -15.31 -13.98 8.25
CA HIS B 84 -15.57 -12.62 8.70
C HIS B 84 -16.03 -11.72 7.56
N ASN B 85 -15.54 -11.93 6.34
CA ASN B 85 -16.00 -11.16 5.19
C ASN B 85 -16.67 -12.03 4.14
N CYS B 86 -17.07 -13.25 4.54
CA CYS B 86 -17.63 -14.25 3.64
C CYS B 86 -16.63 -14.67 2.56
N GLY B 87 -15.34 -14.55 2.90
CA GLY B 87 -14.27 -14.99 2.02
C GLY B 87 -14.13 -16.49 1.86
N THR B 88 -14.59 -17.28 2.84
CA THR B 88 -14.34 -18.71 2.72
C THR B 88 -15.60 -19.55 2.80
N CYS B 89 -15.44 -20.84 3.07
CA CYS B 89 -16.57 -21.76 3.10
C CYS B 89 -16.88 -22.22 4.52
N ARG B 90 -18.10 -22.74 4.71
CA ARG B 90 -18.42 -23.41 5.97
C ARG B 90 -17.75 -24.78 6.08
N PRO B 91 -17.46 -25.20 7.31
CA PRO B 91 -16.89 -26.54 7.53
C PRO B 91 -17.52 -27.63 6.68
N GLY B 92 -16.71 -28.44 6.00
CA GLY B 92 -17.25 -29.46 5.13
C GLY B 92 -17.37 -29.06 3.68
N TRP B 93 -17.15 -27.77 3.36
CA TRP B 93 -17.22 -27.28 1.99
C TRP B 93 -15.90 -26.67 1.57
N ARG B 94 -15.53 -26.90 0.31
CA ARG B 94 -14.47 -26.17 -0.39
C ARG B 94 -14.99 -25.80 -1.79
N GLY B 95 -14.12 -25.24 -2.60
CA GLY B 95 -14.45 -24.71 -3.91
C GLY B 95 -14.51 -23.20 -3.91
N ALA B 96 -14.22 -22.60 -5.06
CA ALA B 96 -14.45 -21.17 -5.17
C ALA B 96 -15.93 -20.83 -4.91
N ALA B 97 -16.82 -21.78 -5.20
CA ALA B 97 -18.25 -21.60 -5.01
C ALA B 97 -18.79 -22.35 -3.80
N CYS B 98 -17.91 -22.85 -2.92
CA CYS B 98 -18.28 -23.59 -1.71
C CYS B 98 -19.32 -24.67 -2.01
N ASP B 99 -19.07 -25.41 -3.07
CA ASP B 99 -20.02 -26.38 -3.57
C ASP B 99 -19.44 -27.77 -3.65
N GLN B 100 -18.22 -27.97 -3.13
CA GLN B 100 -17.58 -29.28 -3.08
C GLN B 100 -17.53 -29.73 -1.62
N ARG B 101 -18.08 -30.91 -1.34
CA ARG B 101 -18.07 -31.44 0.02
C ARG B 101 -16.70 -32.02 0.35
N VAL B 102 -16.28 -31.85 1.60
CA VAL B 102 -14.93 -32.18 2.02
C VAL B 102 -14.97 -32.93 3.35
N LEU B 103 -14.18 -33.99 3.45
CA LEU B 103 -14.10 -34.78 4.68
C LEU B 103 -12.65 -34.99 5.05
N ILE B 104 -12.22 -34.46 6.19
CA ILE B 104 -10.91 -34.80 6.72
C ILE B 104 -11.08 -35.80 7.84
N VAL B 105 -9.96 -36.38 8.29
CA VAL B 105 -9.94 -37.45 9.27
C VAL B 105 -8.93 -37.11 10.35
N ARG B 106 -9.37 -37.12 11.60
CA ARG B 106 -8.49 -36.89 12.74
C ARG B 106 -8.05 -38.25 13.28
N ARG B 107 -6.75 -38.49 13.29
CA ARG B 107 -6.20 -39.80 13.59
C ARG B 107 -5.45 -39.75 14.92
N ASN B 108 -5.21 -40.93 15.49
CA ASN B 108 -4.41 -41.05 16.72
C ASN B 108 -2.97 -40.68 16.40
N LEU B 109 -2.41 -39.77 17.21
CA LEU B 109 -1.06 -39.28 16.95
C LEU B 109 -0.05 -40.43 16.86
N LEU B 110 -0.22 -41.47 17.69
CA LEU B 110 0.69 -42.60 17.68
C LEU B 110 0.48 -43.52 16.50
N ASP B 111 -0.54 -43.28 15.67
CA ASP B 111 -0.67 -43.99 14.41
C ASP B 111 -0.03 -43.23 13.25
N LEU B 112 0.25 -41.95 13.43
CA LEU B 112 0.85 -41.16 12.36
C LEU B 112 2.23 -41.71 12.04
N SER B 113 2.57 -41.72 10.75
CA SER B 113 3.92 -42.09 10.34
C SER B 113 4.93 -41.12 10.94
N LYS B 114 6.21 -41.53 10.93
CA LYS B 114 7.25 -40.68 11.50
C LYS B 114 7.34 -39.35 10.77
N GLU B 115 7.10 -39.33 9.46
CA GLU B 115 7.12 -38.07 8.72
C GLU B 115 5.94 -37.17 9.10
N GLU B 116 4.75 -37.77 9.29
CA GLU B 116 3.57 -37.01 9.72
C GLU B 116 3.71 -36.53 11.16
N LYS B 117 4.33 -37.34 12.01
CA LYS B 117 4.60 -36.86 13.36
C LYS B 117 5.49 -35.63 13.31
N ASN B 118 6.49 -35.64 12.44
CA ASN B 118 7.36 -34.48 12.32
C ASN B 118 6.63 -33.30 11.68
N HIS B 119 5.71 -33.59 10.76
CA HIS B 119 4.93 -32.52 10.13
C HIS B 119 4.05 -31.82 11.16
N PHE B 120 3.35 -32.61 11.99
CA PHE B 120 2.46 -32.01 12.97
C PHE B 120 3.24 -31.20 14.00
N VAL B 121 4.36 -31.74 14.47
CA VAL B 121 5.15 -31.02 15.47
C VAL B 121 5.69 -29.73 14.90
N ARG B 122 6.14 -29.75 13.63
CA ARG B 122 6.68 -28.55 13.02
C ARG B 122 5.57 -27.57 12.67
N ALA B 123 4.43 -28.07 12.18
CA ALA B 123 3.28 -27.23 11.91
C ALA B 123 2.86 -26.42 13.16
N LEU B 124 2.78 -27.09 14.32
CA LEU B 124 2.43 -26.39 15.54
C LEU B 124 3.42 -25.28 15.84
N ASP B 125 4.72 -25.60 15.79
CA ASP B 125 5.73 -24.63 16.19
C ASP B 125 5.76 -23.46 15.21
N MET B 126 5.47 -23.73 13.94
CA MET B 126 5.24 -22.65 12.99
C MET B 126 4.07 -21.78 13.44
N ALA B 127 3.01 -22.40 13.96
CA ALA B 127 1.81 -21.66 14.34
C ALA B 127 2.07 -20.79 15.55
N LYS B 128 2.91 -21.26 16.46
CA LYS B 128 3.30 -20.48 17.61
C LYS B 128 4.03 -19.22 17.19
N ARG B 129 4.76 -19.28 16.07
CA ARG B 129 5.65 -18.20 15.67
C ARG B 129 5.04 -17.27 14.65
N THR B 130 4.04 -17.73 13.92
CA THR B 130 3.45 -16.98 12.82
C THR B 130 2.30 -16.10 13.29
N THR B 131 2.40 -14.81 13.00
CA THR B 131 1.36 -13.82 13.29
C THR B 131 0.01 -14.25 12.73
N HIS B 132 -1.03 -14.07 13.51
CA HIS B 132 -2.34 -14.44 12.99
C HIS B 132 -2.76 -13.42 11.92
N PRO B 133 -2.98 -13.87 10.69
CA PRO B 133 -3.27 -12.93 9.61
C PRO B 133 -4.53 -12.12 9.83
N LEU B 134 -5.54 -12.72 10.45
CA LEU B 134 -6.88 -12.13 10.41
C LEU B 134 -7.27 -11.44 11.71
N PHE B 135 -6.91 -12.02 12.84
CA PHE B 135 -7.41 -11.60 14.15
C PHE B 135 -6.35 -10.87 14.97
N VAL B 136 -6.82 -9.87 15.70
CA VAL B 136 -6.01 -9.15 16.66
C VAL B 136 -6.72 -9.23 18.00
N ILE B 137 -5.95 -9.25 19.07
CA ILE B 137 -6.49 -9.47 20.40
C ILE B 137 -6.50 -8.14 21.15
N ALA B 138 -7.62 -7.86 21.83
CA ALA B 138 -7.68 -6.74 22.76
C ALA B 138 -6.75 -6.98 23.95
N THR B 139 -6.08 -5.90 24.37
CA THR B 139 -5.33 -5.88 25.61
C THR B 139 -6.08 -5.15 26.70
N ARG B 140 -7.18 -4.49 26.38
CA ARG B 140 -7.93 -3.70 27.34
C ARG B 140 -9.41 -4.05 27.19
N ARG B 141 -10.14 -3.82 28.26
CA ARG B 141 -11.59 -3.93 28.21
C ARG B 141 -12.15 -2.75 27.40
N SER B 142 -13.47 -2.76 27.20
CA SER B 142 -14.09 -1.89 26.21
C SER B 142 -13.97 -0.41 26.57
N GLU B 143 -14.04 -0.08 27.86
CA GLU B 143 -13.98 1.33 28.27
C GLU B 143 -12.64 1.96 27.90
N GLU B 144 -11.57 1.16 27.84
CA GLU B 144 -10.23 1.63 27.51
C GLU B 144 -9.79 1.17 26.12
N ILE B 145 -10.72 0.61 25.35
CA ILE B 145 -10.30 -0.08 24.15
C ILE B 145 -9.70 0.88 23.12
N LEU B 146 -10.05 2.17 23.17
CA LEU B 146 -9.53 3.15 22.22
C LEU B 146 -8.35 3.94 22.76
N GLY B 147 -7.72 3.49 23.84
CA GLY B 147 -6.54 4.14 24.34
C GLY B 147 -6.84 5.42 25.08
N PRO B 148 -5.79 6.07 25.60
CA PRO B 148 -6.02 7.23 26.49
C PRO B 148 -6.44 8.49 25.74
N ASP B 149 -5.87 8.72 24.56
CA ASP B 149 -6.30 9.83 23.71
C ASP B 149 -7.68 9.58 23.11
N GLY B 150 -8.12 8.33 23.07
CA GLY B 150 -9.36 7.98 22.43
C GLY B 150 -9.24 7.62 20.97
N ASN B 151 -8.03 7.53 20.45
CA ASN B 151 -7.85 7.25 19.03
C ASN B 151 -6.87 6.11 18.77
N THR B 152 -6.40 5.41 19.80
CA THR B 152 -5.45 4.32 19.63
C THR B 152 -6.09 3.01 20.08
N PRO B 153 -6.61 2.21 19.15
CA PRO B 153 -7.12 0.89 19.53
C PRO B 153 -6.11 0.09 20.33
N GLN B 154 -6.62 -0.59 21.35
CA GLN B 154 -5.75 -1.33 22.27
C GLN B 154 -5.72 -2.81 21.90
N PHE B 155 -5.22 -3.04 20.70
CA PHE B 155 -5.09 -4.38 20.15
C PHE B 155 -3.61 -4.64 19.84
N GLU B 156 -3.29 -5.91 19.72
CA GLU B 156 -1.96 -6.34 19.34
C GLU B 156 -2.14 -7.43 18.30
N ASN B 157 -1.21 -7.54 17.33
CA ASN B 157 -1.27 -8.79 16.58
C ASN B 157 -0.85 -9.94 17.50
N ILE B 158 -1.22 -11.14 17.10
CA ILE B 158 -1.01 -12.33 17.92
C ILE B 158 -0.69 -13.48 16.98
N SER B 159 0.04 -14.46 17.47
CA SER B 159 0.33 -15.57 16.58
C SER B 159 -0.87 -16.50 16.52
N ILE B 160 -0.85 -17.39 15.52
CA ILE B 160 -1.95 -18.31 15.31
C ILE B 160 -2.23 -19.11 16.58
N TYR B 161 -1.19 -19.77 17.11
CA TYR B 161 -1.40 -20.60 18.29
C TYR B 161 -1.69 -19.75 19.52
N ASN B 162 -0.93 -18.68 19.74
CA ASN B 162 -1.19 -17.83 20.89
C ASN B 162 -2.59 -17.26 20.85
N TYR B 163 -3.13 -16.99 19.65
CA TYR B 163 -4.54 -16.64 19.54
C TYR B 163 -5.40 -17.72 20.20
N PHE B 164 -5.24 -18.95 19.74
CA PHE B 164 -5.89 -20.12 20.30
C PHE B 164 -5.79 -20.16 21.83
N VAL B 165 -4.65 -19.76 22.38
CA VAL B 165 -4.54 -19.66 23.83
C VAL B 165 -5.46 -18.56 24.34
N TRP B 166 -5.41 -17.40 23.67
CA TRP B 166 -6.06 -16.20 24.18
C TRP B 166 -7.57 -16.32 24.18
N THR B 167 -8.15 -16.98 23.19
CA THR B 167 -9.60 -17.08 23.17
C THR B 167 -10.07 -17.89 24.37
N HIS B 168 -9.38 -19.00 24.64
CA HIS B 168 -9.58 -19.79 25.84
C HIS B 168 -9.45 -18.94 27.08
N TYR B 169 -8.32 -18.25 27.20
CA TYR B 169 -8.13 -17.36 28.35
C TYR B 169 -9.30 -16.38 28.45
N TYR B 170 -9.64 -15.71 27.33
CA TYR B 170 -10.68 -14.68 27.41
C TYR B 170 -11.99 -15.29 27.89
N SER B 171 -12.26 -16.53 27.50
CA SER B 171 -13.50 -17.21 27.86
C SER B 171 -13.61 -17.54 29.34
N VAL B 172 -12.52 -17.46 30.11
CA VAL B 172 -12.53 -17.97 31.48
C VAL B 172 -12.02 -16.95 32.49
N LYS B 173 -11.44 -15.83 32.02
CA LYS B 173 -10.91 -14.80 32.92
C LYS B 173 -12.00 -14.23 33.84
N LYS B 174 -11.58 -13.72 34.99
CA LYS B 174 -12.51 -13.16 35.97
C LYS B 174 -13.14 -11.85 35.47
N THR B 175 -14.36 -11.57 35.94
CA THR B 175 -15.03 -10.30 35.64
C THR B 175 -14.38 -9.17 36.45
N PHE B 176 -13.87 -8.16 35.76
CA PHE B 176 -13.26 -7.04 36.46
C PHE B 176 -14.33 -6.10 36.98
N LEU B 177 -14.25 -5.74 38.24
CA LEU B 177 -15.24 -4.86 38.84
C LEU B 177 -14.68 -3.51 39.28
N GLY B 178 -13.39 -3.25 39.07
CA GLY B 178 -12.79 -2.01 39.51
C GLY B 178 -11.57 -2.24 40.38
N VAL B 179 -10.47 -1.53 40.09
CA VAL B 179 -9.23 -1.74 40.83
C VAL B 179 -9.49 -1.43 42.29
N GLY B 180 -9.06 -2.33 43.18
CA GLY B 180 -9.47 -2.26 44.56
C GLY B 180 -10.65 -3.15 44.91
N GLN B 181 -11.43 -3.58 43.92
CA GLN B 181 -12.52 -4.51 44.12
C GLN B 181 -12.08 -5.86 43.59
N GLU B 182 -12.33 -6.90 44.37
CA GLU B 182 -11.90 -8.22 43.96
C GLU B 182 -12.72 -8.67 42.75
N SER B 183 -12.04 -9.16 41.73
CA SER B 183 -12.71 -9.51 40.48
C SER B 183 -13.58 -10.75 40.66
N PHE B 184 -14.73 -10.76 39.99
CA PHE B 184 -15.69 -11.84 40.14
C PHE B 184 -15.27 -13.05 39.32
N GLY B 185 -15.20 -14.22 39.98
CA GLY B 185 -14.63 -15.41 39.37
C GLY B 185 -15.56 -16.60 39.27
N GLU B 186 -16.81 -16.46 39.69
CA GLU B 186 -17.80 -17.52 39.47
C GLU B 186 -18.47 -17.30 38.12
N VAL B 187 -17.61 -17.28 37.09
CA VAL B 187 -18.04 -17.14 35.71
C VAL B 187 -17.06 -17.93 34.86
N ASP B 188 -17.56 -18.48 33.75
CA ASP B 188 -16.76 -19.27 32.82
C ASP B 188 -17.58 -19.59 31.60
N PHE B 189 -17.21 -19.02 30.44
CA PHE B 189 -18.02 -19.12 29.22
C PHE B 189 -17.73 -20.41 28.44
N SER B 190 -16.80 -21.23 28.90
CA SER B 190 -16.39 -22.40 28.13
C SER B 190 -16.21 -23.63 28.98
N HIS B 191 -16.39 -23.54 30.29
CA HIS B 191 -16.27 -24.69 31.18
C HIS B 191 -17.44 -24.72 32.16
N GLU B 192 -17.64 -25.91 32.74
CA GLU B 192 -18.63 -26.12 33.79
C GLU B 192 -20.03 -25.77 33.31
N GLY B 193 -20.36 -26.17 32.11
CA GLY B 193 -21.67 -25.92 31.58
C GLY B 193 -21.81 -26.63 30.25
N PRO B 194 -23.02 -26.65 29.69
CA PRO B 194 -23.23 -27.39 28.43
C PRO B 194 -22.38 -26.89 27.26
N ALA B 195 -22.00 -25.60 27.26
CA ALA B 195 -21.17 -25.07 26.18
C ALA B 195 -19.78 -25.72 26.12
N PHE B 196 -19.29 -26.24 27.26
CA PHE B 196 -17.97 -26.86 27.33
C PHE B 196 -17.59 -27.64 26.07
N LEU B 197 -18.47 -28.54 25.62
CA LEU B 197 -18.13 -29.35 24.45
C LEU B 197 -18.21 -28.54 23.15
N THR B 198 -19.19 -27.65 23.02
CA THR B 198 -19.33 -26.89 21.78
C THR B 198 -18.26 -25.83 21.66
N TRP B 199 -18.01 -25.11 22.75
CA TRP B 199 -16.95 -24.12 22.78
C TRP B 199 -15.61 -24.72 22.39
N HIS B 200 -15.26 -25.87 22.97
CA HIS B 200 -13.94 -26.44 22.68
C HIS B 200 -13.90 -27.07 21.30
N ARG B 201 -15.06 -27.49 20.79
CA ARG B 201 -15.16 -28.02 19.43
C ARG B 201 -14.80 -26.95 18.40
N TYR B 202 -15.41 -25.76 18.51
CA TYR B 202 -15.08 -24.66 17.61
C TYR B 202 -13.67 -24.11 17.88
N HIS B 203 -13.22 -24.15 19.14
CA HIS B 203 -11.84 -23.79 19.43
C HIS B 203 -10.90 -24.55 18.51
N LEU B 204 -11.07 -25.87 18.44
CA LEU B 204 -10.21 -26.69 17.60
C LEU B 204 -10.46 -26.46 16.12
N LEU B 205 -11.72 -26.23 15.75
CA LEU B 205 -12.04 -26.05 14.33
C LEU B 205 -11.32 -24.84 13.78
N ARG B 206 -11.39 -23.74 14.52
CA ARG B 206 -10.74 -22.51 14.16
C ARG B 206 -9.20 -22.66 14.15
N LEU B 207 -8.65 -23.48 15.05
CA LEU B 207 -7.20 -23.68 15.00
C LEU B 207 -6.83 -24.50 13.76
N GLU B 208 -7.59 -25.55 13.50
CA GLU B 208 -7.37 -26.39 12.32
C GLU B 208 -7.46 -25.57 11.04
N LYS B 209 -8.45 -24.71 10.93
CA LYS B 209 -8.60 -23.88 9.75
C LYS B 209 -7.42 -22.93 9.60
N ASP B 210 -7.04 -22.28 10.68
CA ASP B 210 -5.87 -21.42 10.63
C ASP B 210 -4.64 -22.18 10.18
N MET B 211 -4.51 -23.45 10.60
CA MET B 211 -3.29 -24.18 10.25
C MET B 211 -3.37 -24.74 8.85
N GLN B 212 -4.58 -25.02 8.36
CA GLN B 212 -4.70 -25.34 6.94
C GLN B 212 -4.19 -24.19 6.09
N GLU B 213 -4.67 -22.97 6.39
CA GLU B 213 -4.30 -21.82 5.57
C GLU B 213 -2.82 -21.51 5.68
N MET B 214 -2.26 -21.64 6.89
CA MET B 214 -0.82 -21.41 7.09
C MET B 214 0.01 -22.42 6.29
N LEU B 215 -0.34 -23.70 6.34
CA LEU B 215 0.37 -24.71 5.57
C LEU B 215 -0.02 -24.73 4.10
N GLN B 216 -1.04 -23.97 3.69
CA GLN B 216 -1.61 -24.12 2.36
C GLN B 216 -1.94 -25.59 2.06
N GLU B 217 -2.40 -26.28 3.09
CA GLU B 217 -2.71 -27.71 3.04
C GLU B 217 -4.14 -27.93 3.53
N PRO B 218 -5.11 -27.93 2.62
CA PRO B 218 -6.52 -28.10 2.99
C PRO B 218 -6.80 -29.25 3.93
N SER B 219 -6.33 -30.43 3.57
CA SER B 219 -6.67 -31.66 4.26
C SER B 219 -5.93 -31.81 5.57
N PHE B 220 -5.17 -30.81 6.00
CA PHE B 220 -4.47 -30.92 7.27
C PHE B 220 -5.51 -31.08 8.39
N SER B 221 -5.19 -31.96 9.33
CA SER B 221 -6.09 -32.23 10.43
C SER B 221 -5.31 -32.33 11.72
N LEU B 222 -5.99 -31.98 12.81
CA LEU B 222 -5.41 -32.17 14.14
C LEU B 222 -5.50 -33.65 14.52
N PRO B 223 -4.40 -34.26 14.91
CA PRO B 223 -4.45 -35.62 15.45
C PRO B 223 -4.93 -35.58 16.90
N TYR B 224 -5.21 -36.76 17.45
CA TYR B 224 -5.69 -36.81 18.83
C TYR B 224 -4.81 -37.65 19.71
N TRP B 225 -4.93 -37.37 21.01
CA TRP B 225 -4.30 -38.11 22.09
C TRP B 225 -5.35 -38.93 22.82
N ASN B 226 -5.26 -40.25 22.68
CA ASN B 226 -6.03 -41.14 23.54
C ASN B 226 -5.38 -41.16 24.92
N PHE B 227 -5.92 -40.37 25.84
CA PHE B 227 -5.44 -40.35 27.21
C PHE B 227 -6.14 -41.39 28.08
N ALA B 228 -7.06 -42.17 27.49
CA ALA B 228 -7.86 -43.12 28.26
C ALA B 228 -7.27 -44.54 28.17
N THR B 229 -6.02 -44.65 28.65
CA THR B 229 -5.24 -45.89 28.63
C THR B 229 -4.94 -46.42 30.02
N GLY B 230 -5.37 -45.73 31.07
CA GLY B 230 -4.96 -46.10 32.40
C GLY B 230 -3.48 -46.01 32.67
N LYS B 231 -2.75 -45.22 31.89
CA LYS B 231 -1.31 -45.17 32.01
C LYS B 231 -0.88 -44.24 33.13
N ASN B 232 0.28 -44.60 33.74
CA ASN B 232 1.02 -43.89 34.77
C ASN B 232 1.91 -42.81 34.17
N VAL B 233 2.05 -42.81 32.85
CA VAL B 233 3.00 -42.00 32.11
C VAL B 233 2.26 -41.37 30.94
N CYS B 234 2.87 -40.35 30.37
CA CYS B 234 2.32 -39.68 29.20
C CYS B 234 2.99 -40.24 27.96
N ASP B 235 2.27 -41.12 27.25
CA ASP B 235 2.81 -41.87 26.11
C ASP B 235 3.06 -41.01 24.88
N ILE B 236 2.74 -39.73 24.90
CA ILE B 236 3.08 -38.86 23.78
C ILE B 236 4.10 -37.81 24.19
N CYS B 237 4.67 -37.93 25.38
CA CYS B 237 5.67 -36.98 25.88
C CYS B 237 7.08 -37.48 25.51
N THR B 238 7.37 -37.44 24.20
CA THR B 238 8.59 -37.98 23.64
C THR B 238 9.17 -36.98 22.66
N ASP B 239 10.50 -36.88 22.59
CA ASP B 239 11.10 -35.80 21.79
C ASP B 239 10.73 -35.86 20.31
N ASP B 240 10.11 -36.94 19.82
CA ASP B 240 9.52 -36.89 18.50
C ASP B 240 8.04 -36.48 18.52
N LEU B 241 7.48 -36.16 19.70
CA LEU B 241 6.09 -35.69 19.84
C LEU B 241 5.95 -34.97 21.18
N MET B 242 5.77 -33.65 21.19
CA MET B 242 5.33 -32.94 22.42
C MET B 242 6.39 -32.85 23.49
N GLY B 243 7.53 -33.52 23.30
CA GLY B 243 8.63 -33.43 24.22
C GLY B 243 8.54 -34.33 25.43
N SER B 244 9.67 -34.94 25.75
CA SER B 244 9.83 -35.65 27.00
C SER B 244 10.33 -34.70 28.06
N ARG B 245 10.56 -35.25 29.24
CA ARG B 245 10.98 -34.47 30.37
C ARG B 245 12.43 -34.02 30.19
N SER B 246 12.69 -32.76 30.52
CA SER B 246 14.07 -32.30 30.56
C SER B 246 14.87 -33.06 31.61
N ASN B 247 16.09 -33.46 31.25
CA ASN B 247 17.02 -34.07 32.22
C ASN B 247 17.60 -33.04 33.20
N PHE B 248 17.51 -31.75 32.91
CA PHE B 248 18.11 -30.75 33.77
C PHE B 248 17.10 -30.04 34.67
N ASP B 249 15.81 -30.13 34.35
CA ASP B 249 14.77 -29.75 35.29
C ASP B 249 13.52 -30.54 34.93
N SER B 250 13.09 -31.35 35.90
CA SER B 250 12.01 -32.30 35.73
C SER B 250 10.68 -31.66 35.35
N THR B 251 10.46 -30.40 35.69
CA THR B 251 9.19 -29.76 35.37
C THR B 251 9.25 -28.94 34.10
N LEU B 252 10.37 -28.96 33.38
CA LEU B 252 10.50 -28.37 32.06
C LEU B 252 10.42 -29.46 30.99
N ILE B 253 10.45 -29.01 29.72
CA ILE B 253 10.43 -29.89 28.55
C ILE B 253 11.86 -30.07 28.05
N SER B 254 12.12 -31.26 27.50
CA SER B 254 13.46 -31.61 27.07
C SER B 254 14.00 -30.56 26.11
N PRO B 255 15.27 -30.16 26.25
CA PRO B 255 15.88 -29.25 25.27
C PRO B 255 15.97 -29.85 23.86
N ASN B 256 15.65 -31.12 23.68
CA ASN B 256 15.62 -31.73 22.36
C ASN B 256 14.24 -31.66 21.70
N SER B 257 13.24 -31.01 22.32
CA SER B 257 11.97 -30.75 21.65
C SER B 257 11.79 -29.26 21.43
N VAL B 258 11.23 -28.89 20.29
CA VAL B 258 10.99 -27.46 20.04
C VAL B 258 10.05 -26.85 21.06
N PHE B 259 9.19 -27.65 21.69
CA PHE B 259 8.27 -27.08 22.67
C PHE B 259 9.01 -26.59 23.90
N SER B 260 10.25 -27.00 24.09
CA SER B 260 11.08 -26.40 25.12
C SER B 260 11.41 -24.95 24.83
N GLN B 261 11.19 -24.48 23.60
CA GLN B 261 11.42 -23.10 23.24
C GLN B 261 10.17 -22.23 23.37
N TRP B 262 9.01 -22.82 23.66
CA TRP B 262 7.78 -22.05 23.73
C TRP B 262 7.73 -21.25 25.01
N ARG B 263 7.22 -20.04 24.89
CA ARG B 263 6.97 -19.17 26.02
C ARG B 263 5.48 -18.85 26.04
N VAL B 264 4.91 -18.90 27.24
CA VAL B 264 3.46 -18.90 27.43
C VAL B 264 2.92 -17.47 27.46
N VAL B 265 1.73 -17.32 26.93
CA VAL B 265 0.99 -16.08 27.09
C VAL B 265 -0.02 -16.27 28.21
N CYS B 266 -0.45 -15.14 28.79
CA CYS B 266 -1.62 -15.05 29.68
C CYS B 266 -1.35 -15.48 31.11
N ASP B 267 -0.11 -15.40 31.54
CA ASP B 267 0.31 -15.99 32.80
C ASP B 267 0.20 -15.01 33.96
N SER B 268 -0.21 -13.76 33.70
CA SER B 268 -0.14 -12.72 34.72
C SER B 268 -1.53 -12.35 35.22
N LEU B 269 -2.28 -13.33 35.74
CA LEU B 269 -3.64 -13.06 36.18
C LEU B 269 -3.70 -11.92 37.18
N GLU B 270 -2.77 -11.89 38.10
CA GLU B 270 -2.89 -10.80 39.05
C GLU B 270 -2.46 -9.44 38.46
N ASP B 271 -2.31 -9.31 37.14
CA ASP B 271 -2.33 -8.01 36.49
C ASP B 271 -3.66 -7.75 35.81
N TYR B 272 -4.19 -8.76 35.12
CA TYR B 272 -5.43 -8.60 34.36
C TYR B 272 -6.63 -8.44 35.30
N ASP B 273 -6.60 -9.14 36.42
CA ASP B 273 -7.71 -9.13 37.36
C ASP B 273 -7.56 -8.04 38.42
N THR B 274 -6.43 -7.34 38.43
CA THR B 274 -6.15 -6.25 39.36
C THR B 274 -6.14 -4.90 38.69
N LEU B 275 -5.53 -4.79 37.50
CA LEU B 275 -5.55 -3.56 36.72
C LEU B 275 -6.71 -3.49 35.74
N GLY B 276 -7.44 -4.58 35.52
CA GLY B 276 -8.48 -4.56 34.52
C GLY B 276 -7.95 -4.54 33.11
N THR B 277 -6.73 -5.02 32.93
CA THR B 277 -6.15 -5.25 31.62
C THR B 277 -6.50 -6.66 31.15
N LEU B 278 -6.20 -6.92 29.89
CA LEU B 278 -6.33 -8.25 29.35
C LEU B 278 -4.94 -8.80 29.03
N CYS B 279 -4.87 -10.12 29.00
CA CYS B 279 -3.69 -10.82 28.49
C CYS B 279 -3.28 -10.26 27.11
N ASN B 280 -1.98 -10.02 26.95
CA ASN B 280 -1.48 -9.49 25.69
C ASN B 280 -0.51 -10.48 25.04
N SER B 281 0.13 -10.03 23.96
CA SER B 281 0.92 -10.95 23.17
C SER B 281 2.32 -11.18 23.72
N THR B 282 2.76 -10.42 24.73
CA THR B 282 4.11 -10.64 25.26
C THR B 282 4.15 -12.00 25.95
N GLU B 283 5.02 -12.88 25.47
CA GLU B 283 5.18 -14.18 26.09
C GLU B 283 6.01 -14.07 27.36
N ASP B 284 5.90 -15.09 28.21
CA ASP B 284 6.63 -15.11 29.46
C ASP B 284 7.44 -16.40 29.61
N GLY B 285 7.25 -17.13 30.72
CA GLY B 285 8.06 -18.28 31.02
C GLY B 285 7.83 -19.45 30.08
N PRO B 286 8.46 -20.58 30.37
CA PRO B 286 8.28 -21.78 29.55
C PRO B 286 7.12 -22.62 30.05
N ILE B 287 6.69 -23.55 29.21
CA ILE B 287 5.74 -24.57 29.63
C ILE B 287 6.31 -25.39 30.78
N ARG B 288 5.48 -25.69 31.76
CA ARG B 288 5.83 -26.62 32.84
C ARG B 288 4.95 -27.81 32.73
N ARG B 289 5.55 -28.98 32.60
CA ARG B 289 4.80 -30.21 32.54
C ARG B 289 5.51 -31.23 33.44
N ASN B 290 4.73 -31.97 34.22
CA ASN B 290 5.27 -32.88 35.22
C ASN B 290 4.31 -34.06 35.35
N PRO B 291 4.24 -34.91 34.33
CA PRO B 291 3.21 -35.97 34.32
C PRO B 291 3.35 -36.92 35.50
N ALA B 292 2.21 -37.26 36.10
CA ALA B 292 2.07 -38.08 37.30
C ALA B 292 2.81 -37.52 38.52
N GLY B 293 3.14 -36.23 38.50
CA GLY B 293 3.91 -35.63 39.57
C GLY B 293 3.13 -34.92 40.67
N ASN B 294 1.79 -35.00 40.72
CA ASN B 294 1.11 -34.37 41.86
C ASN B 294 1.06 -35.40 42.97
N VAL B 295 2.13 -35.43 43.75
CA VAL B 295 2.20 -36.18 44.99
C VAL B 295 0.97 -35.92 45.87
N ALA B 296 0.68 -34.63 46.13
CA ALA B 296 -0.38 -34.27 47.07
C ALA B 296 -1.72 -34.90 46.69
N ARG B 297 -2.01 -35.02 45.40
CA ARG B 297 -3.26 -35.63 44.94
C ARG B 297 -2.95 -36.91 44.17
N PRO B 298 -2.83 -38.03 44.87
CA PRO B 298 -2.59 -39.30 44.19
C PRO B 298 -3.65 -39.66 43.16
N MET B 299 -4.88 -39.15 43.30
CA MET B 299 -5.91 -39.45 42.32
C MET B 299 -5.56 -38.90 40.93
N VAL B 300 -4.84 -37.78 40.86
CA VAL B 300 -4.58 -37.15 39.57
C VAL B 300 -3.20 -37.57 39.06
N GLN B 301 -2.73 -38.75 39.50
CA GLN B 301 -1.44 -39.30 39.08
C GLN B 301 -1.57 -40.45 38.11
N ARG B 302 -2.75 -40.70 37.57
CA ARG B 302 -2.90 -41.74 36.56
C ARG B 302 -4.03 -41.31 35.62
N LEU B 303 -3.92 -41.69 34.36
CA LEU B 303 -4.85 -41.22 33.35
C LEU B 303 -6.14 -42.02 33.42
N PRO B 304 -7.19 -41.55 32.73
CA PRO B 304 -8.42 -42.36 32.65
C PRO B 304 -8.17 -43.76 32.14
N GLU B 305 -9.00 -44.68 32.60
CA GLU B 305 -8.97 -46.03 32.12
C GLU B 305 -9.90 -46.18 30.93
N PRO B 306 -9.62 -47.14 30.04
CA PRO B 306 -10.42 -47.25 28.81
C PRO B 306 -11.91 -47.43 29.08
N GLN B 307 -12.28 -48.05 30.20
CA GLN B 307 -13.70 -48.28 30.46
C GLN B 307 -14.42 -47.00 30.85
N ASP B 308 -13.67 -45.97 31.25
CA ASP B 308 -14.28 -44.68 31.54
C ASP B 308 -14.91 -44.04 30.31
N VAL B 309 -14.23 -44.10 29.17
CA VAL B 309 -14.84 -43.66 27.92
C VAL B 309 -16.09 -44.48 27.62
N ALA B 310 -16.04 -45.78 27.94
CA ALA B 310 -17.16 -46.67 27.63
C ALA B 310 -18.32 -46.42 28.57
N GLN B 311 -18.03 -46.15 29.84
CA GLN B 311 -19.09 -45.82 30.80
C GLN B 311 -19.75 -44.48 30.47
N CYS B 312 -18.97 -43.43 30.18
CA CYS B 312 -19.55 -42.10 29.97
C CYS B 312 -20.36 -42.03 28.70
N LEU B 313 -20.07 -42.91 27.75
CA LEU B 313 -20.77 -42.87 26.49
C LEU B 313 -22.11 -43.63 26.57
N GLU B 314 -22.51 -44.03 27.77
CA GLU B 314 -23.85 -44.53 28.02
C GLU B 314 -24.71 -43.54 28.78
N VAL B 315 -24.13 -42.46 29.29
CA VAL B 315 -24.92 -41.40 29.90
C VAL B 315 -25.68 -40.70 28.77
N GLY B 316 -26.98 -41.01 28.65
CA GLY B 316 -27.81 -40.60 27.53
C GLY B 316 -28.50 -39.26 27.65
N LEU B 317 -28.33 -38.55 28.76
CA LEU B 317 -28.74 -37.15 28.89
C LEU B 317 -27.53 -36.28 28.63
N PHE B 318 -27.63 -35.39 27.64
CA PHE B 318 -26.48 -34.54 27.34
C PHE B 318 -26.11 -33.68 28.54
N ASP B 319 -27.09 -33.02 29.14
CA ASP B 319 -26.82 -32.28 30.35
C ASP B 319 -28.05 -32.35 31.24
N THR B 320 -27.90 -31.90 32.48
CA THR B 320 -28.91 -31.97 33.51
C THR B 320 -28.77 -30.72 34.37
N PRO B 321 -29.88 -30.22 34.94
CA PRO B 321 -29.87 -29.05 35.84
C PRO B 321 -28.96 -29.28 37.04
N PRO B 322 -28.42 -28.20 37.62
CA PRO B 322 -28.52 -26.80 37.18
C PRO B 322 -27.57 -26.45 35.99
N PHE B 323 -27.05 -27.50 35.32
CA PHE B 323 -26.18 -27.35 34.16
C PHE B 323 -24.89 -26.69 34.60
N TYR B 324 -24.22 -27.34 35.54
CA TYR B 324 -23.04 -26.78 36.16
C TYR B 324 -22.07 -27.92 36.46
N SER B 325 -21.00 -27.61 37.18
CA SER B 325 -20.01 -28.65 37.46
C SER B 325 -20.48 -29.63 38.52
N ASN B 326 -21.63 -29.39 39.20
CA ASN B 326 -22.26 -30.38 40.08
C ASN B 326 -23.51 -31.03 39.49
N SER B 327 -23.63 -31.09 38.16
CA SER B 327 -24.72 -31.86 37.54
C SER B 327 -24.43 -33.37 37.60
N THR B 328 -25.48 -34.16 37.81
CA THR B 328 -25.39 -35.61 37.81
C THR B 328 -26.22 -36.15 36.67
N ASN B 329 -25.88 -37.37 36.25
CA ASN B 329 -26.48 -38.01 35.08
C ASN B 329 -26.31 -37.18 33.83
N SER B 330 -25.30 -36.33 33.83
CA SER B 330 -25.02 -35.40 32.76
C SER B 330 -23.85 -35.94 31.95
N PHE B 331 -24.07 -36.21 30.66
CA PHE B 331 -22.97 -36.65 29.82
C PHE B 331 -21.90 -35.58 29.70
N ARG B 332 -22.32 -34.32 29.58
CA ARG B 332 -21.37 -33.21 29.49
C ARG B 332 -20.50 -33.16 30.73
N ASN B 333 -21.12 -33.25 31.91
CA ASN B 333 -20.34 -33.08 33.13
C ASN B 333 -19.46 -34.29 33.37
N THR B 334 -19.85 -35.44 32.82
CA THR B 334 -19.05 -36.64 33.05
C THR B 334 -17.77 -36.59 32.25
N VAL B 335 -17.89 -36.36 30.95
CA VAL B 335 -16.71 -36.34 30.12
C VAL B 335 -15.89 -35.07 30.35
N GLU B 336 -16.54 -33.95 30.65
CA GLU B 336 -15.77 -32.81 31.14
C GLU B 336 -14.90 -33.23 32.32
N GLY B 337 -15.41 -34.11 33.18
CA GLY B 337 -14.64 -34.76 34.21
C GLY B 337 -14.92 -34.40 35.67
N TYR B 338 -16.11 -33.84 35.96
CA TYR B 338 -16.56 -33.63 37.33
C TYR B 338 -17.49 -34.72 37.83
N SER B 339 -18.11 -35.47 36.93
CA SER B 339 -18.88 -36.64 37.31
C SER B 339 -17.99 -37.87 37.23
N ASP B 340 -18.28 -38.83 38.09
CA ASP B 340 -17.68 -40.15 37.97
C ASP B 340 -18.09 -40.75 36.61
N PRO B 341 -17.23 -41.56 35.97
CA PRO B 341 -17.53 -42.03 34.61
C PRO B 341 -18.90 -42.68 34.41
N THR B 342 -19.55 -43.14 35.47
CA THR B 342 -20.90 -43.69 35.35
C THR B 342 -21.94 -42.59 35.14
N GLY B 343 -21.56 -41.33 35.31
CA GLY B 343 -22.49 -40.23 35.23
C GLY B 343 -22.98 -39.75 36.58
N LYS B 344 -22.38 -40.24 37.67
CA LYS B 344 -22.79 -39.87 39.02
C LYS B 344 -21.82 -38.81 39.53
N TYR B 345 -22.32 -37.59 39.69
CA TYR B 345 -21.48 -36.53 40.22
C TYR B 345 -20.97 -36.90 41.61
N ASP B 346 -19.82 -36.34 41.97
CA ASP B 346 -19.23 -36.49 43.29
C ASP B 346 -18.09 -35.50 43.45
N PRO B 347 -18.16 -34.60 44.43
CA PRO B 347 -17.16 -33.51 44.52
C PRO B 347 -15.72 -33.99 44.68
N ALA B 348 -15.48 -35.25 44.99
CA ALA B 348 -14.12 -35.76 45.10
C ALA B 348 -13.60 -36.37 43.80
N VAL B 349 -14.48 -36.65 42.85
CA VAL B 349 -14.08 -37.23 41.57
C VAL B 349 -13.45 -36.17 40.68
N ARG B 350 -12.32 -36.53 40.05
CA ARG B 350 -11.88 -35.91 38.81
C ARG B 350 -11.66 -37.04 37.83
N SER B 351 -12.20 -36.91 36.64
CA SER B 351 -12.20 -38.02 35.71
C SER B 351 -12.07 -37.46 34.31
N LEU B 352 -11.79 -38.34 33.36
CA LEU B 352 -11.69 -38.00 31.94
C LEU B 352 -10.95 -36.67 31.71
N HIS B 353 -11.64 -35.68 31.13
CA HIS B 353 -10.96 -34.49 30.61
C HIS B 353 -10.26 -33.71 31.72
N ASN B 354 -10.97 -33.41 32.81
CA ASN B 354 -10.32 -32.74 33.93
C ASN B 354 -9.12 -33.54 34.44
N LEU B 355 -9.28 -34.88 34.52
CA LEU B 355 -8.20 -35.77 34.96
C LEU B 355 -6.98 -35.67 34.06
N ALA B 356 -7.19 -35.76 32.74
CA ALA B 356 -6.08 -35.60 31.80
C ALA B 356 -5.33 -34.28 32.03
N HIS B 357 -6.09 -33.21 32.17
CA HIS B 357 -5.56 -31.88 32.41
C HIS B 357 -4.66 -31.91 33.67
N LEU B 358 -5.17 -32.33 34.83
CA LEU B 358 -4.44 -32.31 36.10
C LEU B 358 -3.34 -33.37 36.13
N PHE B 359 -3.49 -34.43 35.35
CA PHE B 359 -2.44 -35.42 35.21
C PHE B 359 -1.12 -34.80 34.75
N LEU B 360 -1.16 -33.87 33.79
CA LEU B 360 0.06 -33.26 33.27
C LEU B 360 0.78 -32.44 34.33
N ASN B 361 0.07 -32.09 35.41
CA ASN B 361 0.44 -31.25 36.55
C ASN B 361 1.42 -30.13 36.14
N GLY B 362 0.89 -28.98 35.74
CA GLY B 362 1.67 -27.82 35.32
C GLY B 362 0.80 -26.95 34.45
N THR B 363 1.44 -26.31 33.49
CA THR B 363 0.77 -25.41 32.58
C THR B 363 -0.47 -26.04 31.97
N GLY B 364 -0.40 -27.33 31.66
CA GLY B 364 -1.57 -27.95 31.06
C GLY B 364 -2.73 -28.20 32.00
N GLY B 365 -2.54 -28.10 33.32
CA GLY B 365 -3.60 -28.34 34.26
C GLY B 365 -4.23 -27.09 34.83
N GLN B 366 -3.86 -25.93 34.33
CA GLN B 366 -4.43 -24.69 34.76
C GLN B 366 -5.31 -24.19 33.67
N THR B 367 -6.47 -23.70 34.02
CA THR B 367 -7.53 -23.50 33.06
C THR B 367 -7.29 -22.29 32.20
N HIS B 368 -6.70 -21.28 32.78
CA HIS B 368 -6.35 -20.09 32.03
C HIS B 368 -5.13 -20.24 31.13
N LEU B 369 -4.14 -21.01 31.56
CA LEU B 369 -2.97 -21.26 30.76
C LEU B 369 -3.00 -22.49 29.89
N SER B 370 -3.80 -23.47 30.23
CA SER B 370 -3.61 -24.81 29.70
C SER B 370 -3.33 -24.89 28.19
N PRO B 371 -3.98 -24.13 27.29
CA PRO B 371 -3.64 -24.30 25.87
C PRO B 371 -2.19 -24.00 25.56
N ASN B 372 -1.46 -23.31 26.46
CA ASN B 372 -0.04 -23.09 26.25
C ASN B 372 0.74 -24.40 26.14
N ASP B 373 0.30 -25.48 26.76
CA ASP B 373 0.91 -26.76 26.49
C ASP B 373 0.22 -27.38 25.29
N PRO B 374 0.92 -27.61 24.18
CA PRO B 374 0.25 -28.11 22.98
C PRO B 374 -0.36 -29.47 23.16
N ILE B 375 -0.06 -30.18 24.25
CA ILE B 375 -0.80 -31.41 24.50
C ILE B 375 -2.30 -31.11 24.53
N PHE B 376 -2.66 -29.90 24.99
CA PHE B 376 -4.03 -29.40 24.98
C PHE B 376 -4.77 -29.77 23.70
N VAL B 377 -4.23 -29.35 22.55
CA VAL B 377 -4.82 -29.65 21.25
C VAL B 377 -5.25 -31.11 21.17
N LEU B 378 -4.32 -32.01 21.50
CA LEU B 378 -4.52 -33.45 21.37
C LEU B 378 -5.48 -33.98 22.44
N LEU B 379 -5.33 -33.49 23.69
CA LEU B 379 -6.32 -33.67 24.73
C LEU B 379 -7.73 -33.38 24.21
N HIS B 380 -7.88 -32.30 23.46
CA HIS B 380 -9.22 -31.79 23.20
C HIS B 380 -9.83 -32.30 21.91
N THR B 381 -9.01 -32.72 20.95
CA THR B 381 -9.57 -33.49 19.84
C THR B 381 -10.06 -34.85 20.31
N PHE B 382 -9.45 -35.40 21.37
CA PHE B 382 -9.92 -36.69 21.85
C PHE B 382 -11.21 -36.54 22.60
N THR B 383 -11.28 -35.53 23.47
CA THR B 383 -12.55 -35.13 24.06
C THR B 383 -13.57 -34.79 22.98
N ASP B 384 -13.14 -34.14 21.89
CA ASP B 384 -14.10 -33.87 20.82
C ASP B 384 -14.59 -35.16 20.15
N ALA B 385 -13.77 -36.21 20.14
CA ALA B 385 -14.19 -37.46 19.51
C ALA B 385 -15.21 -38.19 20.36
N VAL B 386 -15.03 -38.13 21.69
CA VAL B 386 -16.01 -38.64 22.64
C VAL B 386 -17.34 -37.90 22.52
N PHE B 387 -17.26 -36.58 22.34
CA PHE B 387 -18.46 -35.76 22.13
C PHE B 387 -19.13 -36.11 20.82
N ASP B 388 -18.35 -36.36 19.77
CA ASP B 388 -18.96 -36.65 18.47
C ASP B 388 -19.49 -38.07 18.44
N GLU B 389 -18.89 -38.98 19.22
CA GLU B 389 -19.43 -40.34 19.33
C GLU B 389 -20.77 -40.31 20.03
N TRP B 390 -20.86 -39.59 21.15
CA TRP B 390 -22.13 -39.43 21.82
C TRP B 390 -23.18 -38.92 20.85
N LEU B 391 -22.83 -37.89 20.08
CA LEU B 391 -23.76 -37.32 19.10
C LEU B 391 -24.23 -38.39 18.10
N ARG B 392 -23.37 -39.32 17.72
CA ARG B 392 -23.84 -40.30 16.76
C ARG B 392 -24.74 -41.35 17.42
N ARG B 393 -24.45 -41.74 18.66
CA ARG B 393 -25.28 -42.77 19.27
C ARG B 393 -26.57 -42.22 19.84
N TYR B 394 -26.65 -40.91 20.08
CA TYR B 394 -27.89 -40.31 20.55
C TYR B 394 -28.43 -39.31 19.55
N ASN B 395 -28.06 -39.48 18.28
CA ASN B 395 -28.58 -38.72 17.16
C ASN B 395 -28.74 -37.24 17.49
N ALA B 396 -27.70 -36.70 18.12
CA ALA B 396 -27.60 -35.25 18.35
C ALA B 396 -28.84 -34.71 19.04
N ASP B 397 -29.43 -35.50 19.93
CA ASP B 397 -30.53 -35.03 20.76
C ASP B 397 -30.07 -33.83 21.57
N ILE B 398 -30.52 -32.62 21.17
CA ILE B 398 -30.15 -31.37 21.82
C ILE B 398 -31.16 -30.90 22.86
N SER B 399 -32.31 -31.59 22.98
CA SER B 399 -33.38 -31.13 23.86
C SER B 399 -32.90 -30.86 25.27
N THR B 400 -31.90 -31.60 25.73
CA THR B 400 -31.37 -31.41 27.06
C THR B 400 -30.45 -30.21 27.14
N PHE B 401 -29.96 -29.71 26.01
CA PHE B 401 -29.14 -28.51 26.00
C PHE B 401 -30.04 -27.33 26.28
N PRO B 402 -29.87 -26.64 27.39
CA PRO B 402 -30.85 -25.61 27.77
C PRO B 402 -30.81 -24.41 26.84
N LEU B 403 -32.02 -23.90 26.54
CA LEU B 403 -32.19 -22.60 25.89
C LEU B 403 -32.10 -21.46 26.87
N GLU B 404 -32.28 -21.73 28.16
CA GLU B 404 -32.18 -20.70 29.18
C GLU B 404 -31.81 -21.34 30.52
N ASN B 405 -31.48 -20.48 31.48
CA ASN B 405 -31.14 -20.82 32.86
C ASN B 405 -29.78 -21.51 33.01
N ALA B 406 -29.08 -21.81 31.91
CA ALA B 406 -27.71 -22.27 32.02
C ALA B 406 -26.84 -21.13 32.54
N PRO B 407 -25.62 -21.43 33.03
CA PRO B 407 -24.73 -20.33 33.44
C PRO B 407 -24.42 -19.43 32.26
N ILE B 408 -24.13 -18.16 32.55
CA ILE B 408 -23.96 -17.20 31.46
C ILE B 408 -22.86 -17.67 30.52
N GLY B 409 -23.14 -17.61 29.22
CA GLY B 409 -22.29 -18.19 28.24
C GLY B 409 -22.75 -19.54 27.75
N HIS B 410 -23.55 -20.25 28.52
CA HIS B 410 -23.86 -21.65 28.19
C HIS B 410 -25.28 -21.84 27.65
N ASN B 411 -26.05 -20.78 27.42
CA ASN B 411 -27.33 -20.98 26.77
C ASN B 411 -27.15 -21.45 25.33
N ARG B 412 -28.03 -22.34 24.89
CA ARG B 412 -27.97 -22.90 23.54
C ARG B 412 -27.75 -21.84 22.45
N GLN B 413 -28.41 -20.68 22.54
CA GLN B 413 -28.26 -19.62 21.53
C GLN B 413 -27.24 -18.57 21.89
N TYR B 414 -26.41 -18.80 22.91
CA TYR B 414 -25.35 -17.86 23.23
C TYR B 414 -24.24 -17.93 22.18
N ASN B 415 -23.79 -16.77 21.71
CA ASN B 415 -22.63 -16.77 20.82
C ASN B 415 -21.38 -17.12 21.63
N MET B 416 -20.71 -18.21 21.22
CA MET B 416 -19.57 -18.71 21.98
C MET B 416 -18.47 -17.67 22.06
N VAL B 417 -18.11 -17.30 23.29
CA VAL B 417 -17.24 -16.16 23.55
C VAL B 417 -15.77 -16.58 23.60
N PRO B 418 -14.87 -15.82 22.92
CA PRO B 418 -15.15 -14.63 22.12
C PRO B 418 -14.93 -14.89 20.63
N PHE B 419 -15.54 -15.93 20.10
CA PHE B 419 -15.31 -16.29 18.70
C PHE B 419 -15.89 -15.26 17.72
N TRP B 420 -15.24 -15.15 16.58
CA TRP B 420 -15.74 -14.28 15.49
C TRP B 420 -15.65 -14.98 14.13
N PRO B 421 -16.67 -14.79 13.26
CA PRO B 421 -17.97 -14.11 13.47
C PRO B 421 -18.81 -14.80 14.55
N PRO B 422 -19.88 -14.15 15.05
CA PRO B 422 -20.69 -14.78 16.11
C PRO B 422 -21.11 -16.19 15.74
N VAL B 423 -20.99 -17.12 16.69
CA VAL B 423 -21.39 -18.50 16.43
C VAL B 423 -21.92 -19.12 17.73
N THR B 424 -23.09 -19.72 17.66
CA THR B 424 -23.72 -20.25 18.86
C THR B 424 -23.42 -21.72 19.08
N ASN B 425 -23.63 -22.15 20.32
CA ASN B 425 -23.50 -23.55 20.69
C ASN B 425 -24.27 -24.47 19.74
N THR B 426 -25.42 -24.00 19.23
CA THR B 426 -26.27 -24.88 18.42
C THR B 426 -25.54 -25.38 17.19
N GLU B 427 -24.83 -24.48 16.51
CA GLU B 427 -24.22 -24.82 15.23
C GLU B 427 -23.13 -25.88 15.36
N MET B 428 -22.53 -26.01 16.55
CA MET B 428 -21.59 -27.09 16.85
C MET B 428 -22.27 -28.40 17.26
N PHE B 429 -23.56 -28.39 17.59
CA PHE B 429 -24.22 -29.60 18.10
C PHE B 429 -24.68 -30.49 16.93
N VAL B 430 -23.71 -31.05 16.22
CA VAL B 430 -23.99 -31.80 15.00
C VAL B 430 -22.96 -32.92 14.86
N THR B 431 -23.37 -34.00 14.20
CA THR B 431 -22.41 -35.04 13.85
C THR B 431 -21.31 -34.42 12.98
N ALA B 432 -20.06 -34.52 13.41
CA ALA B 432 -19.01 -33.83 12.69
C ALA B 432 -18.83 -34.35 11.27
N PRO B 433 -18.94 -35.64 10.98
CA PRO B 433 -18.60 -36.12 9.63
C PRO B 433 -19.50 -35.60 8.53
N ASP B 434 -20.74 -35.22 8.82
CA ASP B 434 -21.64 -34.76 7.79
C ASP B 434 -21.95 -33.28 7.91
N ASN B 435 -21.58 -32.63 9.00
CA ASN B 435 -21.88 -31.23 9.18
C ASN B 435 -20.66 -30.33 9.24
N LEU B 436 -19.50 -30.87 9.56
CA LEU B 436 -18.33 -30.05 9.85
C LEU B 436 -17.10 -30.53 9.09
N GLY B 437 -17.25 -31.48 8.18
CA GLY B 437 -16.17 -31.94 7.33
C GLY B 437 -15.07 -32.75 7.99
N TYR B 438 -15.24 -33.23 9.21
CA TYR B 438 -14.20 -34.07 9.76
C TYR B 438 -14.79 -35.27 10.47
N THR B 439 -14.01 -36.34 10.53
CA THR B 439 -14.40 -37.52 11.26
C THR B 439 -13.19 -38.03 12.02
N TYR B 440 -13.39 -39.00 12.90
CA TYR B 440 -12.31 -39.57 13.71
C TYR B 440 -12.08 -41.02 13.35
N GLU B 441 -10.84 -41.36 12.99
CA GLU B 441 -10.47 -42.78 12.91
C GLU B 441 -10.19 -43.27 14.33
N ILE B 442 -11.18 -43.92 14.91
CA ILE B 442 -11.27 -44.18 16.36
C ILE B 442 -12.13 -45.42 16.59
N GLN B 443 -11.61 -46.36 17.37
CA GLN B 443 -12.37 -47.52 17.76
C GLN B 443 -12.68 -47.43 19.25
N TRP B 444 -13.92 -47.58 19.60
CA TRP B 444 -14.31 -47.48 21.00
C TRP B 444 -14.47 -48.87 21.62
N PRO B 445 -14.35 -48.97 22.95
CA PRO B 445 -14.57 -50.27 23.60
C PRO B 445 -15.97 -50.83 23.43
N SER B 446 -16.22 -52.02 23.97
CA SER B 446 -17.57 -52.57 23.94
C SER B 446 -17.96 -52.98 25.35
N GLN C 1 6.61 -12.42 -17.33
CA GLN C 1 7.14 -11.79 -16.12
C GLN C 1 7.63 -10.37 -16.33
N PHE C 2 8.31 -9.81 -15.34
CA PHE C 2 8.25 -8.38 -15.12
C PHE C 2 9.61 -7.73 -15.23
N PRO C 3 9.65 -6.43 -15.56
CA PRO C 3 10.92 -5.70 -15.49
C PRO C 3 11.51 -5.84 -14.11
N ARG C 4 12.85 -5.92 -14.05
CA ARG C 4 13.48 -6.10 -12.74
C ARG C 4 13.19 -4.92 -11.83
N GLN C 5 12.96 -3.73 -12.39
CA GLN C 5 12.64 -2.53 -11.60
C GLN C 5 11.31 -2.67 -10.86
N CYS C 6 10.38 -3.45 -11.40
CA CYS C 6 9.10 -3.73 -10.77
C CYS C 6 9.15 -4.92 -9.82
N ALA C 7 10.12 -5.81 -9.96
CA ALA C 7 10.19 -6.95 -9.06
C ALA C 7 10.73 -6.53 -7.70
N THR C 8 10.21 -5.44 -7.17
CA THR C 8 10.55 -4.98 -5.84
C THR C 8 9.33 -5.08 -4.92
N VAL C 9 9.61 -4.95 -3.63
CA VAL C 9 8.51 -4.86 -2.68
C VAL C 9 7.59 -3.69 -3.03
N GLU C 10 8.18 -2.58 -3.48
CA GLU C 10 7.42 -1.34 -3.64
C GLU C 10 6.46 -1.42 -4.83
N ALA C 11 6.96 -1.82 -6.00
CA ALA C 11 6.08 -1.96 -7.16
C ALA C 11 5.01 -3.01 -6.92
N LEU C 12 5.40 -4.17 -6.37
CA LEU C 12 4.44 -5.24 -6.11
C LEU C 12 3.36 -4.78 -5.14
N ARG C 13 3.76 -4.04 -4.11
CA ARG C 13 2.76 -3.55 -3.17
C ARG C 13 1.90 -2.47 -3.79
N SER C 14 2.51 -1.56 -4.56
CA SER C 14 1.70 -0.50 -5.14
C SER C 14 0.89 -0.98 -6.33
N GLY C 15 1.17 -2.17 -6.86
CA GLY C 15 0.45 -2.65 -8.02
C GLY C 15 0.76 -1.86 -9.25
N MET C 16 1.83 -1.09 -9.23
CA MET C 16 2.22 -0.22 -10.32
C MET C 16 3.57 -0.66 -10.86
N CYS C 17 3.60 -1.02 -12.14
CA CYS C 17 4.83 -1.34 -12.85
C CYS C 17 4.96 -0.27 -13.93
N CYS C 18 5.52 0.87 -13.54
CA CYS C 18 5.64 2.03 -14.41
C CYS C 18 7.04 2.61 -14.25
N PRO C 19 8.06 1.89 -14.74
CA PRO C 19 9.43 2.33 -14.51
C PRO C 19 9.74 3.62 -15.29
N ASP C 20 10.82 4.27 -14.85
CA ASP C 20 11.27 5.49 -15.51
C ASP C 20 11.97 5.19 -16.84
N LEU C 21 11.94 6.17 -17.74
CA LEU C 21 12.75 6.11 -18.95
C LEU C 21 13.98 7.01 -18.86
N SER C 22 13.79 8.31 -18.61
CA SER C 22 14.92 9.22 -18.40
C SER C 22 14.82 9.82 -17.01
N PRO C 23 15.14 9.03 -15.97
CA PRO C 23 15.02 9.50 -14.58
C PRO C 23 15.98 10.62 -14.22
N VAL C 24 15.94 11.76 -14.92
CA VAL C 24 16.98 12.75 -14.71
C VAL C 24 16.70 13.62 -13.49
N SER C 25 15.42 13.92 -13.24
CA SER C 25 15.06 14.77 -12.12
C SER C 25 14.75 14.00 -10.83
N GLY C 26 14.88 12.67 -10.84
CA GLY C 26 14.64 11.89 -9.64
C GLY C 26 13.79 10.66 -9.89
N PRO C 27 13.75 9.76 -8.91
CA PRO C 27 12.99 8.51 -9.11
C PRO C 27 11.49 8.78 -9.15
N GLY C 28 10.85 8.34 -10.22
CA GLY C 28 9.45 8.61 -10.44
C GLY C 28 9.13 9.85 -11.27
N THR C 29 10.15 10.64 -11.65
CA THR C 29 9.94 11.87 -12.40
C THR C 29 9.55 11.63 -13.86
N ASP C 30 9.88 10.46 -14.39
CA ASP C 30 9.74 10.20 -15.83
C ASP C 30 9.25 8.77 -16.05
N ARG C 31 8.17 8.42 -15.35
CA ARG C 31 7.56 7.11 -15.56
C ARG C 31 7.00 7.00 -16.96
N CYS C 32 7.32 5.90 -17.64
CA CYS C 32 6.83 5.66 -18.99
C CYS C 32 7.29 6.72 -19.97
N GLY C 33 8.40 7.39 -19.65
CA GLY C 33 8.90 8.47 -20.48
C GLY C 33 7.91 9.63 -20.60
N SER C 34 7.25 9.98 -19.50
CA SER C 34 6.23 11.03 -19.56
C SER C 34 6.84 12.44 -19.65
N SER C 35 8.07 12.66 -19.19
CA SER C 35 8.78 13.91 -19.44
C SER C 35 8.80 14.24 -20.93
N SER C 36 9.41 13.37 -21.73
CA SER C 36 9.28 13.45 -23.19
C SER C 36 7.85 13.06 -23.52
N GLY C 37 7.56 12.80 -24.78
CA GLY C 37 6.15 12.56 -25.05
C GLY C 37 5.69 11.12 -25.01
N ARG C 38 6.49 10.23 -24.42
CA ARG C 38 6.52 8.83 -24.87
C ARG C 38 5.35 8.01 -24.34
N GLY C 39 4.95 8.23 -23.10
CA GLY C 39 3.86 7.43 -22.58
C GLY C 39 3.41 7.97 -21.25
N ARG C 40 2.45 7.25 -20.67
CA ARG C 40 1.87 7.56 -19.37
C ARG C 40 1.70 6.28 -18.57
N CYS C 41 1.93 6.37 -17.26
CA CYS C 41 1.46 5.33 -16.36
C CYS C 41 -0.06 5.37 -16.29
N GLU C 42 -0.65 4.23 -16.01
CA GLU C 42 -2.03 4.09 -16.43
C GLU C 42 -2.61 2.80 -15.87
N ALA C 43 -3.92 2.76 -15.71
CA ALA C 43 -4.60 1.53 -15.31
C ALA C 43 -4.49 0.49 -16.41
N VAL C 44 -4.27 -0.76 -16.01
CA VAL C 44 -4.19 -1.87 -16.96
C VAL C 44 -5.60 -2.23 -17.43
N THR C 45 -5.72 -2.62 -18.70
CA THR C 45 -6.97 -3.14 -19.23
C THR C 45 -6.88 -4.66 -19.31
N ALA C 46 -7.78 -5.35 -18.59
CA ALA C 46 -7.82 -6.81 -18.65
C ALA C 46 -9.18 -7.25 -19.15
N ASP C 47 -9.22 -8.46 -19.71
CA ASP C 47 -10.49 -9.00 -20.17
C ASP C 47 -11.42 -9.18 -18.99
N SER C 48 -12.69 -8.84 -19.19
CA SER C 48 -13.70 -9.00 -18.19
C SER C 48 -14.79 -9.96 -18.64
N ARG C 49 -14.74 -10.41 -19.90
CA ARG C 49 -15.71 -11.32 -20.45
C ARG C 49 -15.57 -12.70 -19.79
N PRO C 50 -16.58 -13.57 -19.95
CA PRO C 50 -16.50 -14.92 -19.38
C PRO C 50 -15.67 -15.90 -20.20
N HIS C 51 -15.04 -16.82 -19.49
CA HIS C 51 -14.30 -17.90 -20.11
C HIS C 51 -15.08 -19.20 -19.94
N SER C 52 -14.62 -20.26 -20.62
CA SER C 52 -15.37 -21.50 -20.64
C SER C 52 -15.55 -22.05 -19.22
N PRO C 53 -16.58 -22.89 -19.01
CA PRO C 53 -16.71 -23.53 -17.69
C PRO C 53 -15.62 -24.53 -17.36
N GLN C 54 -14.76 -24.90 -18.32
CA GLN C 54 -13.78 -25.95 -18.05
C GLN C 54 -12.86 -25.57 -16.89
N TYR C 55 -12.67 -24.29 -16.66
CA TYR C 55 -11.86 -23.89 -15.53
C TYR C 55 -12.76 -23.46 -14.38
N PRO C 56 -12.77 -24.16 -13.25
CA PRO C 56 -13.67 -23.82 -12.14
C PRO C 56 -13.03 -23.08 -10.97
N HIS C 57 -11.76 -22.71 -11.02
CA HIS C 57 -11.14 -22.37 -9.76
C HIS C 57 -10.78 -20.90 -9.61
N ASP C 58 -11.71 -20.04 -10.01
CA ASP C 58 -11.48 -18.61 -9.90
C ASP C 58 -11.09 -18.25 -8.48
N GLY C 59 -10.22 -17.26 -8.36
CA GLY C 59 -9.69 -16.85 -7.08
C GLY C 59 -8.43 -17.56 -6.64
N ARG C 60 -7.95 -18.55 -7.39
CA ARG C 60 -6.82 -19.37 -6.94
C ARG C 60 -5.58 -19.26 -7.82
N ASP C 61 -5.68 -18.68 -9.01
CA ASP C 61 -4.61 -18.74 -10.00
C ASP C 61 -4.20 -17.35 -10.45
N ASP C 62 -2.92 -17.03 -10.28
CA ASP C 62 -2.46 -15.68 -10.65
C ASP C 62 -2.48 -15.43 -12.16
N ARG C 63 -2.95 -16.35 -12.98
CA ARG C 63 -3.00 -16.09 -14.39
C ARG C 63 -4.39 -15.60 -14.80
N GLU C 64 -5.38 -15.79 -13.94
CA GLU C 64 -6.68 -15.18 -14.11
C GLU C 64 -6.56 -13.66 -14.22
N VAL C 65 -7.40 -13.07 -15.08
CA VAL C 65 -7.46 -11.64 -15.40
C VAL C 65 -6.06 -11.04 -15.45
N TRP C 66 -5.13 -11.77 -16.08
CA TRP C 66 -3.75 -11.32 -16.27
C TRP C 66 -3.71 -9.88 -16.76
N PRO C 67 -2.87 -9.02 -16.15
CA PRO C 67 -1.93 -9.29 -15.05
C PRO C 67 -2.40 -8.83 -13.66
N LEU C 68 -3.71 -8.74 -13.45
CA LEU C 68 -4.17 -7.82 -12.40
C LEU C 68 -3.82 -8.27 -10.99
N ARG C 69 -3.37 -9.53 -10.77
CA ARG C 69 -3.02 -9.84 -9.38
C ARG C 69 -1.65 -9.38 -8.98
N PHE C 70 -0.81 -8.93 -9.93
CA PHE C 70 0.49 -8.35 -9.62
C PHE C 70 0.52 -6.84 -9.84
N PHE C 71 0.06 -6.35 -10.99
CA PHE C 71 0.03 -4.92 -11.22
C PHE C 71 -1.25 -4.52 -11.93
N ASN C 72 -1.86 -3.40 -11.51
CA ASN C 72 -2.99 -2.84 -12.25
C ASN C 72 -2.68 -1.48 -12.85
N ARG C 73 -1.44 -0.99 -12.72
CA ARG C 73 -0.96 0.14 -13.51
C ARG C 73 0.20 -0.33 -14.38
N THR C 74 0.16 0.04 -15.66
CA THR C 74 1.24 -0.21 -16.61
C THR C 74 1.55 1.10 -17.33
N CYS C 75 2.58 1.07 -18.17
CA CYS C 75 2.80 2.15 -19.13
C CYS C 75 1.96 1.90 -20.38
N HIS C 76 1.40 2.97 -20.93
CA HIS C 76 0.96 2.99 -22.32
C HIS C 76 1.79 4.01 -23.07
N CYS C 77 2.28 3.62 -24.23
CA CYS C 77 3.11 4.48 -25.05
C CYS C 77 2.26 5.12 -26.15
N ASN C 78 2.62 6.35 -26.54
CA ASN C 78 1.88 7.02 -27.60
C ASN C 78 2.47 6.71 -28.96
N GLY C 79 1.57 6.64 -29.95
CA GLY C 79 1.95 6.53 -31.35
C GLY C 79 2.66 5.22 -31.61
N ASN C 80 3.88 5.33 -32.08
CA ASN C 80 4.70 4.19 -32.44
C ASN C 80 5.76 3.85 -31.39
N PHE C 81 5.65 4.44 -30.20
CA PHE C 81 6.54 4.05 -29.11
C PHE C 81 6.02 2.79 -28.41
N SER C 82 6.95 2.08 -27.75
CA SER C 82 6.64 0.79 -27.14
C SER C 82 7.72 0.48 -26.11
N GLY C 83 7.57 -0.66 -25.45
CA GLY C 83 8.48 -1.09 -24.41
C GLY C 83 7.87 -0.96 -23.02
N HIS C 84 8.43 -1.71 -22.09
CA HIS C 84 7.88 -1.72 -20.75
C HIS C 84 7.86 -0.31 -20.16
N ASN C 85 8.75 0.55 -20.60
CA ASN C 85 8.80 1.92 -20.12
C ASN C 85 8.74 2.91 -21.28
N CYS C 86 8.29 2.45 -22.44
CA CYS C 86 8.07 3.29 -23.61
C CYS C 86 9.37 3.72 -24.26
N GLY C 87 10.40 2.87 -24.15
CA GLY C 87 11.75 3.20 -24.55
C GLY C 87 12.15 2.73 -25.93
N THR C 88 11.45 1.74 -26.45
CA THR C 88 11.73 1.19 -27.76
C THR C 88 10.58 1.57 -28.67
N CYS C 89 10.42 0.85 -29.78
CA CYS C 89 9.39 1.17 -30.76
C CYS C 89 8.45 -0.01 -30.94
N ARG C 90 7.20 0.29 -31.28
CA ARG C 90 6.29 -0.77 -31.66
C ARG C 90 6.91 -1.59 -32.79
N PRO C 91 6.58 -2.88 -32.89
CA PRO C 91 7.07 -3.71 -33.99
C PRO C 91 6.99 -3.06 -35.36
N GLY C 92 8.11 -2.99 -36.08
CA GLY C 92 8.13 -2.41 -37.41
C GLY C 92 8.57 -0.95 -37.53
N TRP C 93 8.97 -0.33 -36.43
CA TRP C 93 9.38 1.07 -36.43
C TRP C 93 10.72 1.18 -35.75
N ARG C 94 11.41 2.28 -36.03
CA ARG C 94 12.69 2.49 -35.39
C ARG C 94 13.08 3.96 -35.54
N GLY C 95 14.21 4.31 -34.92
CA GLY C 95 14.69 5.67 -34.81
C GLY C 95 14.34 6.26 -33.46
N ALA C 96 15.03 7.37 -33.13
CA ALA C 96 14.80 8.06 -31.86
C ALA C 96 13.32 8.36 -31.68
N ALA C 97 12.64 8.77 -32.75
CA ALA C 97 11.23 9.11 -32.71
C ALA C 97 10.33 8.02 -33.28
N CYS C 98 10.91 6.84 -33.58
CA CYS C 98 10.16 5.68 -34.06
C CYS C 98 9.37 6.05 -35.33
N ASP C 99 10.13 6.55 -36.31
CA ASP C 99 9.59 7.33 -37.41
C ASP C 99 9.74 6.67 -38.78
N GLN C 100 10.55 5.63 -38.91
CA GLN C 100 10.68 4.94 -40.20
C GLN C 100 10.45 3.44 -40.03
N ARG C 101 9.76 2.86 -41.02
CA ARG C 101 9.23 1.51 -40.97
C ARG C 101 10.28 0.48 -41.34
N VAL C 102 10.19 -0.69 -40.71
CA VAL C 102 11.07 -1.80 -41.02
C VAL C 102 10.25 -2.97 -41.56
N LEU C 103 10.97 -3.85 -42.24
CA LEU C 103 10.45 -5.15 -42.63
C LEU C 103 11.67 -6.03 -42.65
N ILE C 104 11.82 -6.90 -41.66
CA ILE C 104 12.84 -7.94 -41.70
C ILE C 104 12.19 -9.20 -42.27
N VAL C 105 13.04 -10.14 -42.68
CA VAL C 105 12.61 -11.35 -43.36
C VAL C 105 13.03 -12.54 -42.54
N ARG C 106 12.07 -13.39 -42.22
CA ARG C 106 12.32 -14.72 -41.69
C ARG C 106 12.41 -15.69 -42.87
N ARG C 107 13.56 -16.33 -43.00
CA ARG C 107 13.86 -17.19 -44.13
C ARG C 107 14.00 -18.65 -43.68
N ASN C 108 13.74 -19.55 -44.62
CA ASN C 108 14.04 -20.97 -44.43
C ASN C 108 15.46 -21.13 -43.89
N LEU C 109 15.61 -21.96 -42.85
CA LEU C 109 16.92 -22.15 -42.25
C LEU C 109 17.88 -22.85 -43.20
N LEU C 110 17.36 -23.75 -44.03
CA LEU C 110 18.19 -24.46 -44.99
C LEU C 110 18.67 -23.54 -46.10
N ASP C 111 17.99 -22.41 -46.33
CA ASP C 111 18.38 -21.44 -47.36
C ASP C 111 19.33 -20.37 -46.84
N LEU C 112 19.69 -20.40 -45.56
CA LEU C 112 20.67 -19.42 -45.12
C LEU C 112 22.04 -19.81 -45.65
N SER C 113 22.93 -18.83 -45.71
CA SER C 113 24.29 -19.08 -46.13
C SER C 113 25.07 -19.78 -45.02
N LYS C 114 26.17 -20.44 -45.42
CA LYS C 114 27.03 -21.15 -44.48
C LYS C 114 27.37 -20.28 -43.27
N GLU C 115 27.58 -18.98 -43.50
CA GLU C 115 28.00 -18.08 -42.43
C GLU C 115 26.84 -17.56 -41.59
N GLU C 116 25.66 -17.40 -42.18
CA GLU C 116 24.53 -16.96 -41.36
C GLU C 116 24.07 -18.09 -40.45
N LYS C 117 23.99 -19.31 -41.00
CA LYS C 117 23.68 -20.49 -40.20
C LYS C 117 24.52 -20.49 -38.94
N ASN C 118 25.82 -20.22 -39.10
CA ASN C 118 26.70 -20.19 -37.96
C ASN C 118 26.41 -18.99 -37.07
N HIS C 119 26.10 -17.83 -37.68
CA HIS C 119 25.66 -16.69 -36.88
C HIS C 119 24.48 -17.08 -35.99
N PHE C 120 23.42 -17.61 -36.59
CA PHE C 120 22.22 -17.89 -35.82
C PHE C 120 22.49 -18.88 -34.72
N VAL C 121 23.27 -19.93 -34.99
CA VAL C 121 23.48 -20.96 -33.98
C VAL C 121 24.28 -20.41 -32.82
N ARG C 122 25.22 -19.51 -33.08
CA ARG C 122 25.92 -18.87 -31.97
C ARG C 122 25.04 -17.80 -31.32
N ALA C 123 24.18 -17.15 -32.10
CA ALA C 123 23.22 -16.22 -31.51
C ALA C 123 22.30 -16.95 -30.53
N LEU C 124 21.79 -18.12 -30.93
CA LEU C 124 20.96 -18.93 -30.05
C LEU C 124 21.70 -19.35 -28.80
N ASP C 125 22.96 -19.75 -28.95
CA ASP C 125 23.71 -20.21 -27.79
C ASP C 125 24.11 -19.04 -26.90
N MET C 126 24.31 -17.87 -27.50
CA MET C 126 24.52 -16.65 -26.71
C MET C 126 23.25 -16.26 -25.97
N ALA C 127 22.09 -16.38 -26.61
CA ALA C 127 20.85 -16.14 -25.88
C ALA C 127 20.70 -17.13 -24.73
N LYS C 128 21.15 -18.36 -24.94
CA LYS C 128 21.07 -19.39 -23.90
C LYS C 128 21.86 -19.00 -22.65
N ARG C 129 22.81 -18.09 -22.77
CA ARG C 129 23.72 -17.83 -21.68
C ARG C 129 23.83 -16.36 -21.31
N THR C 130 23.13 -15.47 -22.00
CA THR C 130 23.12 -14.06 -21.66
C THR C 130 21.95 -13.79 -20.72
N THR C 131 22.26 -13.29 -19.52
CA THR C 131 21.21 -12.88 -18.60
C THR C 131 20.28 -11.91 -19.30
N HIS C 132 18.99 -12.13 -19.15
CA HIS C 132 18.05 -11.20 -19.75
C HIS C 132 18.19 -9.83 -19.11
N PRO C 133 18.45 -8.77 -19.88
CA PRO C 133 18.65 -7.45 -19.26
C PRO C 133 17.39 -6.93 -18.58
N LEU C 134 16.21 -7.27 -19.10
CA LEU C 134 14.94 -6.66 -18.72
C LEU C 134 14.20 -7.47 -17.66
N PHE C 135 13.90 -8.73 -17.96
CA PHE C 135 12.90 -9.47 -17.21
C PHE C 135 13.53 -10.34 -16.13
N VAL C 136 12.79 -10.50 -15.05
CA VAL C 136 13.08 -11.47 -14.01
C VAL C 136 11.88 -12.38 -13.92
N ILE C 137 12.12 -13.59 -13.45
CA ILE C 137 11.06 -14.57 -13.31
C ILE C 137 10.81 -14.81 -11.84
N ALA C 138 9.54 -15.06 -11.52
CA ALA C 138 9.15 -15.47 -10.18
C ALA C 138 9.40 -16.96 -9.99
N THR C 139 9.95 -17.29 -8.83
CA THR C 139 10.09 -18.66 -8.36
C THR C 139 8.97 -19.09 -7.43
N ARG C 140 8.21 -18.14 -6.89
CA ARG C 140 7.07 -18.41 -6.02
C ARG C 140 5.81 -17.78 -6.60
N ARG C 141 4.66 -18.34 -6.23
CA ARG C 141 3.38 -17.76 -6.58
C ARG C 141 3.14 -16.50 -5.76
N SER C 142 2.11 -15.74 -6.16
CA SER C 142 1.88 -14.44 -5.56
C SER C 142 1.75 -14.52 -4.05
N GLU C 143 1.18 -15.60 -3.53
CA GLU C 143 1.05 -15.77 -2.08
C GLU C 143 2.39 -15.70 -1.36
N GLU C 144 3.48 -16.18 -1.99
CA GLU C 144 4.79 -16.19 -1.37
C GLU C 144 5.77 -15.20 -1.99
N ILE C 145 5.30 -14.38 -2.94
CA ILE C 145 6.17 -13.65 -3.86
C ILE C 145 7.16 -12.74 -3.14
N LEU C 146 6.86 -12.33 -1.90
CA LEU C 146 7.74 -11.41 -1.20
C LEU C 146 8.58 -12.12 -0.14
N GLY C 147 8.69 -13.43 -0.21
CA GLY C 147 9.58 -14.15 0.66
C GLY C 147 9.01 -14.33 2.05
N PRO C 148 9.76 -15.02 2.91
CA PRO C 148 9.24 -15.38 4.24
C PRO C 148 9.10 -14.17 5.15
N ASP C 149 10.16 -13.36 5.23
CA ASP C 149 10.07 -12.12 5.99
C ASP C 149 9.00 -11.19 5.42
N GLY C 150 8.59 -11.41 4.17
CA GLY C 150 7.70 -10.49 3.49
C GLY C 150 8.39 -9.32 2.87
N ASN C 151 9.72 -9.34 2.82
CA ASN C 151 10.53 -8.21 2.43
C ASN C 151 11.54 -8.57 1.35
N THR C 152 11.49 -9.78 0.82
CA THR C 152 12.47 -10.30 -0.14
C THR C 152 11.76 -10.80 -1.39
N PRO C 153 11.71 -10.02 -2.47
CA PRO C 153 11.02 -10.48 -3.67
C PRO C 153 11.64 -11.78 -4.17
N GLN C 154 10.78 -12.69 -4.64
CA GLN C 154 11.19 -14.06 -4.98
C GLN C 154 11.38 -14.21 -6.48
N PHE C 155 12.34 -13.47 -7.01
CA PHE C 155 12.63 -13.48 -8.43
C PHE C 155 14.07 -13.88 -8.66
N GLU C 156 14.32 -14.45 -9.83
CA GLU C 156 15.68 -14.77 -10.25
C GLU C 156 15.94 -14.14 -11.61
N ASN C 157 17.16 -13.65 -11.78
CA ASN C 157 17.65 -13.40 -13.12
C ASN C 157 17.59 -14.70 -13.95
N ILE C 158 17.51 -14.54 -15.26
CA ILE C 158 17.35 -15.69 -16.14
C ILE C 158 17.90 -15.28 -17.50
N SER C 159 18.29 -16.27 -18.30
CA SER C 159 18.88 -15.92 -19.58
C SER C 159 17.79 -15.53 -20.57
N ILE C 160 18.22 -15.03 -21.72
CA ILE C 160 17.29 -14.65 -22.77
C ILE C 160 16.52 -15.86 -23.26
N TYR C 161 17.22 -16.99 -23.45
CA TYR C 161 16.50 -18.13 -23.99
C TYR C 161 15.72 -18.87 -22.91
N ASN C 162 16.27 -18.98 -21.70
CA ASN C 162 15.49 -19.59 -20.63
C ASN C 162 14.27 -18.74 -20.24
N TYR C 163 14.29 -17.43 -20.52
CA TYR C 163 13.07 -16.64 -20.43
C TYR C 163 12.06 -17.11 -21.46
N PHE C 164 12.50 -17.29 -22.70
CA PHE C 164 11.65 -17.87 -23.73
C PHE C 164 11.05 -19.22 -23.26
N VAL C 165 11.84 -20.03 -22.54
CA VAL C 165 11.33 -21.32 -22.08
C VAL C 165 10.33 -21.12 -20.95
N TRP C 166 10.64 -20.20 -20.04
CA TRP C 166 9.90 -20.08 -18.79
C TRP C 166 8.49 -19.54 -19.01
N THR C 167 8.34 -18.53 -19.87
CA THR C 167 7.01 -18.00 -20.18
C THR C 167 6.11 -19.08 -20.73
N HIS C 168 6.65 -19.93 -21.60
CA HIS C 168 5.89 -21.04 -22.13
C HIS C 168 5.47 -22.03 -21.03
N TYR C 169 6.40 -22.38 -20.13
CA TYR C 169 6.02 -23.28 -19.04
C TYR C 169 4.89 -22.69 -18.22
N TYR C 170 4.96 -21.39 -17.97
CA TYR C 170 4.02 -20.74 -17.07
C TYR C 170 2.64 -20.61 -17.70
N SER C 171 2.57 -20.43 -19.02
CA SER C 171 1.25 -20.39 -19.65
C SER C 171 0.55 -21.74 -19.62
N VAL C 172 1.29 -22.83 -19.41
CA VAL C 172 0.74 -24.17 -19.53
C VAL C 172 0.70 -24.90 -18.21
N LYS C 173 1.33 -24.34 -17.18
CA LYS C 173 1.52 -24.96 -15.87
C LYS C 173 0.19 -25.15 -15.12
N LYS C 174 0.19 -26.11 -14.20
CA LYS C 174 -1.03 -26.49 -13.50
C LYS C 174 -1.40 -25.46 -12.42
N THR C 175 -2.69 -25.31 -12.19
CA THR C 175 -3.17 -24.49 -11.08
C THR C 175 -2.88 -25.21 -9.77
N PHE C 176 -2.00 -24.66 -8.95
CA PHE C 176 -1.79 -25.21 -7.61
C PHE C 176 -3.01 -24.99 -6.73
N LEU C 177 -3.50 -26.08 -6.11
CA LEU C 177 -4.69 -26.05 -5.27
C LEU C 177 -4.37 -26.43 -3.83
N GLY C 178 -3.10 -26.40 -3.44
CA GLY C 178 -2.73 -26.71 -2.07
C GLY C 178 -1.77 -27.88 -1.97
N VAL C 179 -0.91 -27.81 -0.95
CA VAL C 179 -0.06 -28.93 -0.58
C VAL C 179 -0.92 -30.14 -0.26
N GLY C 180 -0.62 -31.27 -0.89
CA GLY C 180 -1.43 -32.45 -0.71
C GLY C 180 -2.70 -32.48 -1.52
N GLN C 181 -2.94 -31.48 -2.37
CA GLN C 181 -4.09 -31.56 -3.26
C GLN C 181 -3.60 -31.90 -4.65
N GLU C 182 -4.52 -32.40 -5.48
CA GLU C 182 -4.21 -32.59 -6.89
C GLU C 182 -4.31 -31.24 -7.59
N SER C 183 -3.24 -30.86 -8.28
CA SER C 183 -3.23 -29.62 -9.04
C SER C 183 -4.02 -29.78 -10.32
N PHE C 184 -4.60 -28.68 -10.78
CA PHE C 184 -5.60 -28.71 -11.84
C PHE C 184 -4.93 -28.50 -13.20
N GLY C 185 -5.29 -29.33 -14.17
CA GLY C 185 -4.52 -29.41 -15.39
C GLY C 185 -5.27 -29.08 -16.67
N GLU C 186 -6.60 -28.99 -16.59
CA GLU C 186 -7.39 -28.63 -17.77
C GLU C 186 -7.55 -27.12 -17.87
N VAL C 187 -6.43 -26.47 -17.63
CA VAL C 187 -6.19 -25.08 -17.96
C VAL C 187 -4.95 -25.07 -18.87
N ASP C 188 -4.91 -24.15 -19.82
CA ASP C 188 -3.81 -24.05 -20.77
C ASP C 188 -3.93 -22.72 -21.49
N PHE C 189 -3.09 -21.74 -21.09
CA PHE C 189 -3.23 -20.36 -21.53
C PHE C 189 -2.65 -20.09 -22.92
N SER C 190 -1.96 -21.06 -23.54
CA SER C 190 -1.32 -20.81 -24.82
C SER C 190 -1.53 -21.94 -25.81
N HIS C 191 -2.28 -22.97 -25.45
CA HIS C 191 -2.61 -24.08 -26.32
C HIS C 191 -4.07 -24.42 -26.14
N GLU C 192 -4.57 -25.26 -27.03
CA GLU C 192 -5.92 -25.79 -26.91
C GLU C 192 -6.95 -24.68 -26.89
N GLY C 193 -6.85 -23.80 -27.88
CA GLY C 193 -7.73 -22.67 -28.01
C GLY C 193 -7.19 -21.68 -29.01
N PRO C 194 -8.01 -20.70 -29.37
CA PRO C 194 -7.59 -19.74 -30.41
C PRO C 194 -6.39 -18.89 -30.03
N ALA C 195 -6.15 -18.64 -28.74
CA ALA C 195 -4.97 -17.86 -28.37
C ALA C 195 -3.67 -18.54 -28.78
N PHE C 196 -3.72 -19.80 -29.21
CA PHE C 196 -2.51 -20.57 -29.49
C PHE C 196 -1.58 -19.85 -30.48
N LEU C 197 -2.15 -19.30 -31.56
CA LEU C 197 -1.34 -18.72 -32.61
C LEU C 197 -0.86 -17.32 -32.24
N THR C 198 -1.75 -16.50 -31.66
CA THR C 198 -1.33 -15.18 -31.18
C THR C 198 -0.32 -15.31 -30.05
N TRP C 199 -0.53 -16.28 -29.15
CA TRP C 199 0.38 -16.48 -28.03
C TRP C 199 1.79 -16.81 -28.51
N HIS C 200 1.90 -17.78 -29.41
CA HIS C 200 3.23 -18.14 -29.87
C HIS C 200 3.84 -17.07 -30.78
N ARG C 201 2.99 -16.33 -31.51
CA ARG C 201 3.50 -15.21 -32.30
C ARG C 201 4.12 -14.17 -31.40
N TYR C 202 3.41 -13.73 -30.38
CA TYR C 202 4.07 -12.76 -29.51
C TYR C 202 5.34 -13.38 -28.92
N HIS C 203 5.24 -14.66 -28.49
CA HIS C 203 6.39 -15.40 -27.96
C HIS C 203 7.64 -15.30 -28.84
N LEU C 204 7.49 -15.65 -30.12
CA LEU C 204 8.59 -15.58 -31.07
C LEU C 204 9.07 -14.15 -31.26
N LEU C 205 8.14 -13.21 -31.45
CA LEU C 205 8.52 -11.82 -31.65
C LEU C 205 9.30 -11.29 -30.46
N ARG C 206 8.87 -11.68 -29.26
CA ARG C 206 9.55 -11.28 -28.04
C ARG C 206 11.01 -11.75 -28.00
N LEU C 207 11.26 -13.00 -28.41
CA LEU C 207 12.64 -13.49 -28.41
C LEU C 207 13.48 -12.83 -29.49
N GLU C 208 12.87 -12.65 -30.67
CA GLU C 208 13.54 -11.99 -31.80
C GLU C 208 14.01 -10.60 -31.41
N LYS C 209 13.11 -9.83 -30.77
CA LYS C 209 13.49 -8.55 -30.19
C LYS C 209 14.62 -8.73 -29.17
N ASP C 210 14.50 -9.72 -28.31
CA ASP C 210 15.47 -9.89 -27.25
C ASP C 210 16.86 -10.11 -27.83
N MET C 211 16.93 -10.84 -28.94
CA MET C 211 18.22 -11.18 -29.52
C MET C 211 18.75 -10.07 -30.39
N GLN C 212 17.86 -9.34 -31.07
CA GLN C 212 18.25 -8.12 -31.77
C GLN C 212 18.93 -7.15 -30.83
N GLU C 213 18.33 -6.93 -29.65
CA GLU C 213 18.98 -6.14 -28.60
C GLU C 213 20.30 -6.77 -28.18
N MET C 214 20.32 -8.09 -28.01
CA MET C 214 21.51 -8.80 -27.60
C MET C 214 22.64 -8.59 -28.59
N LEU C 215 22.39 -8.91 -29.87
CA LEU C 215 23.34 -8.80 -30.96
C LEU C 215 23.60 -7.35 -31.39
N GLN C 216 22.80 -6.40 -30.91
CA GLN C 216 22.79 -5.03 -31.42
C GLN C 216 22.79 -5.04 -32.94
N GLU C 217 21.88 -5.84 -33.50
CA GLU C 217 21.77 -6.01 -34.95
C GLU C 217 20.28 -5.97 -35.25
N PRO C 218 19.73 -4.77 -35.51
CA PRO C 218 18.28 -4.64 -35.70
C PRO C 218 17.69 -5.49 -36.79
N SER C 219 18.48 -5.95 -37.75
CA SER C 219 18.01 -6.71 -38.91
C SER C 219 17.88 -8.22 -38.64
N PHE C 220 18.38 -8.69 -37.51
CA PHE C 220 18.31 -10.10 -37.17
C PHE C 220 16.88 -10.62 -37.20
N SER C 221 16.70 -11.80 -37.79
CA SER C 221 15.40 -12.45 -37.81
C SER C 221 15.52 -13.88 -37.32
N LEU C 222 14.38 -14.47 -36.96
CA LEU C 222 14.31 -15.87 -36.60
C LEU C 222 14.00 -16.69 -37.84
N PRO C 223 14.86 -17.61 -38.27
CA PRO C 223 14.53 -18.44 -39.43
C PRO C 223 13.48 -19.47 -39.05
N TYR C 224 13.00 -20.19 -40.05
CA TYR C 224 12.01 -21.21 -39.80
C TYR C 224 12.50 -22.55 -40.32
N TRP C 225 11.98 -23.62 -39.73
CA TRP C 225 12.18 -24.97 -40.21
C TRP C 225 10.90 -25.41 -40.90
N ASN C 226 10.92 -25.46 -42.24
CA ASN C 226 9.79 -26.08 -42.93
C ASN C 226 9.68 -27.55 -42.59
N PHE C 227 8.90 -27.89 -41.57
CA PHE C 227 8.73 -29.29 -41.19
C PHE C 227 7.69 -30.02 -42.03
N ALA C 228 7.03 -29.36 -42.96
CA ALA C 228 5.97 -30.00 -43.74
C ALA C 228 6.54 -30.71 -44.97
N THR C 229 7.61 -31.45 -44.76
CA THR C 229 8.34 -32.12 -45.82
C THR C 229 7.92 -33.57 -46.04
N GLY C 230 7.11 -34.15 -45.16
CA GLY C 230 6.73 -35.54 -45.30
C GLY C 230 7.83 -36.53 -45.00
N LYS C 231 8.86 -36.11 -44.26
CA LYS C 231 10.10 -36.87 -44.08
C LYS C 231 10.08 -37.79 -42.86
N ASN C 232 10.78 -38.93 -43.03
CA ASN C 232 11.21 -39.84 -41.97
C ASN C 232 12.21 -39.21 -41.01
N VAL C 233 12.82 -38.07 -41.37
CA VAL C 233 14.00 -37.53 -40.71
C VAL C 233 13.81 -36.03 -40.47
N CYS C 234 14.52 -35.54 -39.46
CA CYS C 234 14.56 -34.12 -39.18
C CYS C 234 15.73 -33.53 -39.95
N ASP C 235 15.41 -32.76 -41.02
CA ASP C 235 16.41 -32.28 -41.98
C ASP C 235 17.30 -31.17 -41.43
N ILE C 236 16.92 -30.50 -40.35
CA ILE C 236 17.79 -29.52 -39.76
C ILE C 236 18.58 -30.11 -38.59
N CYS C 237 18.70 -31.43 -38.53
CA CYS C 237 19.32 -32.12 -37.38
C CYS C 237 20.74 -32.54 -37.76
N THR C 238 21.62 -31.54 -37.78
CA THR C 238 23.01 -31.67 -38.24
C THR C 238 23.90 -30.75 -37.41
N ASP C 239 25.19 -31.09 -37.32
CA ASP C 239 26.07 -30.35 -36.39
C ASP C 239 26.33 -28.91 -36.81
N ASP C 240 25.88 -28.48 -37.97
CA ASP C 240 25.86 -27.05 -38.29
C ASP C 240 24.47 -26.41 -38.13
N LEU C 241 23.48 -27.14 -37.62
CA LEU C 241 22.10 -26.65 -37.48
C LEU C 241 21.41 -27.49 -36.42
N MET C 242 21.10 -26.93 -35.26
CA MET C 242 20.16 -27.59 -34.35
C MET C 242 20.65 -28.91 -33.74
N GLY C 243 21.73 -29.49 -34.28
CA GLY C 243 22.36 -30.65 -33.67
C GLY C 243 21.92 -31.98 -34.22
N SER C 244 22.87 -32.81 -34.58
CA SER C 244 22.57 -34.18 -34.95
C SER C 244 22.73 -35.07 -33.74
N ARG C 245 22.60 -36.37 -33.96
CA ARG C 245 22.44 -37.31 -32.87
C ARG C 245 23.79 -37.69 -32.26
N SER C 246 23.82 -37.80 -30.93
CA SER C 246 25.01 -38.23 -30.21
C SER C 246 25.26 -39.70 -30.51
N ASN C 247 26.34 -39.99 -31.23
CA ASN C 247 26.70 -41.36 -31.56
C ASN C 247 26.92 -42.23 -30.33
N PHE C 248 27.04 -41.64 -29.15
CA PHE C 248 27.20 -42.39 -27.92
C PHE C 248 25.87 -42.66 -27.25
N ASP C 249 24.87 -41.82 -27.49
CA ASP C 249 23.54 -41.95 -26.89
C ASP C 249 22.53 -41.40 -27.87
N SER C 250 21.63 -42.26 -28.35
CA SER C 250 20.81 -41.86 -29.48
C SER C 250 19.72 -40.86 -29.11
N THR C 251 19.49 -40.60 -27.82
CA THR C 251 18.53 -39.60 -27.38
C THR C 251 19.18 -38.27 -27.08
N LEU C 252 20.50 -38.21 -27.12
CA LEU C 252 21.25 -36.98 -26.91
C LEU C 252 21.63 -36.36 -28.25
N ILE C 253 22.01 -35.10 -28.20
CA ILE C 253 22.48 -34.35 -29.37
C ILE C 253 23.98 -34.56 -29.48
N SER C 254 24.47 -34.57 -30.72
CA SER C 254 25.87 -34.81 -31.01
C SER C 254 26.75 -33.88 -30.17
N PRO C 255 27.87 -34.36 -29.61
CA PRO C 255 28.78 -33.45 -28.91
C PRO C 255 29.50 -32.47 -29.82
N ASN C 256 29.42 -32.65 -31.12
CA ASN C 256 29.92 -31.67 -32.08
C ASN C 256 28.89 -30.56 -32.37
N SER C 257 27.87 -30.40 -31.52
CA SER C 257 26.93 -29.30 -31.59
C SER C 257 26.88 -28.60 -30.24
N VAL C 258 26.95 -27.26 -30.24
CA VAL C 258 26.85 -26.47 -29.00
C VAL C 258 25.56 -26.75 -28.23
N PHE C 259 24.53 -27.26 -28.90
CA PHE C 259 23.30 -27.53 -28.19
C PHE C 259 23.42 -28.69 -27.21
N SER C 260 24.37 -29.61 -27.44
CA SER C 260 24.57 -30.70 -26.48
C SER C 260 25.15 -30.20 -25.15
N GLN C 261 25.64 -28.97 -25.07
CA GLN C 261 25.95 -28.37 -23.77
C GLN C 261 24.74 -27.80 -23.07
N TRP C 262 23.61 -27.62 -23.78
CA TRP C 262 22.46 -26.99 -23.17
C TRP C 262 21.91 -27.89 -22.07
N ARG C 263 21.57 -27.25 -20.95
CA ARG C 263 20.83 -27.83 -19.85
C ARG C 263 19.44 -27.21 -19.79
N VAL C 264 18.40 -28.03 -19.68
CA VAL C 264 17.04 -27.53 -19.77
C VAL C 264 16.60 -26.90 -18.44
N VAL C 265 15.64 -25.98 -18.52
CA VAL C 265 14.94 -25.50 -17.32
C VAL C 265 13.53 -26.09 -17.32
N CYS C 266 12.87 -25.97 -16.14
CA CYS C 266 11.43 -26.17 -15.95
C CYS C 266 11.02 -27.65 -15.98
N ASP C 267 11.92 -28.52 -15.53
CA ASP C 267 11.81 -29.96 -15.68
C ASP C 267 11.28 -30.65 -14.43
N SER C 268 11.11 -29.93 -13.34
CA SER C 268 10.78 -30.54 -12.07
C SER C 268 9.31 -30.29 -11.69
N LEU C 269 8.42 -30.68 -12.62
CA LEU C 269 6.99 -30.49 -12.38
C LEU C 269 6.54 -31.04 -11.03
N GLU C 270 7.16 -32.14 -10.60
CA GLU C 270 6.71 -32.73 -9.34
C GLU C 270 6.96 -31.79 -8.19
N ASP C 271 8.12 -31.14 -8.17
CA ASP C 271 8.36 -30.10 -7.17
C ASP C 271 7.35 -28.97 -7.30
N TYR C 272 7.22 -28.39 -8.50
CA TYR C 272 6.31 -27.26 -8.69
C TYR C 272 4.90 -27.60 -8.20
N ASP C 273 4.34 -28.74 -8.66
CA ASP C 273 2.93 -29.09 -8.44
C ASP C 273 2.62 -29.64 -7.06
N THR C 274 3.58 -30.23 -6.37
CA THR C 274 3.32 -30.62 -5.00
C THR C 274 3.74 -29.55 -3.99
N LEU C 275 4.75 -28.74 -4.31
CA LEU C 275 5.16 -27.67 -3.41
C LEU C 275 4.44 -26.34 -3.62
N GLY C 276 3.86 -26.07 -4.80
CA GLY C 276 3.38 -24.73 -5.06
C GLY C 276 4.43 -23.74 -5.49
N THR C 277 5.65 -24.22 -5.79
CA THR C 277 6.70 -23.38 -6.31
C THR C 277 6.56 -23.29 -7.82
N LEU C 278 7.51 -22.60 -8.45
CA LEU C 278 7.52 -22.42 -9.89
C LEU C 278 8.92 -22.69 -10.41
N CYS C 279 8.99 -23.08 -11.67
CA CYS C 279 10.25 -23.23 -12.37
C CYS C 279 11.20 -22.06 -12.08
N ASN C 280 12.46 -22.36 -11.86
CA ASN C 280 13.44 -21.30 -11.62
C ASN C 280 14.59 -21.42 -12.63
N SER C 281 15.61 -20.58 -12.46
CA SER C 281 16.68 -20.51 -13.44
C SER C 281 17.72 -21.63 -13.34
N THR C 282 17.61 -22.55 -12.37
CA THR C 282 18.61 -23.62 -12.26
C THR C 282 18.29 -24.71 -13.28
N GLU C 283 19.26 -25.03 -14.13
CA GLU C 283 19.10 -25.99 -15.23
C GLU C 283 19.36 -27.43 -14.76
N ASP C 284 18.88 -28.41 -15.57
CA ASP C 284 18.82 -29.82 -15.17
C ASP C 284 19.53 -30.66 -16.20
N GLY C 285 18.84 -31.59 -16.85
CA GLY C 285 19.48 -32.50 -17.76
C GLY C 285 19.67 -31.91 -19.14
N PRO C 286 20.25 -32.71 -20.03
CA PRO C 286 20.49 -32.26 -21.40
C PRO C 286 19.21 -32.30 -22.22
N ILE C 287 19.27 -31.72 -23.42
CA ILE C 287 18.15 -31.89 -24.34
C ILE C 287 18.10 -33.36 -24.75
N ARG C 288 16.90 -33.91 -24.75
CA ARG C 288 16.65 -35.23 -25.31
C ARG C 288 15.85 -35.08 -26.59
N ARG C 289 16.42 -35.57 -27.70
CA ARG C 289 15.74 -35.57 -28.98
C ARG C 289 15.99 -36.89 -29.65
N ASN C 290 14.96 -37.42 -30.31
CA ASN C 290 15.01 -38.76 -30.89
C ASN C 290 14.11 -38.81 -32.12
N PRO C 291 14.50 -38.14 -33.20
CA PRO C 291 13.56 -37.94 -34.28
C PRO C 291 13.15 -39.26 -34.90
N ALA C 292 11.84 -39.39 -35.17
CA ALA C 292 11.15 -40.61 -35.59
C ALA C 292 11.30 -41.73 -34.57
N GLY C 293 11.81 -41.43 -33.38
CA GLY C 293 12.14 -42.42 -32.39
C GLY C 293 10.98 -42.99 -31.59
N ASN C 294 9.77 -42.43 -31.66
CA ASN C 294 8.69 -43.11 -30.95
C ASN C 294 8.24 -44.36 -31.71
N VAL C 295 8.77 -45.50 -31.26
CA VAL C 295 8.49 -46.78 -31.90
C VAL C 295 7.06 -47.22 -31.65
N ALA C 296 6.51 -46.93 -30.46
CA ALA C 296 5.16 -47.34 -30.11
C ALA C 296 4.09 -46.75 -31.03
N ARG C 297 4.40 -45.69 -31.77
CA ARG C 297 3.39 -44.76 -32.25
C ARG C 297 3.80 -44.38 -33.67
N PRO C 298 3.41 -45.17 -34.66
CA PRO C 298 3.93 -44.96 -36.02
C PRO C 298 3.51 -43.64 -36.63
N MET C 299 2.34 -43.12 -36.28
CA MET C 299 1.87 -41.88 -36.90
C MET C 299 2.78 -40.69 -36.57
N VAL C 300 3.47 -40.75 -35.42
CA VAL C 300 4.39 -39.69 -35.02
C VAL C 300 5.83 -40.02 -35.42
N GLN C 301 6.00 -40.86 -36.43
CA GLN C 301 7.34 -41.18 -36.88
C GLN C 301 7.64 -40.54 -38.22
N ARG C 302 6.77 -39.65 -38.66
CA ARG C 302 7.01 -38.95 -39.91
C ARG C 302 6.21 -37.66 -39.95
N LEU C 303 6.86 -36.60 -40.44
CA LEU C 303 6.40 -35.22 -40.42
C LEU C 303 5.18 -35.00 -41.34
N PRO C 304 4.52 -33.84 -41.21
CA PRO C 304 3.40 -33.52 -42.11
C PRO C 304 3.83 -33.47 -43.58
N GLU C 305 2.95 -33.96 -44.45
CA GLU C 305 3.18 -33.84 -45.88
C GLU C 305 2.96 -32.39 -46.30
N PRO C 306 3.49 -31.99 -47.46
CA PRO C 306 3.22 -30.62 -47.96
C PRO C 306 1.75 -30.31 -48.23
N GLN C 307 0.98 -31.28 -48.73
CA GLN C 307 -0.44 -31.01 -48.98
C GLN C 307 -1.23 -30.80 -47.69
N ASP C 308 -0.68 -31.16 -46.52
CA ASP C 308 -1.36 -30.82 -45.27
C ASP C 308 -1.46 -29.31 -45.11
N VAL C 309 -0.33 -28.62 -45.34
CA VAL C 309 -0.32 -27.15 -45.23
C VAL C 309 -1.27 -26.55 -46.24
N ALA C 310 -1.23 -27.02 -47.49
CA ALA C 310 -2.18 -26.53 -48.46
C ALA C 310 -3.61 -26.73 -47.97
N GLN C 311 -3.88 -27.89 -47.34
CA GLN C 311 -5.25 -28.21 -46.94
C GLN C 311 -5.71 -27.41 -45.74
N CYS C 312 -4.84 -27.24 -44.74
CA CYS C 312 -5.26 -26.44 -43.59
C CYS C 312 -5.45 -24.98 -43.97
N LEU C 313 -4.82 -24.52 -45.03
CA LEU C 313 -4.99 -23.14 -45.44
C LEU C 313 -6.28 -22.94 -46.20
N GLU C 314 -7.04 -24.01 -46.45
CA GLU C 314 -8.35 -23.88 -47.05
C GLU C 314 -9.48 -23.89 -46.02
N VAL C 315 -9.14 -23.93 -44.74
CA VAL C 315 -10.13 -23.87 -43.67
C VAL C 315 -10.40 -22.39 -43.38
N GLY C 316 -11.57 -21.91 -43.81
CA GLY C 316 -11.83 -20.48 -43.81
C GLY C 316 -12.22 -19.89 -42.48
N LEU C 317 -12.73 -20.72 -41.56
CA LEU C 317 -13.07 -20.31 -40.20
C LEU C 317 -11.83 -20.38 -39.34
N PHE C 318 -11.35 -19.23 -38.88
CA PHE C 318 -10.20 -19.25 -37.98
C PHE C 318 -10.42 -20.23 -36.84
N ASP C 319 -11.53 -20.09 -36.10
CA ASP C 319 -11.85 -21.02 -35.03
C ASP C 319 -13.36 -21.15 -34.83
N THR C 320 -13.75 -22.22 -34.13
CA THR C 320 -15.12 -22.70 -34.01
C THR C 320 -15.36 -23.31 -32.63
N PRO C 321 -16.54 -23.10 -32.04
CA PRO C 321 -16.91 -23.64 -30.73
C PRO C 321 -16.67 -25.13 -30.65
N PRO C 322 -16.28 -25.62 -29.47
CA PRO C 322 -16.12 -24.87 -28.22
C PRO C 322 -14.81 -24.07 -28.09
N PHE C 323 -14.13 -23.78 -29.19
CA PHE C 323 -12.83 -23.06 -29.19
C PHE C 323 -11.78 -23.82 -28.38
N TYR C 324 -11.55 -25.08 -28.78
CA TYR C 324 -10.78 -25.99 -27.96
C TYR C 324 -10.09 -26.99 -28.90
N SER C 325 -9.38 -27.94 -28.30
CA SER C 325 -8.68 -28.92 -29.11
C SER C 325 -9.62 -29.93 -29.74
N ASN C 326 -10.91 -29.90 -29.43
CA ASN C 326 -11.85 -30.76 -30.14
C ASN C 326 -12.82 -29.96 -30.99
N SER C 327 -12.53 -28.68 -31.20
CA SER C 327 -13.19 -27.91 -32.24
C SER C 327 -12.98 -28.58 -33.59
N THR C 328 -13.95 -28.43 -34.48
CA THR C 328 -13.85 -28.95 -35.83
C THR C 328 -14.12 -27.82 -36.81
N ASN C 329 -13.63 -28.00 -38.06
CA ASN C 329 -13.62 -26.97 -39.11
C ASN C 329 -12.98 -25.67 -38.61
N SER C 330 -12.02 -25.82 -37.71
CA SER C 330 -11.29 -24.70 -37.12
C SER C 330 -9.90 -24.66 -37.73
N PHE C 331 -9.58 -23.58 -38.45
CA PHE C 331 -8.21 -23.44 -38.95
C PHE C 331 -7.22 -23.54 -37.79
N ARG C 332 -7.46 -22.78 -36.73
CA ARG C 332 -6.59 -22.80 -35.57
C ARG C 332 -6.32 -24.22 -35.09
N ASN C 333 -7.38 -25.00 -34.93
CA ASN C 333 -7.19 -26.33 -34.37
C ASN C 333 -6.52 -27.26 -35.36
N THR C 334 -6.68 -26.99 -36.66
CA THR C 334 -5.99 -27.79 -37.67
C THR C 334 -4.51 -27.45 -37.71
N VAL C 335 -4.17 -26.16 -37.67
CA VAL C 335 -2.75 -25.86 -37.71
C VAL C 335 -2.10 -26.28 -36.42
N GLU C 336 -2.81 -26.16 -35.30
CA GLU C 336 -2.24 -26.58 -34.01
C GLU C 336 -1.94 -28.06 -33.99
N GLY C 337 -2.80 -28.85 -34.63
CA GLY C 337 -2.51 -30.26 -34.82
C GLY C 337 -3.45 -31.21 -34.12
N TYR C 338 -4.67 -30.78 -33.82
CA TYR C 338 -5.67 -31.64 -33.21
C TYR C 338 -6.78 -32.01 -34.18
N SER C 339 -6.80 -31.41 -35.36
CA SER C 339 -7.69 -31.79 -36.44
C SER C 339 -6.88 -32.41 -37.56
N ASP C 340 -7.57 -33.20 -38.37
CA ASP C 340 -7.02 -33.66 -39.62
C ASP C 340 -6.85 -32.45 -40.55
N PRO C 341 -5.79 -32.44 -41.43
CA PRO C 341 -5.51 -31.23 -42.23
C PRO C 341 -6.69 -30.66 -43.02
N THR C 342 -7.70 -31.45 -43.36
CA THR C 342 -8.92 -30.90 -43.96
C THR C 342 -9.68 -29.97 -43.03
N GLY C 343 -9.46 -30.06 -41.72
CA GLY C 343 -10.18 -29.26 -40.75
C GLY C 343 -11.03 -30.05 -39.76
N LYS C 344 -11.26 -31.33 -40.07
CA LYS C 344 -12.16 -32.22 -39.31
C LYS C 344 -11.49 -32.73 -38.04
N TYR C 345 -12.16 -32.56 -36.91
CA TYR C 345 -11.63 -33.09 -35.66
C TYR C 345 -11.55 -34.60 -35.72
N ASP C 346 -10.51 -35.14 -35.12
CA ASP C 346 -10.59 -36.54 -34.78
C ASP C 346 -9.66 -36.81 -33.61
N PRO C 347 -10.15 -37.51 -32.58
CA PRO C 347 -9.34 -37.72 -31.38
C PRO C 347 -8.12 -38.60 -31.59
N ALA C 348 -8.06 -39.44 -32.64
CA ALA C 348 -6.84 -40.23 -32.87
C ALA C 348 -5.75 -39.45 -33.62
N VAL C 349 -6.03 -38.22 -34.04
CA VAL C 349 -5.21 -37.52 -35.01
C VAL C 349 -4.23 -36.63 -34.25
N ARG C 350 -2.97 -36.67 -34.67
CA ARG C 350 -2.03 -35.57 -34.45
C ARG C 350 -1.54 -35.14 -35.81
N SER C 351 -1.46 -33.83 -36.04
CA SER C 351 -1.07 -33.32 -37.34
C SER C 351 -0.28 -32.02 -37.19
N LEU C 352 0.19 -31.52 -38.33
CA LEU C 352 0.92 -30.26 -38.48
C LEU C 352 1.76 -29.88 -37.27
N HIS C 353 1.39 -28.80 -36.57
CA HIS C 353 2.22 -28.32 -35.47
C HIS C 353 2.45 -29.41 -34.41
N ASN C 354 1.37 -30.07 -33.94
CA ASN C 354 1.49 -31.06 -32.87
C ASN C 354 2.32 -32.25 -33.32
N LEU C 355 2.16 -32.68 -34.58
CA LEU C 355 2.95 -33.79 -35.08
C LEU C 355 4.43 -33.45 -35.16
N ALA C 356 4.76 -32.21 -35.52
CA ALA C 356 6.16 -31.81 -35.53
C ALA C 356 6.76 -31.87 -34.14
N HIS C 357 6.01 -31.49 -33.11
CA HIS C 357 6.45 -31.62 -31.73
C HIS C 357 6.64 -33.13 -31.33
N LEU C 358 5.75 -34.04 -31.74
CA LEU C 358 5.83 -35.43 -31.30
C LEU C 358 6.92 -36.17 -32.03
N PHE C 359 7.19 -35.75 -33.26
CA PHE C 359 8.21 -36.39 -34.09
C PHE C 359 9.57 -36.36 -33.40
N LEU C 360 9.84 -35.34 -32.61
CA LEU C 360 11.13 -35.26 -31.94
C LEU C 360 11.30 -36.31 -30.85
N ASN C 361 10.24 -37.08 -30.50
CA ASN C 361 10.18 -37.94 -29.32
C ASN C 361 11.14 -37.46 -28.27
N GLY C 362 10.81 -36.41 -27.54
CA GLY C 362 11.79 -35.98 -26.56
C GLY C 362 11.39 -34.68 -25.95
N THR C 363 12.39 -33.94 -25.46
CA THR C 363 12.13 -32.63 -24.87
C THR C 363 11.24 -31.78 -25.76
N GLY C 364 11.52 -31.76 -27.06
CA GLY C 364 10.69 -31.01 -27.96
C GLY C 364 9.24 -31.46 -27.99
N GLY C 365 8.94 -32.63 -27.44
CA GLY C 365 7.61 -33.21 -27.52
C GLY C 365 6.81 -33.18 -26.25
N GLN C 366 7.21 -32.42 -25.24
CA GLN C 366 6.49 -32.26 -23.99
C GLN C 366 6.14 -30.80 -23.80
N THR C 367 4.84 -30.50 -23.69
CA THR C 367 4.38 -29.12 -23.78
C THR C 367 5.05 -28.20 -22.76
N HIS C 368 5.25 -28.67 -21.53
CA HIS C 368 5.85 -27.77 -20.56
C HIS C 368 7.33 -27.54 -20.87
N LEU C 369 7.95 -28.40 -21.68
CA LEU C 369 9.40 -28.39 -21.88
C LEU C 369 9.83 -28.05 -23.31
N SER C 370 8.93 -28.12 -24.28
CA SER C 370 9.32 -28.08 -25.69
C SER C 370 10.21 -26.89 -26.06
N PRO C 371 10.07 -25.70 -25.48
CA PRO C 371 11.00 -24.62 -25.84
C PRO C 371 12.45 -24.90 -25.49
N ASN C 372 12.73 -25.88 -24.62
CA ASN C 372 14.12 -26.16 -24.26
C ASN C 372 14.91 -26.64 -25.47
N ASP C 373 14.27 -27.35 -26.38
CA ASP C 373 14.86 -27.73 -27.66
C ASP C 373 14.82 -26.53 -28.60
N PRO C 374 15.97 -26.04 -29.10
CA PRO C 374 15.94 -24.86 -29.99
C PRO C 374 15.18 -25.10 -31.30
N ILE C 375 14.93 -26.34 -31.68
CA ILE C 375 14.05 -26.59 -32.81
C ILE C 375 12.68 -25.95 -32.59
N PHE C 376 12.32 -25.69 -31.34
CA PHE C 376 11.03 -25.08 -31.05
C PHE C 376 10.86 -23.78 -31.83
N VAL C 377 11.87 -22.90 -31.75
CA VAL C 377 11.86 -21.61 -32.43
C VAL C 377 11.48 -21.80 -33.89
N LEU C 378 12.25 -22.65 -34.57
CA LEU C 378 12.06 -22.84 -36.01
C LEU C 378 10.77 -23.58 -36.30
N LEU C 379 10.42 -24.54 -35.45
CA LEU C 379 9.11 -25.15 -35.55
C LEU C 379 8.03 -24.09 -35.45
N HIS C 380 8.23 -23.10 -34.57
CA HIS C 380 7.15 -22.14 -34.38
C HIS C 380 7.19 -20.95 -35.31
N THR C 381 8.37 -20.52 -35.76
CA THR C 381 8.37 -19.52 -36.82
C THR C 381 7.66 -20.07 -38.04
N PHE C 382 7.86 -21.35 -38.33
CA PHE C 382 7.12 -21.93 -39.43
C PHE C 382 5.63 -21.91 -39.17
N THR C 383 5.19 -22.37 -37.97
CA THR C 383 3.76 -22.38 -37.62
C THR C 383 3.16 -20.99 -37.73
N ASP C 384 3.93 -19.97 -37.32
CA ASP C 384 3.47 -18.61 -37.46
C ASP C 384 3.42 -18.16 -38.92
N ALA C 385 4.24 -18.77 -39.78
CA ALA C 385 4.13 -18.46 -41.20
C ALA C 385 2.78 -18.93 -41.75
N VAL C 386 2.40 -20.17 -41.40
CA VAL C 386 1.06 -20.66 -41.76
C VAL C 386 0.00 -19.69 -41.29
N PHE C 387 0.00 -19.38 -39.98
CA PHE C 387 -0.83 -18.32 -39.41
C PHE C 387 -0.83 -17.10 -40.30
N ASP C 388 0.36 -16.52 -40.53
CA ASP C 388 0.42 -15.25 -41.25
C ASP C 388 -0.12 -15.36 -42.66
N GLU C 389 0.10 -16.49 -43.33
CA GLU C 389 -0.49 -16.68 -44.64
C GLU C 389 -2.00 -16.74 -44.56
N TRP C 390 -2.54 -17.44 -43.55
CA TRP C 390 -3.99 -17.46 -43.34
C TRP C 390 -4.54 -16.05 -43.15
N LEU C 391 -3.83 -15.21 -42.41
CA LEU C 391 -4.29 -13.86 -42.18
C LEU C 391 -4.42 -13.09 -43.49
N ARG C 392 -3.47 -13.26 -44.42
CA ARG C 392 -3.61 -12.50 -45.65
C ARG C 392 -4.64 -13.15 -46.58
N ARG C 393 -4.66 -14.48 -46.69
CA ARG C 393 -5.65 -15.11 -47.58
C ARG C 393 -7.08 -14.77 -47.15
N TYR C 394 -7.30 -14.58 -45.86
CA TYR C 394 -8.64 -14.36 -45.31
C TYR C 394 -8.79 -12.96 -44.72
N ASN C 395 -7.97 -12.01 -45.17
CA ASN C 395 -8.06 -10.60 -44.77
C ASN C 395 -8.21 -10.45 -43.26
N ALA C 396 -7.47 -11.27 -42.51
CA ALA C 396 -7.40 -11.17 -41.04
C ALA C 396 -8.78 -11.15 -40.38
N ASP C 397 -9.70 -11.95 -40.90
CA ASP C 397 -11.07 -12.05 -40.38
C ASP C 397 -11.11 -12.57 -38.94
N ILE C 398 -11.25 -11.66 -37.98
CA ILE C 398 -11.24 -11.98 -36.56
C ILE C 398 -12.65 -12.24 -36.02
N SER C 399 -13.65 -12.26 -36.91
CA SER C 399 -15.01 -12.33 -36.40
C SER C 399 -15.24 -13.62 -35.61
N THR C 400 -14.57 -14.72 -36.00
CA THR C 400 -14.73 -16.02 -35.34
C THR C 400 -13.74 -16.26 -34.21
N PHE C 401 -12.92 -15.28 -33.87
CA PHE C 401 -12.07 -15.39 -32.68
C PHE C 401 -12.93 -14.95 -31.50
N PRO C 402 -13.32 -15.85 -30.60
CA PRO C 402 -14.37 -15.53 -29.62
C PRO C 402 -13.95 -14.43 -28.67
N LEU C 403 -14.92 -13.55 -28.38
CA LEU C 403 -14.81 -12.51 -27.37
C LEU C 403 -14.96 -13.04 -25.96
N GLU C 404 -15.62 -14.18 -25.81
CA GLU C 404 -15.93 -14.72 -24.50
C GLU C 404 -16.23 -16.19 -24.69
N ASN C 405 -16.12 -16.94 -23.59
CA ASN C 405 -16.47 -18.36 -23.48
C ASN C 405 -15.41 -19.26 -24.08
N ALA C 406 -14.26 -18.71 -24.44
CA ALA C 406 -13.10 -19.50 -24.80
C ALA C 406 -12.43 -19.99 -23.51
N PRO C 407 -11.61 -21.04 -23.58
CA PRO C 407 -10.82 -21.43 -22.41
C PRO C 407 -10.14 -20.19 -21.83
N ILE C 408 -9.97 -20.18 -20.51
CA ILE C 408 -9.45 -18.99 -19.87
C ILE C 408 -8.07 -18.71 -20.45
N GLY C 409 -7.81 -17.44 -20.74
CA GLY C 409 -6.59 -17.03 -21.41
C GLY C 409 -6.72 -16.83 -22.90
N HIS C 410 -7.78 -17.37 -23.50
CA HIS C 410 -7.99 -17.37 -24.94
C HIS C 410 -9.09 -16.42 -25.37
N ASN C 411 -9.61 -15.57 -24.47
CA ASN C 411 -10.52 -14.52 -24.89
C ASN C 411 -9.73 -13.45 -25.64
N ARG C 412 -10.32 -12.99 -26.74
CA ARG C 412 -9.72 -11.99 -27.61
C ARG C 412 -9.04 -10.87 -26.84
N GLN C 413 -9.70 -10.30 -25.84
CA GLN C 413 -9.07 -9.21 -25.09
C GLN C 413 -8.30 -9.68 -23.86
N TYR C 414 -8.15 -10.99 -23.66
CA TYR C 414 -7.25 -11.46 -22.61
C TYR C 414 -5.81 -11.01 -22.88
N ASN C 415 -5.14 -10.52 -21.84
CA ASN C 415 -3.72 -10.27 -21.96
C ASN C 415 -2.97 -11.60 -21.99
N MET C 416 -2.14 -11.81 -22.99
CA MET C 416 -1.55 -13.14 -23.14
C MET C 416 -0.57 -13.40 -22.00
N VAL C 417 -0.68 -14.58 -21.38
CA VAL C 417 0.03 -14.92 -20.14
C VAL C 417 1.38 -15.59 -20.40
N PRO C 418 2.45 -15.08 -19.75
CA PRO C 418 2.50 -13.96 -18.81
C PRO C 418 3.24 -12.75 -19.40
N PHE C 419 2.84 -12.35 -20.60
CA PHE C 419 3.62 -11.32 -21.27
C PHE C 419 3.45 -9.95 -20.60
N TRP C 420 4.57 -9.22 -20.51
CA TRP C 420 4.61 -7.85 -20.01
C TRP C 420 5.28 -6.95 -21.04
N PRO C 421 4.78 -5.71 -21.24
CA PRO C 421 3.50 -5.13 -20.78
C PRO C 421 2.32 -5.89 -21.36
N PRO C 422 1.15 -5.78 -20.74
CA PRO C 422 -0.01 -6.53 -21.24
C PRO C 422 -0.19 -6.35 -22.75
N VAL C 423 -0.39 -7.45 -23.46
CA VAL C 423 -0.64 -7.46 -24.90
C VAL C 423 -1.71 -8.50 -25.17
N THR C 424 -2.78 -8.08 -25.84
CA THR C 424 -3.92 -8.95 -26.05
C THR C 424 -3.73 -9.84 -27.27
N ASN C 425 -4.47 -10.95 -27.30
CA ASN C 425 -4.58 -11.72 -28.53
C ASN C 425 -4.87 -10.82 -29.71
N THR C 426 -5.72 -9.81 -29.53
CA THR C 426 -6.14 -8.98 -30.66
C THR C 426 -4.94 -8.35 -31.33
N GLU C 427 -3.97 -7.87 -30.53
CA GLU C 427 -2.81 -7.15 -31.06
C GLU C 427 -1.93 -8.01 -31.95
N MET C 428 -2.09 -9.34 -31.96
CA MET C 428 -1.27 -10.17 -32.83
C MET C 428 -2.10 -10.72 -33.99
N PHE C 429 -3.38 -10.42 -34.02
CA PHE C 429 -4.24 -10.90 -35.09
C PHE C 429 -4.23 -9.87 -36.21
N VAL C 430 -3.05 -9.72 -36.79
CA VAL C 430 -2.76 -8.73 -37.80
C VAL C 430 -1.74 -9.38 -38.70
N THR C 431 -1.72 -8.99 -39.98
CA THR C 431 -0.72 -9.52 -40.89
C THR C 431 0.64 -8.95 -40.52
N ALA C 432 1.63 -9.82 -40.39
CA ALA C 432 2.90 -9.37 -39.84
C ALA C 432 3.61 -8.34 -40.69
N PRO C 433 3.59 -8.41 -42.03
CA PRO C 433 4.38 -7.43 -42.80
C PRO C 433 3.98 -5.98 -42.56
N ASP C 434 2.68 -5.66 -42.49
CA ASP C 434 2.28 -4.26 -42.33
C ASP C 434 2.24 -3.82 -40.89
N ASN C 435 2.07 -4.74 -39.97
CA ASN C 435 1.85 -4.35 -38.60
C ASN C 435 2.95 -4.80 -37.66
N LEU C 436 3.66 -5.88 -37.96
CA LEU C 436 4.58 -6.45 -36.98
C LEU C 436 6.06 -6.36 -37.38
N GLY C 437 6.37 -5.79 -38.55
CA GLY C 437 7.74 -5.52 -38.96
C GLY C 437 8.53 -6.72 -39.42
N TYR C 438 7.88 -7.86 -39.68
CA TYR C 438 8.55 -9.06 -40.17
C TYR C 438 7.67 -9.73 -41.21
N THR C 439 8.31 -10.53 -42.06
CA THR C 439 7.64 -11.24 -43.12
C THR C 439 8.40 -12.53 -43.38
N TYR C 440 7.76 -13.46 -44.08
CA TYR C 440 8.33 -14.76 -44.36
C TYR C 440 8.61 -14.84 -45.85
N GLU C 441 9.86 -15.11 -46.21
CA GLU C 441 10.11 -15.58 -47.57
C GLU C 441 9.66 -17.03 -47.61
N ILE C 442 8.63 -17.32 -48.41
CA ILE C 442 8.07 -18.66 -48.43
C ILE C 442 7.11 -18.80 -49.60
N GLN C 443 7.12 -19.96 -50.24
CA GLN C 443 6.14 -20.33 -51.26
C GLN C 443 5.26 -21.45 -50.71
N TRP C 444 3.98 -21.44 -51.11
CA TRP C 444 3.03 -22.42 -50.60
C TRP C 444 2.56 -23.34 -51.71
N PRO C 445 2.20 -24.58 -51.39
CA PRO C 445 1.71 -25.51 -52.43
C PRO C 445 0.54 -25.02 -53.26
N SER C 446 -0.01 -25.90 -54.08
CA SER C 446 -1.13 -25.54 -54.94
C SER C 446 -2.36 -26.44 -54.76
N GLN D 1 20.82 27.31 17.67
CA GLN D 1 20.60 28.71 17.98
C GLN D 1 20.84 29.60 16.77
N PHE D 2 21.14 30.89 16.97
CA PHE D 2 20.67 31.84 15.95
C PHE D 2 21.78 32.45 15.09
N PRO D 3 21.46 32.85 13.86
CA PRO D 3 22.41 33.59 13.02
C PRO D 3 22.97 34.78 13.76
N ARG D 4 24.27 35.02 13.59
CA ARG D 4 24.85 36.17 14.25
C ARG D 4 24.15 37.48 13.85
N GLN D 5 23.49 37.52 12.69
CA GLN D 5 22.78 38.75 12.28
C GLN D 5 21.54 39.00 13.13
N CYS D 6 20.92 37.94 13.64
CA CYS D 6 19.74 38.06 14.50
C CYS D 6 20.08 38.11 15.98
N ALA D 7 21.35 37.98 16.34
CA ALA D 7 21.75 38.08 17.74
C ALA D 7 21.88 39.54 18.14
N THR D 8 21.08 40.40 17.54
CA THR D 8 21.13 41.84 17.77
C THR D 8 20.23 42.23 18.95
N VAL D 9 20.41 43.45 19.41
CA VAL D 9 19.34 44.05 20.18
C VAL D 9 18.17 44.41 19.28
N GLU D 10 18.44 44.86 18.04
CA GLU D 10 17.35 45.24 17.14
C GLU D 10 16.44 44.05 16.84
N ALA D 11 17.02 42.88 16.55
CA ALA D 11 16.20 41.72 16.20
C ALA D 11 15.57 41.09 17.42
N LEU D 12 16.30 41.02 18.53
CA LEU D 12 15.74 40.36 19.70
C LEU D 12 14.57 41.17 20.27
N ARG D 13 14.71 42.49 20.32
CA ARG D 13 13.62 43.33 20.83
C ARG D 13 12.46 43.48 19.86
N SER D 14 12.66 43.26 18.56
CA SER D 14 11.58 43.25 17.57
C SER D 14 11.08 41.84 17.27
N GLY D 15 11.63 40.81 17.91
CA GLY D 15 11.19 39.44 17.72
C GLY D 15 11.17 38.95 16.28
N MET D 16 11.97 39.55 15.42
CA MET D 16 12.08 39.14 14.01
C MET D 16 13.51 38.78 13.65
N CYS D 17 13.70 37.55 13.15
CA CYS D 17 15.00 37.06 12.66
C CYS D 17 14.89 36.78 11.16
N CYS D 18 15.15 37.82 10.35
CA CYS D 18 14.94 37.75 8.91
C CYS D 18 16.09 38.45 8.20
N PRO D 19 17.29 37.90 8.29
CA PRO D 19 18.47 38.61 7.77
C PRO D 19 18.45 38.68 6.25
N ASP D 20 19.18 39.65 5.72
CA ASP D 20 19.21 39.77 4.27
C ASP D 20 20.16 38.76 3.68
N LEU D 21 19.92 38.42 2.42
CA LEU D 21 20.74 37.45 1.73
C LEU D 21 21.99 38.13 1.18
N SER D 22 21.77 39.16 0.35
CA SER D 22 22.77 40.13 -0.10
C SER D 22 22.19 41.50 0.07
N PRO D 23 22.35 42.04 1.33
CA PRO D 23 21.99 43.44 1.50
C PRO D 23 22.53 44.51 0.49
N VAL D 24 22.98 44.07 -0.64
CA VAL D 24 23.70 44.88 -1.58
C VAL D 24 22.81 46.06 -2.03
N SER D 25 22.01 46.60 -1.10
CA SER D 25 21.24 47.84 -1.22
C SER D 25 20.82 48.32 0.16
N GLY D 26 21.32 47.67 1.20
CA GLY D 26 21.11 48.13 2.54
C GLY D 26 20.59 47.01 3.41
N PRO D 27 20.60 47.18 4.73
CA PRO D 27 19.79 46.29 5.56
C PRO D 27 18.34 46.42 5.13
N GLY D 28 17.60 45.32 5.23
CA GLY D 28 16.19 45.30 4.86
C GLY D 28 15.87 45.27 3.38
N THR D 29 16.85 45.48 2.48
CA THR D 29 16.54 45.41 1.05
C THR D 29 16.13 44.00 0.60
N ASP D 30 16.77 42.94 1.15
CA ASP D 30 16.75 41.60 0.53
C ASP D 30 16.60 40.51 1.59
N ARG D 31 15.55 40.59 2.41
CA ARG D 31 15.37 39.61 3.48
C ARG D 31 14.87 38.30 2.93
N CYS D 32 15.50 37.22 3.35
CA CYS D 32 15.11 35.90 2.91
C CYS D 32 15.28 35.79 1.41
N GLY D 33 16.09 36.66 0.83
CA GLY D 33 16.29 36.66 -0.61
C GLY D 33 15.08 37.14 -1.37
N SER D 34 14.21 37.91 -0.70
CA SER D 34 12.93 38.27 -1.29
C SER D 34 13.07 39.15 -2.51
N SER D 35 14.24 39.79 -2.68
CA SER D 35 14.54 40.56 -3.90
C SER D 35 14.65 39.64 -5.11
N SER D 36 15.38 38.53 -4.98
CA SER D 36 15.23 37.37 -5.83
C SER D 36 13.95 36.64 -5.43
N GLY D 37 13.66 35.50 -6.03
CA GLY D 37 12.41 34.90 -5.59
C GLY D 37 12.53 33.99 -4.38
N ARG D 38 13.55 34.19 -3.54
CA ARG D 38 14.07 33.09 -2.74
C ARG D 38 13.21 32.80 -1.51
N GLY D 39 12.67 33.82 -0.86
CA GLY D 39 11.91 33.58 0.36
C GLY D 39 11.25 34.85 0.82
N ARG D 40 10.57 34.77 1.95
CA ARG D 40 9.84 35.92 2.47
C ARG D 40 9.98 35.97 3.98
N CYS D 41 10.05 37.16 4.53
CA CYS D 41 9.96 37.28 5.98
C CYS D 41 8.50 37.14 6.39
N GLU D 42 8.23 36.23 7.32
CA GLU D 42 6.87 35.99 7.78
C GLU D 42 6.90 35.42 9.18
N ALA D 43 5.72 35.35 9.78
CA ALA D 43 5.59 34.83 11.14
C ALA D 43 5.99 33.37 11.25
N VAL D 44 6.57 33.02 12.38
CA VAL D 44 6.83 31.63 12.69
C VAL D 44 5.53 30.86 12.75
N THR D 45 5.53 29.68 12.17
CA THR D 45 4.54 28.67 12.48
C THR D 45 5.15 27.74 13.53
N ALA D 46 4.60 27.80 14.75
CA ALA D 46 5.03 26.96 15.87
C ALA D 46 3.88 26.06 16.31
N ASP D 47 4.22 24.96 16.98
CA ASP D 47 3.21 24.06 17.50
C ASP D 47 2.55 24.72 18.70
N SER D 48 1.26 25.00 18.57
CA SER D 48 0.49 25.61 19.64
C SER D 48 -0.10 24.59 20.60
N ARG D 49 -0.06 23.31 20.26
CA ARG D 49 -0.96 22.34 20.85
C ARG D 49 -0.31 21.79 22.13
N PRO D 50 -1.05 21.04 22.98
CA PRO D 50 -0.52 20.69 24.31
C PRO D 50 0.36 19.43 24.46
N HIS D 51 1.39 19.53 25.28
CA HIS D 51 2.23 18.35 25.47
C HIS D 51 1.68 17.32 26.46
N SER D 52 2.58 16.46 26.96
CA SER D 52 2.27 15.58 28.09
C SER D 52 2.31 16.38 29.40
N PRO D 53 1.59 15.94 30.44
CA PRO D 53 1.56 16.74 31.68
C PRO D 53 2.84 16.66 32.49
N GLN D 54 3.85 15.89 32.05
CA GLN D 54 5.08 15.73 32.81
C GLN D 54 5.87 17.03 32.92
N TYR D 55 5.73 17.90 31.93
CA TYR D 55 6.36 19.20 32.04
C TYR D 55 5.31 20.22 32.46
N PRO D 56 5.36 20.72 33.68
CA PRO D 56 4.34 21.69 34.09
C PRO D 56 4.71 23.14 33.81
N HIS D 57 5.97 23.50 34.05
CA HIS D 57 6.39 24.89 34.17
C HIS D 57 6.22 25.75 32.93
N ASP D 58 5.02 25.79 32.34
CA ASP D 58 4.87 26.62 31.16
C ASP D 58 5.00 28.10 31.49
N GLY D 59 5.51 28.87 30.54
CA GLY D 59 5.89 30.26 30.73
C GLY D 59 7.24 30.47 31.39
N ARG D 60 7.96 29.41 31.76
CA ARG D 60 9.17 29.49 32.57
C ARG D 60 10.45 29.09 31.84
N ASP D 61 10.36 28.39 30.72
CA ASP D 61 11.52 27.90 29.98
C ASP D 61 11.53 28.49 28.58
N ASP D 62 12.71 28.92 28.14
CA ASP D 62 12.85 29.60 26.86
C ASP D 62 12.77 28.64 25.68
N ARG D 63 12.68 27.33 25.93
CA ARG D 63 12.55 26.33 24.87
C ARG D 63 11.10 25.99 24.54
N GLU D 64 10.12 26.52 25.28
CA GLU D 64 8.72 26.23 25.02
C GLU D 64 8.28 26.91 23.73
N VAL D 65 7.36 26.24 23.03
CA VAL D 65 6.87 26.61 21.71
C VAL D 65 7.99 27.29 20.91
N TRP D 66 9.12 26.58 20.77
CA TRP D 66 10.29 27.09 20.10
C TRP D 66 9.91 27.60 18.70
N PRO D 67 10.37 28.80 18.33
CA PRO D 67 11.30 29.78 18.91
C PRO D 67 10.64 31.09 19.35
N LEU D 68 9.33 31.02 19.64
CA LEU D 68 8.53 32.23 19.76
C LEU D 68 8.94 33.08 20.96
N ARG D 69 9.64 32.51 21.92
CA ARG D 69 10.19 33.30 23.01
C ARG D 69 11.32 34.20 22.55
N PHE D 70 11.97 33.92 21.41
CA PHE D 70 12.99 34.83 20.89
C PHE D 70 12.56 35.55 19.64
N PHE D 71 12.11 34.82 18.63
CA PHE D 71 11.65 35.42 17.39
C PHE D 71 10.27 34.89 17.07
N ASN D 72 9.41 35.78 16.57
CA ASN D 72 8.13 35.36 16.02
C ASN D 72 8.04 35.64 14.53
N ARG D 73 9.18 35.84 13.87
CA ARG D 73 9.24 35.75 12.41
C ARG D 73 10.59 35.22 11.94
N THR D 74 10.54 34.28 11.01
CA THR D 74 11.71 33.83 10.28
C THR D 74 11.53 34.06 8.80
N CYS D 75 12.53 33.61 8.07
CA CYS D 75 12.44 33.42 6.64
C CYS D 75 11.75 32.11 6.35
N HIS D 76 10.73 32.17 5.52
CA HIS D 76 10.16 30.99 4.87
C HIS D 76 10.62 31.06 3.43
N CYS D 77 11.13 29.93 2.94
CA CYS D 77 11.79 29.92 1.65
C CYS D 77 10.89 29.26 0.61
N ASN D 78 11.01 29.73 -0.62
CA ASN D 78 10.22 29.15 -1.69
C ASN D 78 10.92 27.92 -2.27
N GLY D 79 10.12 27.08 -2.95
CA GLY D 79 10.60 25.92 -3.66
C GLY D 79 11.64 25.19 -2.84
N ASN D 80 12.83 25.00 -3.41
CA ASN D 80 13.88 24.24 -2.76
C ASN D 80 15.01 25.12 -2.27
N PHE D 81 14.73 26.39 -2.03
CA PHE D 81 15.62 27.26 -1.30
C PHE D 81 15.50 26.97 0.19
N SER D 82 16.51 27.38 0.95
CA SER D 82 16.55 26.98 2.34
C SER D 82 17.59 27.82 3.06
N GLY D 83 17.59 27.71 4.40
CA GLY D 83 18.57 28.40 5.21
C GLY D 83 18.04 29.68 5.82
N HIS D 84 18.72 30.11 6.88
CA HIS D 84 18.30 31.24 7.69
C HIS D 84 17.95 32.49 6.87
N ASN D 85 18.54 32.65 5.69
CA ASN D 85 18.11 33.76 4.84
C ASN D 85 17.71 33.28 3.45
N CYS D 86 17.38 31.99 3.31
CA CYS D 86 17.04 31.37 2.04
C CYS D 86 18.21 31.39 1.05
N GLY D 87 19.43 31.49 1.58
CA GLY D 87 20.60 31.56 0.71
C GLY D 87 21.07 30.24 0.15
N THR D 88 20.67 29.15 0.76
CA THR D 88 21.16 27.85 0.33
C THR D 88 20.00 27.05 -0.22
N CYS D 89 20.22 25.75 -0.42
CA CYS D 89 19.18 24.86 -0.90
C CYS D 89 18.77 23.86 0.17
N ARG D 90 17.61 23.23 -0.07
CA ARG D 90 17.21 22.09 0.73
C ARG D 90 18.13 20.90 0.45
N PRO D 91 18.39 20.06 1.50
CA PRO D 91 19.20 18.85 1.31
C PRO D 91 18.93 18.08 0.03
N GLY D 92 19.99 17.75 -0.67
CA GLY D 92 19.90 17.05 -1.93
C GLY D 92 19.78 17.94 -3.14
N TRP D 93 19.80 19.26 -2.96
CA TRP D 93 19.60 20.20 -4.05
C TRP D 93 20.76 21.16 -4.13
N ARG D 94 21.28 21.36 -5.33
CA ARG D 94 22.41 22.25 -5.54
C ARG D 94 22.10 23.17 -6.71
N GLY D 95 22.85 24.28 -6.75
CA GLY D 95 22.82 25.23 -7.84
C GLY D 95 22.35 26.60 -7.38
N ALA D 96 22.73 27.65 -8.11
CA ALA D 96 22.21 28.98 -7.81
C ALA D 96 20.69 28.96 -7.70
N ALA D 97 20.04 28.19 -8.58
CA ALA D 97 18.60 28.03 -8.62
C ALA D 97 18.14 26.76 -7.92
N CYS D 98 19.03 26.09 -7.18
CA CYS D 98 18.73 24.85 -6.43
C CYS D 98 18.03 23.83 -7.31
N ASP D 99 18.58 23.64 -8.49
CA ASP D 99 17.96 22.82 -9.51
C ASP D 99 18.83 21.64 -9.93
N GLN D 100 20.02 21.51 -9.35
CA GLN D 100 20.85 20.32 -9.56
C GLN D 100 20.74 19.43 -8.34
N ARG D 101 20.51 18.14 -8.55
CA ARG D 101 20.28 17.25 -7.42
C ARG D 101 21.52 16.49 -7.02
N VAL D 102 21.65 16.29 -5.70
CA VAL D 102 22.81 15.70 -5.06
C VAL D 102 22.37 14.45 -4.36
N LEU D 103 23.18 13.41 -4.40
CA LEU D 103 22.96 12.25 -3.53
C LEU D 103 24.27 11.87 -2.89
N ILE D 104 24.33 11.99 -1.60
CA ILE D 104 25.54 11.64 -0.85
C ILE D 104 25.37 10.21 -0.35
N VAL D 105 26.48 9.49 -0.21
CA VAL D 105 26.44 8.14 0.35
C VAL D 105 27.26 8.12 1.62
N ARG D 106 26.63 7.78 2.72
CA ARG D 106 27.34 7.60 3.97
C ARG D 106 27.66 6.16 4.19
N ARG D 107 28.93 5.90 4.47
CA ARG D 107 29.55 4.61 4.33
C ARG D 107 30.03 4.14 5.69
N ASN D 108 30.08 2.83 5.86
CA ASN D 108 30.75 2.26 7.02
C ASN D 108 32.19 2.78 7.06
N LEU D 109 32.57 3.37 8.20
CA LEU D 109 33.85 4.08 8.28
C LEU D 109 35.02 3.15 8.01
N LEU D 110 35.00 1.99 8.62
CA LEU D 110 36.05 1.00 8.42
C LEU D 110 36.20 0.60 6.96
N ASP D 111 35.23 0.89 6.13
CA ASP D 111 35.35 0.60 4.72
C ASP D 111 35.98 1.73 3.95
N LEU D 112 36.26 2.83 4.61
CA LEU D 112 36.90 3.90 3.87
C LEU D 112 38.36 3.54 3.65
N SER D 113 38.93 4.13 2.61
CA SER D 113 40.35 4.01 2.35
C SER D 113 41.13 4.73 3.44
N LYS D 114 42.44 4.55 3.41
CA LYS D 114 43.30 5.17 4.39
C LYS D 114 43.27 6.69 4.27
N GLU D 115 43.25 7.20 3.02
CA GLU D 115 43.20 8.64 2.77
C GLU D 115 41.89 9.24 3.21
N GLU D 116 40.78 8.51 2.97
CA GLU D 116 39.49 8.97 3.43
C GLU D 116 39.43 9.03 4.94
N LYS D 117 39.73 7.90 5.61
CA LYS D 117 39.78 7.88 7.07
C LYS D 117 40.61 9.03 7.62
N ASN D 118 41.74 9.35 6.96
CA ASN D 118 42.59 10.45 7.41
C ASN D 118 41.93 11.79 7.16
N HIS D 119 41.36 11.96 5.97
CA HIS D 119 40.67 13.20 5.67
C HIS D 119 39.55 13.44 6.66
N PHE D 120 38.70 12.42 6.82
CA PHE D 120 37.63 12.43 7.81
C PHE D 120 38.12 12.92 9.17
N VAL D 121 39.18 12.29 9.69
CA VAL D 121 39.60 12.57 11.07
C VAL D 121 40.10 14.01 11.20
N ARG D 122 40.74 14.52 10.15
CA ARG D 122 41.24 15.88 10.21
C ARG D 122 40.17 16.92 9.91
N ALA D 123 39.22 16.59 9.02
CA ALA D 123 38.03 17.42 8.88
C ALA D 123 37.33 17.62 10.23
N LEU D 124 37.19 16.52 11.01
CA LEU D 124 36.53 16.60 12.31
C LEU D 124 37.30 17.51 13.26
N ASP D 125 38.61 17.28 13.35
CA ASP D 125 39.47 18.15 14.15
C ASP D 125 39.37 19.60 13.67
N MET D 126 39.27 19.79 12.35
CA MET D 126 39.09 21.15 11.83
C MET D 126 37.79 21.74 12.32
N ALA D 127 36.69 20.97 12.23
CA ALA D 127 35.40 21.48 12.67
C ALA D 127 35.40 21.81 14.15
N LYS D 128 36.23 21.10 14.95
CA LYS D 128 36.32 21.39 16.39
C LYS D 128 36.91 22.77 16.64
N ARG D 129 37.69 23.30 15.70
CA ARG D 129 38.38 24.57 15.91
C ARG D 129 37.99 25.65 14.91
N THR D 130 37.16 25.34 13.92
CA THR D 130 36.67 26.33 12.97
C THR D 130 35.45 27.03 13.56
N THR D 131 35.57 28.34 13.81
CA THR D 131 34.45 29.17 14.23
C THR D 131 33.26 28.96 13.33
N HIS D 132 32.10 28.72 13.93
CA HIS D 132 30.89 28.53 13.14
C HIS D 132 30.55 29.84 12.45
N PRO D 133 30.58 29.89 11.11
CA PRO D 133 30.44 31.18 10.43
C PRO D 133 29.09 31.85 10.66
N LEU D 134 28.02 31.04 10.78
CA LEU D 134 26.67 31.57 10.87
C LEU D 134 26.24 31.77 12.32
N PHE D 135 26.26 30.69 13.11
CA PHE D 135 25.60 30.66 14.40
C PHE D 135 26.45 31.21 15.52
N VAL D 136 25.76 31.84 16.44
CA VAL D 136 26.29 32.27 17.72
C VAL D 136 25.42 31.58 18.75
N ILE D 137 26.01 31.23 19.84
CA ILE D 137 25.23 30.61 20.91
C ILE D 137 24.99 31.65 22.00
N ALA D 138 23.89 31.48 22.71
CA ALA D 138 23.55 32.32 23.85
C ALA D 138 24.13 31.71 25.12
N THR D 139 24.80 32.53 25.90
CA THR D 139 25.36 32.05 27.15
C THR D 139 24.36 32.15 28.27
N ARG D 140 23.20 32.78 28.00
CA ARG D 140 22.31 33.41 28.97
C ARG D 140 20.86 33.13 28.57
N ARG D 141 19.97 33.09 29.55
CA ARG D 141 18.55 32.94 29.25
C ARG D 141 17.92 34.30 28.91
N SER D 142 16.73 34.25 28.32
CA SER D 142 16.12 35.42 27.67
C SER D 142 15.98 36.60 28.63
N GLU D 143 15.62 36.35 29.89
CA GLU D 143 15.53 37.45 30.85
C GLU D 143 16.85 38.19 31.00
N GLU D 144 17.98 37.55 30.68
CA GLU D 144 19.28 38.17 30.85
C GLU D 144 19.99 38.38 29.52
N ILE D 145 19.38 37.95 28.41
CA ILE D 145 20.09 37.84 27.14
C ILE D 145 20.73 39.16 26.72
N LEU D 146 20.23 40.30 27.21
CA LEU D 146 20.75 41.59 26.78
C LEU D 146 21.79 42.15 27.74
N GLY D 147 22.20 41.36 28.71
CA GLY D 147 23.16 41.78 29.69
C GLY D 147 22.55 42.68 30.77
N PRO D 148 23.47 43.14 31.62
CA PRO D 148 22.99 44.07 32.69
C PRO D 148 22.45 45.34 32.08
N ASP D 149 23.32 45.93 31.29
CA ASP D 149 23.13 46.93 30.25
C ASP D 149 21.75 46.96 29.57
N GLY D 150 21.26 45.81 29.10
CA GLY D 150 20.08 45.75 28.26
C GLY D 150 20.35 45.98 26.78
N ASN D 151 21.60 46.27 26.41
CA ASN D 151 21.97 46.70 25.07
C ASN D 151 23.22 45.93 24.63
N THR D 152 23.59 44.88 25.38
CA THR D 152 24.75 44.04 25.09
C THR D 152 24.31 42.57 25.10
N PRO D 153 23.98 42.02 23.93
CA PRO D 153 23.56 40.62 23.88
C PRO D 153 24.64 39.71 24.42
N GLN D 154 24.21 38.63 25.08
CA GLN D 154 25.16 37.74 25.70
C GLN D 154 25.26 36.45 24.90
N PHE D 155 25.92 36.60 23.74
CA PHE D 155 26.21 35.51 22.84
C PHE D 155 27.72 35.40 22.62
N GLU D 156 28.18 34.18 22.39
CA GLU D 156 29.55 33.90 22.06
C GLU D 156 29.62 33.26 20.69
N ASN D 157 30.73 33.52 19.99
CA ASN D 157 31.07 32.67 18.86
C ASN D 157 31.32 31.26 19.36
N ILE D 158 31.22 30.30 18.46
CA ILE D 158 31.41 28.88 18.80
C ILE D 158 31.92 28.15 17.57
N SER D 159 32.69 27.09 17.81
CA SER D 159 33.25 26.37 16.68
C SER D 159 32.18 25.48 16.08
N ILE D 160 32.40 25.08 14.83
CA ILE D 160 31.43 24.24 14.13
C ILE D 160 31.09 23.03 14.97
N TYR D 161 32.11 22.28 15.40
CA TYR D 161 31.83 21.04 16.14
C TYR D 161 31.20 21.33 17.50
N ASN D 162 31.60 22.43 18.14
CA ASN D 162 31.10 22.68 19.48
C ASN D 162 29.66 23.18 19.45
N TYR D 163 29.29 23.94 18.42
CA TYR D 163 27.89 24.26 18.18
C TYR D 163 27.05 22.99 18.20
N PHE D 164 27.59 21.91 17.62
CA PHE D 164 26.95 20.60 17.54
C PHE D 164 26.84 19.97 18.91
N VAL D 165 27.83 20.22 19.77
CA VAL D 165 27.74 19.73 21.15
C VAL D 165 26.73 20.56 21.93
N TRP D 166 26.62 21.86 21.61
CA TRP D 166 25.81 22.78 22.40
C TRP D 166 24.32 22.64 22.10
N THR D 167 23.93 22.49 20.83
CA THR D 167 22.53 22.23 20.55
C THR D 167 22.07 20.95 21.23
N HIS D 168 22.94 19.94 21.31
CA HIS D 168 22.57 18.71 22.00
C HIS D 168 22.47 18.92 23.49
N TYR D 169 23.24 19.86 24.03
CA TYR D 169 23.13 20.19 25.45
C TYR D 169 21.84 20.96 25.70
N TYR D 170 21.63 22.02 24.93
CA TYR D 170 20.50 22.89 25.15
C TYR D 170 19.18 22.13 25.07
N SER D 171 19.11 21.11 24.22
CA SER D 171 17.92 20.27 24.12
C SER D 171 17.69 19.41 25.34
N VAL D 172 18.71 19.19 26.17
CA VAL D 172 18.59 18.28 27.30
C VAL D 172 18.73 18.97 28.65
N LYS D 173 19.09 20.25 28.69
CA LYS D 173 19.37 20.89 29.97
C LYS D 173 18.11 20.97 30.84
N LYS D 174 18.34 20.98 32.15
CA LYS D 174 17.24 21.11 33.09
C LYS D 174 16.70 22.55 33.10
N THR D 175 15.39 22.67 33.31
CA THR D 175 14.73 23.97 33.32
C THR D 175 15.10 24.74 34.60
N PHE D 176 15.71 25.90 34.42
CA PHE D 176 16.06 26.75 35.54
C PHE D 176 14.79 27.32 36.16
N LEU D 177 14.72 27.30 37.48
CA LEU D 177 13.57 27.83 38.18
C LEU D 177 13.88 29.04 39.05
N GLY D 178 15.13 29.33 39.30
CA GLY D 178 15.55 30.51 40.05
C GLY D 178 16.77 30.19 40.87
N VAL D 179 17.44 31.26 41.33
CA VAL D 179 18.59 31.12 42.24
C VAL D 179 18.16 30.44 43.52
N GLY D 180 18.82 29.35 43.88
CA GLY D 180 18.40 28.57 45.02
C GLY D 180 17.20 27.68 44.78
N GLN D 181 16.74 27.57 43.53
CA GLN D 181 15.67 26.65 43.16
C GLN D 181 16.27 25.45 42.47
N GLU D 182 15.89 24.25 42.93
CA GLU D 182 16.35 23.02 42.29
C GLU D 182 15.74 22.94 40.89
N SER D 183 16.60 23.05 39.87
CA SER D 183 16.14 23.14 38.50
C SER D 183 15.49 21.83 38.04
N PHE D 184 14.45 21.96 37.20
CA PHE D 184 13.61 20.83 36.81
C PHE D 184 14.21 20.09 35.62
N GLY D 185 14.46 18.80 35.78
CA GLY D 185 15.08 18.04 34.70
C GLY D 185 14.37 16.80 34.21
N GLU D 186 13.05 16.79 34.30
CA GLU D 186 12.25 15.72 33.72
C GLU D 186 11.71 16.14 32.37
N VAL D 187 12.63 16.70 31.59
CA VAL D 187 12.34 17.25 30.26
C VAL D 187 13.55 16.99 29.38
N ASP D 188 13.28 16.67 28.11
CA ASP D 188 14.33 16.43 27.12
C ASP D 188 13.72 16.59 25.73
N PHE D 189 14.17 17.58 24.99
CA PHE D 189 13.58 17.85 23.69
C PHE D 189 14.10 16.96 22.56
N SER D 190 14.94 15.95 22.89
CA SER D 190 15.68 15.20 21.88
C SER D 190 15.85 13.74 22.22
N HIS D 191 15.43 13.29 23.40
CA HIS D 191 15.42 11.88 23.74
C HIS D 191 14.15 11.59 24.51
N GLU D 192 13.96 10.31 24.82
CA GLU D 192 12.85 9.83 25.66
C GLU D 192 11.51 10.26 25.08
N GLY D 193 11.30 9.91 23.82
CA GLY D 193 10.11 10.34 23.12
C GLY D 193 10.32 10.38 21.63
N PRO D 194 9.22 10.51 20.88
CA PRO D 194 9.26 10.29 19.42
C PRO D 194 10.24 11.18 18.65
N ALA D 195 10.55 12.39 19.14
CA ALA D 195 11.44 13.30 18.42
C ALA D 195 12.89 12.84 18.43
N PHE D 196 13.20 11.81 19.22
CA PHE D 196 14.56 11.27 19.34
C PHE D 196 15.26 11.14 17.98
N LEU D 197 14.64 10.37 17.07
CA LEU D 197 15.32 10.07 15.81
C LEU D 197 15.29 11.28 14.88
N THR D 198 14.15 11.96 14.82
CA THR D 198 14.09 13.16 13.98
C THR D 198 15.11 14.18 14.45
N TRP D 199 15.20 14.39 15.77
CA TRP D 199 16.11 15.39 16.32
C TRP D 199 17.54 15.09 15.92
N HIS D 200 18.00 13.87 16.15
CA HIS D 200 19.38 13.53 15.85
C HIS D 200 19.65 13.44 14.36
N ARG D 201 18.64 13.15 13.55
CA ARG D 201 18.82 13.17 12.11
C ARG D 201 19.20 14.55 11.64
N TYR D 202 18.44 15.57 12.05
CA TYR D 202 18.75 16.93 11.63
C TYR D 202 20.07 17.38 12.22
N HIS D 203 20.33 17.00 13.47
CA HIS D 203 21.63 17.20 14.12
C HIS D 203 22.76 16.77 13.21
N LEU D 204 22.69 15.54 12.73
CA LEU D 204 23.71 15.04 11.82
C LEU D 204 23.76 15.88 10.56
N LEU D 205 22.59 16.10 9.96
CA LEU D 205 22.49 16.77 8.68
C LEU D 205 23.04 18.18 8.73
N ARG D 206 22.92 18.86 9.87
CA ARG D 206 23.48 20.20 9.99
C ARG D 206 24.98 20.16 10.24
N LEU D 207 25.48 19.14 10.95
CA LEU D 207 26.91 18.95 11.03
C LEU D 207 27.49 18.71 9.64
N GLU D 208 26.85 17.82 8.88
CA GLU D 208 27.38 17.47 7.58
C GLU D 208 27.39 18.68 6.67
N LYS D 209 26.30 19.46 6.67
CA LYS D 209 26.25 20.68 5.87
C LYS D 209 27.33 21.66 6.31
N ASP D 210 27.51 21.83 7.62
CA ASP D 210 28.56 22.72 8.10
C ASP D 210 29.95 22.28 7.62
N MET D 211 30.22 20.97 7.61
CA MET D 211 31.57 20.54 7.24
C MET D 211 31.78 20.60 5.73
N GLN D 212 30.75 20.28 4.94
CA GLN D 212 30.81 20.52 3.51
C GLN D 212 31.21 21.94 3.24
N GLU D 213 30.53 22.89 3.91
CA GLU D 213 30.81 24.31 3.73
C GLU D 213 32.21 24.65 4.22
N MET D 214 32.65 24.03 5.31
CA MET D 214 33.99 24.28 5.82
C MET D 214 35.05 23.77 4.85
N LEU D 215 34.91 22.52 4.39
CA LEU D 215 35.81 21.91 3.43
C LEU D 215 35.67 22.50 2.03
N GLN D 216 34.68 23.37 1.81
CA GLN D 216 34.13 23.61 0.49
C GLN D 216 34.31 22.38 -0.38
N GLU D 217 33.72 21.26 0.05
CA GLU D 217 33.62 20.04 -0.74
C GLU D 217 32.20 19.54 -0.60
N PRO D 218 31.34 19.81 -1.59
CA PRO D 218 29.94 19.37 -1.52
C PRO D 218 29.74 17.97 -0.98
N SER D 219 30.55 17.03 -1.43
CA SER D 219 30.19 15.62 -1.28
C SER D 219 30.75 14.98 -0.02
N PHE D 220 31.46 15.71 0.83
CA PHE D 220 31.87 15.18 2.13
C PHE D 220 30.68 14.66 2.93
N SER D 221 30.82 13.47 3.48
CA SER D 221 29.72 12.84 4.17
C SER D 221 30.21 12.21 5.46
N LEU D 222 29.32 12.14 6.43
CA LEU D 222 29.61 11.49 7.70
C LEU D 222 29.61 9.98 7.51
N PRO D 223 30.71 9.27 7.83
CA PRO D 223 30.65 7.81 7.82
C PRO D 223 29.89 7.32 9.03
N TYR D 224 29.72 6.02 9.21
CA TYR D 224 29.01 5.54 10.38
C TYR D 224 29.80 4.40 11.00
N TRP D 225 29.53 4.19 12.27
CA TRP D 225 30.13 3.09 13.01
C TRP D 225 29.10 2.00 13.24
N ASN D 226 29.28 0.85 12.60
CA ASN D 226 28.42 -0.30 12.87
C ASN D 226 28.72 -0.82 14.28
N PHE D 227 27.92 -0.41 15.25
CA PHE D 227 28.14 -0.86 16.61
C PHE D 227 27.42 -2.16 16.94
N ALA D 228 26.55 -2.64 16.06
CA ALA D 228 25.79 -3.88 16.31
C ALA D 228 26.62 -5.10 15.93
N THR D 229 27.87 -5.15 16.41
CA THR D 229 28.76 -6.26 16.12
C THR D 229 28.86 -7.27 17.25
N GLY D 230 28.32 -6.96 18.44
CA GLY D 230 28.39 -7.84 19.60
C GLY D 230 29.73 -7.90 20.31
N LYS D 231 30.62 -6.96 20.04
CA LYS D 231 32.01 -7.08 20.43
C LYS D 231 32.24 -6.58 21.85
N ASN D 232 33.36 -7.05 22.42
CA ASN D 232 33.90 -6.54 23.66
C ASN D 232 34.67 -5.25 23.43
N VAL D 233 35.04 -4.97 22.17
CA VAL D 233 35.96 -3.89 21.81
C VAL D 233 35.22 -2.82 21.01
N CYS D 234 35.75 -1.60 21.08
CA CYS D 234 35.38 -0.53 20.16
C CYS D 234 36.26 -0.69 18.92
N ASP D 235 35.68 -1.29 17.87
CA ASP D 235 36.45 -1.59 16.66
C ASP D 235 36.92 -0.34 15.91
N ILE D 236 36.44 0.85 16.27
CA ILE D 236 36.87 2.10 15.67
C ILE D 236 37.76 2.89 16.62
N CYS D 237 38.19 2.29 17.73
CA CYS D 237 39.01 3.01 18.70
C CYS D 237 40.48 2.69 18.43
N THR D 238 40.97 3.24 17.32
CA THR D 238 42.31 3.01 16.84
C THR D 238 42.90 4.34 16.42
N ASP D 239 44.20 4.55 16.64
CA ASP D 239 44.79 5.88 16.49
C ASP D 239 44.72 6.41 15.06
N ASP D 240 44.27 5.61 14.11
CA ASP D 240 43.91 6.17 12.82
C ASP D 240 42.41 6.47 12.69
N LEU D 241 41.64 6.36 13.77
CA LEU D 241 40.17 6.54 13.72
C LEU D 241 39.66 6.75 15.13
N MET D 242 39.29 7.97 15.50
CA MET D 242 38.60 8.19 16.78
C MET D 242 39.51 7.98 17.99
N GLY D 243 40.58 7.20 17.83
CA GLY D 243 41.62 7.12 18.84
C GLY D 243 41.50 5.99 19.84
N SER D 244 42.64 5.38 20.17
CA SER D 244 42.71 4.24 21.08
C SER D 244 43.14 4.70 22.47
N ARG D 245 43.24 3.72 23.38
CA ARG D 245 43.50 4.02 24.78
C ARG D 245 44.90 4.60 24.96
N SER D 246 44.98 5.64 25.77
CA SER D 246 46.25 6.24 26.14
C SER D 246 46.99 5.31 27.09
N ASN D 247 48.26 5.05 26.81
CA ASN D 247 49.05 4.14 27.64
C ASN D 247 49.41 4.73 28.99
N PHE D 248 49.10 6.00 29.26
CA PHE D 248 49.45 6.61 30.53
C PHE D 248 48.27 6.71 31.48
N ASP D 249 47.06 6.83 30.94
CA ASP D 249 45.81 6.97 31.70
C ASP D 249 44.75 6.31 30.84
N SER D 250 44.21 5.19 31.30
CA SER D 250 43.42 4.32 30.44
C SER D 250 42.01 4.82 30.19
N THR D 251 41.61 5.92 30.83
CA THR D 251 40.36 6.59 30.49
C THR D 251 40.56 7.78 29.57
N LEU D 252 41.78 8.02 29.12
CA LEU D 252 42.09 9.04 28.11
C LEU D 252 42.30 8.40 26.75
N ILE D 253 42.31 9.24 25.76
CA ILE D 253 42.59 8.84 24.39
C ILE D 253 44.09 8.94 24.19
N SER D 254 44.62 8.06 23.34
CA SER D 254 46.04 8.03 23.03
C SER D 254 46.52 9.42 22.64
N PRO D 255 47.67 9.87 23.14
CA PRO D 255 48.23 11.14 22.69
C PRO D 255 48.68 11.13 21.22
N ASN D 256 48.60 10.00 20.52
CA ASN D 256 48.88 9.92 19.09
C ASN D 256 47.62 10.09 18.21
N SER D 257 46.54 10.65 18.76
CA SER D 257 45.32 10.97 18.01
C SER D 257 44.93 12.40 18.33
N VAL D 258 44.42 13.14 17.32
CA VAL D 258 44.06 14.54 17.56
C VAL D 258 43.00 14.65 18.65
N PHE D 259 42.13 13.65 18.75
CA PHE D 259 41.04 13.73 19.71
C PHE D 259 41.52 13.75 21.16
N SER D 260 42.79 13.44 21.40
CA SER D 260 43.33 13.52 22.75
C SER D 260 43.51 14.97 23.18
N GLN D 261 43.78 15.90 22.26
CA GLN D 261 44.01 17.28 22.66
C GLN D 261 42.73 18.09 22.74
N TRP D 262 41.63 17.57 22.20
CA TRP D 262 40.29 18.14 22.38
C TRP D 262 39.97 18.36 23.85
N ARG D 263 39.36 19.51 24.14
CA ARG D 263 38.79 19.80 25.44
C ARG D 263 37.28 19.96 25.29
N VAL D 264 36.54 19.41 26.25
CA VAL D 264 35.08 19.30 26.12
C VAL D 264 34.39 20.60 26.51
N VAL D 265 33.20 20.80 25.95
CA VAL D 265 32.32 21.90 26.36
C VAL D 265 31.12 21.35 27.13
N CYS D 266 30.53 22.25 27.94
CA CYS D 266 29.27 22.01 28.65
C CYS D 266 29.40 20.98 29.77
N ASP D 267 30.50 21.03 30.53
CA ASP D 267 30.74 20.12 31.64
C ASP D 267 30.34 20.70 33.00
N SER D 268 30.19 22.02 33.11
CA SER D 268 29.97 22.68 34.40
C SER D 268 28.49 22.95 34.66
N LEU D 269 27.72 21.86 34.77
CA LEU D 269 26.28 21.94 34.94
C LEU D 269 25.93 22.58 36.29
N GLU D 270 26.64 22.17 37.33
CA GLU D 270 26.45 22.74 38.65
C GLU D 270 26.52 24.26 38.64
N ASP D 271 27.06 24.84 37.58
CA ASP D 271 26.98 26.28 37.34
C ASP D 271 25.68 26.65 36.61
N TYR D 272 25.31 25.87 35.58
CA TYR D 272 24.15 26.20 34.75
C TYR D 272 22.86 26.07 35.54
N ASP D 273 22.72 24.95 36.24
CA ASP D 273 21.49 24.56 36.88
C ASP D 273 21.23 25.33 38.16
N THR D 274 22.26 25.95 38.71
CA THR D 274 22.17 26.71 39.94
C THR D 274 22.19 28.21 39.70
N LEU D 275 23.01 28.69 38.79
CA LEU D 275 23.02 30.12 38.48
C LEU D 275 22.05 30.49 37.38
N GLY D 276 21.41 29.50 36.75
CA GLY D 276 20.60 29.78 35.59
C GLY D 276 21.37 30.14 34.37
N THR D 277 22.64 29.76 34.33
CA THR D 277 23.50 30.10 33.22
C THR D 277 23.30 29.09 32.08
N LEU D 278 23.94 29.38 30.94
CA LEU D 278 24.01 28.42 29.86
C LEU D 278 25.47 28.09 29.57
N CYS D 279 25.68 26.88 29.07
CA CYS D 279 26.99 26.46 28.57
C CYS D 279 27.59 27.51 27.63
N ASN D 280 28.85 27.87 27.88
CA ASN D 280 29.62 28.77 27.02
C ASN D 280 30.79 28.02 26.36
N SER D 281 31.28 28.65 25.33
CA SER D 281 32.24 28.12 24.41
C SER D 281 33.61 27.84 25.06
N THR D 282 33.82 27.99 26.37
CA THR D 282 35.11 27.70 26.98
C THR D 282 35.23 26.20 27.25
N GLU D 283 36.31 25.60 26.77
CA GLU D 283 36.46 24.15 26.86
C GLU D 283 37.08 23.76 28.20
N ASP D 284 36.95 22.47 28.54
CA ASP D 284 37.15 21.97 29.90
C ASP D 284 38.40 21.09 29.87
N GLY D 285 38.26 19.81 30.23
CA GLY D 285 39.33 18.86 30.20
C GLY D 285 39.11 17.89 29.08
N PRO D 286 39.84 16.79 29.04
CA PRO D 286 39.82 15.94 27.86
C PRO D 286 38.58 15.07 27.81
N ILE D 287 38.31 14.57 26.60
CA ILE D 287 37.40 13.46 26.44
C ILE D 287 37.79 12.33 27.37
N ARG D 288 36.78 11.66 27.91
CA ARG D 288 36.95 10.39 28.58
C ARG D 288 36.21 9.32 27.81
N ARG D 289 36.87 8.20 27.66
CA ARG D 289 36.35 7.05 26.97
C ARG D 289 37.04 5.88 27.63
N ASN D 290 36.28 4.81 27.87
CA ASN D 290 36.80 3.63 28.55
C ASN D 290 35.97 2.43 28.12
N PRO D 291 36.05 2.06 26.83
CA PRO D 291 35.22 0.96 26.32
C PRO D 291 35.30 -0.27 27.23
N ALA D 292 34.13 -0.89 27.43
CA ALA D 292 33.91 -2.01 28.34
C ALA D 292 34.38 -1.73 29.76
N GLY D 293 34.72 -0.48 30.08
CA GLY D 293 35.34 -0.14 31.35
C GLY D 293 34.41 -0.05 32.56
N ASN D 294 33.11 0.13 32.36
CA ASN D 294 32.21 0.16 33.53
C ASN D 294 32.04 -1.27 34.00
N VAL D 295 33.01 -1.73 34.79
CA VAL D 295 32.95 -3.06 35.36
C VAL D 295 31.71 -3.21 36.21
N ALA D 296 31.18 -2.10 36.73
CA ALA D 296 30.06 -2.15 37.66
C ALA D 296 28.83 -2.82 37.04
N ARG D 297 28.65 -2.71 35.73
CA ARG D 297 27.50 -3.32 35.08
C ARG D 297 27.97 -4.18 33.92
N PRO D 298 27.86 -5.52 34.02
CA PRO D 298 28.30 -6.38 32.90
C PRO D 298 27.45 -6.25 31.64
N MET D 299 26.18 -5.83 31.74
CA MET D 299 25.38 -5.65 30.53
C MET D 299 25.94 -4.52 29.65
N VAL D 300 26.47 -3.45 30.24
CA VAL D 300 26.99 -2.33 29.45
C VAL D 300 28.40 -2.63 28.97
N GLN D 301 28.85 -3.88 29.07
CA GLN D 301 30.23 -4.18 28.74
C GLN D 301 30.38 -4.91 27.40
N ARG D 302 29.29 -5.07 26.64
CA ARG D 302 29.35 -5.59 25.28
C ARG D 302 28.35 -4.84 24.38
N LEU D 303 28.75 -4.64 23.12
CA LEU D 303 27.93 -3.90 22.16
C LEU D 303 26.68 -4.68 21.77
N PRO D 304 25.66 -3.99 21.27
CA PRO D 304 24.48 -4.69 20.75
C PRO D 304 24.86 -5.75 19.72
N GLU D 305 23.99 -6.78 19.61
CA GLU D 305 24.11 -7.95 18.74
C GLU D 305 23.56 -7.64 17.36
N PRO D 306 24.10 -8.27 16.32
CA PRO D 306 23.53 -8.08 14.97
C PRO D 306 22.04 -8.35 14.89
N GLN D 307 21.52 -9.36 15.59
CA GLN D 307 20.08 -9.63 15.53
C GLN D 307 19.26 -8.69 16.40
N ASP D 308 19.89 -7.87 17.24
CA ASP D 308 19.17 -6.78 17.85
C ASP D 308 18.61 -5.82 16.78
N VAL D 309 19.49 -5.30 15.91
CA VAL D 309 19.03 -4.35 14.89
C VAL D 309 18.01 -5.02 13.97
N ALA D 310 18.23 -6.30 13.64
CA ALA D 310 17.26 -7.01 12.80
C ALA D 310 15.89 -7.05 13.48
N GLN D 311 15.88 -7.36 14.78
CA GLN D 311 14.61 -7.47 15.50
C GLN D 311 13.95 -6.12 15.65
N CYS D 312 14.69 -5.11 16.12
CA CYS D 312 14.10 -3.80 16.26
C CYS D 312 13.53 -3.32 14.94
N LEU D 313 14.09 -3.78 13.83
CA LEU D 313 13.58 -3.36 12.53
C LEU D 313 12.32 -4.09 12.13
N GLU D 314 11.77 -4.93 13.00
CA GLU D 314 10.48 -5.51 12.73
C GLU D 314 9.41 -5.08 13.73
N VAL D 315 9.75 -4.21 14.67
CA VAL D 315 8.77 -3.54 15.52
C VAL D 315 8.06 -2.47 14.68
N GLY D 316 6.79 -2.71 14.36
CA GLY D 316 6.14 -1.99 13.27
C GLY D 316 5.49 -0.67 13.63
N LEU D 317 5.24 -0.42 14.92
CA LEU D 317 4.75 0.88 15.38
C LEU D 317 5.93 1.81 15.66
N PHE D 318 5.94 2.99 15.01
CA PHE D 318 7.05 3.92 15.24
C PHE D 318 7.13 4.29 16.72
N ASP D 319 6.00 4.60 17.36
CA ASP D 319 5.97 4.74 18.81
C ASP D 319 4.55 4.52 19.33
N THR D 320 4.45 4.38 20.64
CA THR D 320 3.26 3.97 21.36
C THR D 320 3.08 4.86 22.58
N PRO D 321 1.83 5.07 23.04
CA PRO D 321 1.66 5.85 24.28
C PRO D 321 2.42 5.20 25.45
N PRO D 322 2.92 6.00 26.42
CA PRO D 322 2.81 7.45 26.61
C PRO D 322 3.82 8.26 25.81
N PHE D 323 4.52 7.64 24.85
CA PHE D 323 5.53 8.30 24.03
C PHE D 323 6.74 8.76 24.87
N TYR D 324 7.27 7.84 25.67
CA TYR D 324 8.31 8.19 26.64
C TYR D 324 9.29 7.01 26.74
N SER D 325 10.24 7.10 27.69
CA SER D 325 11.22 6.04 27.87
C SER D 325 10.59 4.70 28.23
N ASN D 326 9.32 4.71 28.71
CA ASN D 326 8.63 3.48 29.09
C ASN D 326 7.54 3.08 28.10
N SER D 327 7.73 3.42 26.83
CA SER D 327 6.85 2.92 25.79
C SER D 327 7.23 1.51 25.37
N THR D 328 6.23 0.67 25.16
CA THR D 328 6.43 -0.72 24.81
C THR D 328 5.94 -0.96 23.40
N ASN D 329 6.53 -1.94 22.71
CA ASN D 329 6.19 -2.24 21.32
C ASN D 329 6.37 -0.99 20.45
N SER D 330 7.30 -0.15 20.85
CA SER D 330 7.59 1.13 20.21
C SER D 330 8.99 1.08 19.62
N PHE D 331 9.07 1.16 18.29
CA PHE D 331 10.39 1.05 17.66
C PHE D 331 11.30 2.22 18.04
N ARG D 332 10.75 3.45 18.10
CA ARG D 332 11.50 4.61 18.58
C ARG D 332 12.22 4.29 19.89
N ASN D 333 11.47 3.76 20.88
CA ASN D 333 12.03 3.46 22.19
C ASN D 333 12.88 2.19 22.18
N THR D 334 12.63 1.27 21.24
CA THR D 334 13.49 0.11 21.06
C THR D 334 14.89 0.53 20.63
N VAL D 335 15.01 1.08 19.42
CA VAL D 335 16.30 1.46 18.86
C VAL D 335 16.93 2.61 19.65
N GLU D 336 16.14 3.45 20.32
CA GLU D 336 16.75 4.35 21.29
C GLU D 336 17.43 3.55 22.40
N GLY D 337 16.87 2.40 22.76
CA GLY D 337 17.50 1.50 23.70
C GLY D 337 16.89 1.37 25.08
N TYR D 338 15.70 1.91 25.32
CA TYR D 338 15.03 1.67 26.58
C TYR D 338 14.11 0.45 26.53
N SER D 339 13.68 0.05 25.33
CA SER D 339 13.07 -1.26 25.14
C SER D 339 14.14 -2.27 24.74
N ASP D 340 13.79 -3.53 24.80
CA ASP D 340 14.74 -4.49 24.27
C ASP D 340 14.47 -4.68 22.78
N PRO D 341 15.45 -5.23 22.00
CA PRO D 341 15.29 -5.36 20.53
C PRO D 341 13.98 -6.01 20.06
N THR D 342 13.26 -6.67 20.96
CA THR D 342 11.95 -7.24 20.67
C THR D 342 10.88 -6.17 20.48
N GLY D 343 11.12 -4.95 20.99
CA GLY D 343 10.10 -3.95 21.18
C GLY D 343 9.53 -3.90 22.58
N LYS D 344 9.96 -4.82 23.45
CA LYS D 344 9.36 -5.06 24.77
C LYS D 344 10.11 -4.25 25.84
N TYR D 345 9.43 -3.28 26.43
CA TYR D 345 10.07 -2.42 27.41
C TYR D 345 10.40 -3.19 28.69
N ASP D 346 11.40 -2.68 29.42
CA ASP D 346 11.86 -3.18 30.71
C ASP D 346 12.82 -2.13 31.27
N PRO D 347 12.63 -1.68 32.50
CA PRO D 347 13.49 -0.61 33.04
C PRO D 347 14.92 -1.05 33.31
N ALA D 348 15.17 -2.36 33.36
CA ALA D 348 16.50 -2.88 33.65
C ALA D 348 17.38 -2.99 32.42
N VAL D 349 16.81 -3.28 31.27
CA VAL D 349 17.57 -3.61 30.06
C VAL D 349 17.78 -2.34 29.24
N ARG D 350 19.03 -2.10 28.83
CA ARG D 350 19.39 -1.16 27.79
C ARG D 350 19.85 -1.93 26.55
N SER D 351 19.56 -1.39 25.39
CA SER D 351 20.01 -2.03 24.17
C SER D 351 20.43 -0.96 23.17
N LEU D 352 20.98 -1.42 22.06
CA LEU D 352 21.21 -0.59 20.89
C LEU D 352 21.80 0.77 21.23
N HIS D 353 21.10 1.84 20.86
CA HIS D 353 21.71 3.17 20.86
C HIS D 353 22.12 3.60 22.26
N ASN D 354 21.24 3.41 23.25
CA ASN D 354 21.61 3.75 24.62
C ASN D 354 22.81 2.93 25.07
N LEU D 355 22.82 1.65 24.71
CA LEU D 355 23.84 0.73 25.18
C LEU D 355 25.20 1.05 24.58
N ALA D 356 25.23 1.36 23.27
CA ALA D 356 26.46 1.80 22.60
C ALA D 356 27.03 3.03 23.28
N HIS D 357 26.15 3.94 23.66
CA HIS D 357 26.51 5.11 24.38
C HIS D 357 27.14 4.73 25.79
N LEU D 358 26.55 3.80 26.56
CA LEU D 358 27.03 3.40 27.88
C LEU D 358 28.28 2.54 27.80
N PHE D 359 28.43 1.77 26.73
CA PHE D 359 29.61 0.93 26.53
C PHE D 359 30.91 1.73 26.71
N LEU D 360 30.94 2.96 26.18
CA LEU D 360 32.16 3.79 26.21
C LEU D 360 32.58 4.23 27.61
N ASN D 361 31.75 4.02 28.63
CA ASN D 361 31.99 4.39 30.02
C ASN D 361 32.85 5.65 30.13
N GLY D 362 32.40 6.74 29.53
CA GLY D 362 33.09 8.01 29.63
C GLY D 362 32.28 9.21 29.16
N THR D 363 32.97 10.21 28.60
CA THR D 363 32.29 11.40 28.09
C THR D 363 31.16 11.03 27.13
N GLY D 364 31.34 9.98 26.34
CA GLY D 364 30.36 9.53 25.37
C GLY D 364 29.20 8.73 25.93
N GLY D 365 29.13 8.55 27.25
CA GLY D 365 28.00 7.91 27.89
C GLY D 365 27.16 8.80 28.78
N GLN D 366 27.47 10.08 28.83
CA GLN D 366 26.73 10.98 29.68
C GLN D 366 26.06 12.02 28.82
N THR D 367 24.77 12.21 29.05
CA THR D 367 23.85 12.83 28.12
C THR D 367 24.08 14.29 27.71
N HIS D 368 24.38 15.15 28.63
CA HIS D 368 24.71 16.51 28.28
C HIS D 368 25.99 16.48 27.48
N LEU D 369 26.89 15.63 27.91
CA LEU D 369 28.20 15.46 27.33
C LEU D 369 28.49 14.82 25.99
N SER D 370 27.74 13.79 25.64
CA SER D 370 28.22 12.74 24.73
C SER D 370 28.64 13.21 23.34
N PRO D 371 28.11 14.29 22.75
CA PRO D 371 28.68 14.74 21.47
C PRO D 371 30.14 15.15 21.56
N ASN D 372 30.66 15.44 22.76
CA ASN D 372 32.05 15.89 22.90
C ASN D 372 33.01 14.82 22.38
N ASP D 373 32.73 13.57 22.70
CA ASP D 373 33.42 12.45 22.09
C ASP D 373 33.01 12.35 20.64
N PRO D 374 33.92 12.47 19.68
CA PRO D 374 33.51 12.45 18.27
C PRO D 374 32.95 11.12 17.81
N ILE D 375 33.18 10.03 18.55
CA ILE D 375 32.48 8.78 18.31
C ILE D 375 30.98 9.01 18.21
N PHE D 376 30.47 10.04 18.91
CA PHE D 376 29.05 10.38 18.89
C PHE D 376 28.52 10.46 17.47
N VAL D 377 29.28 11.13 16.60
CA VAL D 377 28.87 11.33 15.21
C VAL D 377 28.57 10.00 14.53
N LEU D 378 29.47 9.01 14.68
CA LEU D 378 29.33 7.77 13.92
C LEU D 378 28.38 6.80 14.62
N LEU D 379 28.32 6.88 15.95
CA LEU D 379 27.30 6.16 16.68
C LEU D 379 25.92 6.47 16.11
N HIS D 380 25.65 7.76 15.89
CA HIS D 380 24.34 8.24 15.51
C HIS D 380 24.06 8.17 14.02
N THR D 381 25.07 8.31 13.16
CA THR D 381 24.78 8.11 11.75
C THR D 381 24.32 6.68 11.55
N PHE D 382 24.85 5.75 12.34
CA PHE D 382 24.37 4.39 12.28
C PHE D 382 22.96 4.28 12.84
N THR D 383 22.68 4.97 13.94
CA THR D 383 21.31 5.04 14.43
C THR D 383 20.38 5.54 13.34
N ASP D 384 20.78 6.61 12.64
CA ASP D 384 19.96 7.17 11.58
C ASP D 384 19.80 6.21 10.41
N ALA D 385 20.77 5.33 10.17
CA ALA D 385 20.61 4.35 9.10
C ALA D 385 19.50 3.34 9.45
N VAL D 386 19.45 2.92 10.70
CA VAL D 386 18.34 2.05 11.11
C VAL D 386 17.03 2.81 11.05
N PHE D 387 17.06 4.10 11.39
CA PHE D 387 15.86 4.92 11.24
C PHE D 387 15.45 5.02 9.77
N ASP D 388 16.43 5.29 8.89
CA ASP D 388 16.13 5.37 7.46
C ASP D 388 15.62 4.04 6.93
N GLU D 389 16.20 2.93 7.42
CA GLU D 389 15.75 1.61 7.00
C GLU D 389 14.30 1.34 7.41
N TRP D 390 13.94 1.67 8.64
CA TRP D 390 12.57 1.50 9.11
C TRP D 390 11.63 2.39 8.31
N LEU D 391 12.00 3.67 8.16
CA LEU D 391 11.24 4.55 7.28
C LEU D 391 10.97 3.87 5.94
N ARG D 392 11.97 3.21 5.37
CA ARG D 392 11.75 2.70 4.02
C ARG D 392 10.97 1.40 4.02
N ARG D 393 11.08 0.58 5.06
CA ARG D 393 10.31 -0.67 5.08
C ARG D 393 8.87 -0.50 5.54
N TYR D 394 8.56 0.53 6.32
CA TYR D 394 7.20 0.80 6.72
C TYR D 394 6.62 2.04 6.04
N ASN D 395 7.16 2.41 4.87
CA ASN D 395 6.66 3.53 4.07
C ASN D 395 6.51 4.80 4.91
N ALA D 396 7.45 5.01 5.82
CA ALA D 396 7.49 6.23 6.64
C ALA D 396 6.09 6.57 7.19
N ASP D 397 5.43 5.53 7.75
CA ASP D 397 4.13 5.68 8.40
C ASP D 397 4.26 6.57 9.63
N ILE D 398 3.84 7.84 9.50
CA ILE D 398 4.00 8.82 10.58
C ILE D 398 2.82 8.80 11.55
N SER D 399 1.86 7.88 11.36
CA SER D 399 0.61 7.93 12.13
C SER D 399 0.86 7.76 13.63
N THR D 400 1.84 6.97 14.02
CA THR D 400 2.09 6.79 15.44
C THR D 400 3.00 7.85 16.03
N PHE D 401 3.61 8.69 15.21
CA PHE D 401 4.22 9.90 15.74
C PHE D 401 3.08 10.81 16.17
N PRO D 402 2.84 10.98 17.47
CA PRO D 402 1.62 11.68 17.89
C PRO D 402 1.63 13.15 17.50
N LEU D 403 0.49 13.66 17.04
CA LEU D 403 0.34 15.10 16.97
C LEU D 403 0.27 15.75 18.34
N GLU D 404 0.04 14.95 19.38
CA GLU D 404 -0.02 15.53 20.71
C GLU D 404 0.03 14.54 21.84
N ASN D 405 0.31 15.09 23.03
CA ASN D 405 0.34 14.45 24.34
C ASN D 405 1.72 13.84 24.58
N ALA D 406 2.65 14.17 23.68
CA ALA D 406 4.04 13.74 23.79
C ALA D 406 4.80 14.66 24.73
N PRO D 407 5.92 14.19 25.28
CA PRO D 407 6.79 15.08 26.06
C PRO D 407 7.05 16.36 25.29
N ILE D 408 7.18 17.48 26.02
CA ILE D 408 7.42 18.77 25.38
C ILE D 408 8.59 18.67 24.39
N GLY D 409 8.43 19.28 23.21
CA GLY D 409 9.37 19.15 22.12
C GLY D 409 9.15 17.95 21.20
N HIS D 410 8.40 16.96 21.65
CA HIS D 410 8.22 15.74 20.86
C HIS D 410 6.91 15.68 20.09
N ASN D 411 6.08 16.72 20.15
CA ASN D 411 4.90 16.76 19.30
C ASN D 411 5.30 16.87 17.84
N ARG D 412 4.48 16.27 16.97
CA ARG D 412 4.90 16.08 15.59
C ARG D 412 5.21 17.40 14.89
N GLN D 413 4.49 18.47 15.23
CA GLN D 413 4.68 19.76 14.58
C GLN D 413 5.55 20.71 15.40
N TYR D 414 6.12 20.21 16.48
CA TYR D 414 7.07 21.00 17.25
C TYR D 414 8.29 21.33 16.39
N ASN D 415 8.72 22.59 16.45
CA ASN D 415 10.03 22.93 15.92
C ASN D 415 11.12 22.34 16.84
N MET D 416 11.95 21.44 16.29
CA MET D 416 13.00 20.78 17.07
C MET D 416 13.99 21.77 17.69
N VAL D 417 14.38 21.50 18.92
CA VAL D 417 15.05 22.51 19.74
C VAL D 417 16.53 22.19 19.93
N PRO D 418 17.44 23.18 19.74
CA PRO D 418 17.20 24.56 19.26
C PRO D 418 17.64 24.83 17.83
N PHE D 419 17.19 24.02 16.86
CA PHE D 419 17.64 24.18 15.48
C PHE D 419 17.08 25.45 14.86
N TRP D 420 17.92 26.14 14.08
CA TRP D 420 17.48 27.29 13.29
C TRP D 420 17.89 27.12 11.83
N PRO D 421 17.01 27.49 10.88
CA PRO D 421 15.64 28.00 11.10
C PRO D 421 14.76 26.94 11.75
N PRO D 422 13.59 27.32 12.28
CA PRO D 422 12.72 26.31 12.89
C PRO D 422 12.34 25.23 11.89
N VAL D 423 12.55 23.99 12.28
CA VAL D 423 12.26 22.84 11.45
C VAL D 423 11.49 21.84 12.29
N THR D 424 10.35 21.39 11.78
CA THR D 424 9.49 20.50 12.55
C THR D 424 10.01 19.06 12.51
N ASN D 425 9.65 18.30 13.55
CA ASN D 425 9.88 16.87 13.52
C ASN D 425 9.40 16.25 12.22
N THR D 426 8.27 16.74 11.70
CA THR D 426 7.68 16.12 10.51
C THR D 426 8.64 16.14 9.34
N GLU D 427 9.35 17.27 9.16
CA GLU D 427 10.18 17.40 7.96
C GLU D 427 11.32 16.37 7.91
N MET D 428 11.64 15.74 9.05
CA MET D 428 12.66 14.70 9.09
C MET D 428 12.10 13.32 8.88
N PHE D 429 10.81 13.12 9.11
CA PHE D 429 10.18 11.82 8.99
C PHE D 429 9.91 11.56 7.51
N VAL D 430 10.99 11.43 6.76
CA VAL D 430 11.02 11.15 5.33
C VAL D 430 12.22 10.26 5.06
N THR D 431 12.09 9.32 4.13
CA THR D 431 13.26 8.51 3.79
C THR D 431 14.29 9.42 3.16
N ALA D 432 15.54 9.19 3.54
CA ALA D 432 16.63 10.11 3.28
C ALA D 432 17.10 10.14 1.82
N PRO D 433 17.21 9.00 1.12
CA PRO D 433 17.78 9.06 -0.25
C PRO D 433 16.99 9.94 -1.22
N ASP D 434 15.68 10.15 -1.01
CA ASP D 434 14.84 10.92 -1.92
C ASP D 434 14.45 12.32 -1.42
N ASN D 435 14.56 12.60 -0.13
CA ASN D 435 14.14 13.90 0.39
C ASN D 435 15.27 14.66 1.01
N LEU D 436 16.33 13.99 1.42
CA LEU D 436 17.41 14.64 2.15
C LEU D 436 18.75 14.49 1.43
N GLY D 437 18.74 13.85 0.26
CA GLY D 437 19.92 13.78 -0.58
C GLY D 437 21.07 12.99 -0.02
N TYR D 438 20.81 12.10 0.95
CA TYR D 438 21.83 11.16 1.38
C TYR D 438 21.24 9.78 1.57
N THR D 439 22.13 8.79 1.48
CA THR D 439 21.78 7.37 1.52
C THR D 439 22.86 6.68 2.35
N TYR D 440 22.55 5.47 2.81
CA TYR D 440 23.49 4.66 3.58
C TYR D 440 23.93 3.46 2.76
N GLU D 441 25.25 3.24 2.75
CA GLU D 441 25.84 2.03 2.18
C GLU D 441 25.93 1.02 3.29
N ILE D 442 25.00 0.06 3.30
CA ILE D 442 24.80 -0.79 4.47
C ILE D 442 23.92 -1.98 4.09
N GLN D 443 24.24 -3.15 4.63
CA GLN D 443 23.45 -4.36 4.42
C GLN D 443 22.96 -4.85 5.78
N TRP D 444 21.66 -5.07 5.89
CA TRP D 444 21.05 -5.47 7.15
C TRP D 444 21.02 -6.98 7.28
N PRO D 445 21.08 -7.47 8.54
CA PRO D 445 20.91 -8.91 8.78
C PRO D 445 19.61 -9.48 8.24
N SER D 446 19.43 -10.80 8.35
CA SER D 446 18.24 -11.47 7.85
C SER D 446 17.66 -12.43 8.90
#